data_2KC8
#
_entry.id   2KC8
#
loop_
_entity.id
_entity.type
_entity.pdbx_description
1 polymer 'Toxin relE'
2 polymer 'Antitoxin RelB'
#
loop_
_entity_poly.entity_id
_entity_poly.type
_entity_poly.pdbx_seq_one_letter_code
_entity_poly.pdbx_strand_id
1 'polypeptide(L)'
;GSHMAYFLDFDERALKEWRKLGSTVREQLKKKLVEVLESPRIEANKLRGMPDCYKIKLRSSGYRLVYQVIDEKVVVFVIS
VGKAEASEVYSEAVKRIL
;
A
2 'polypeptide(L)' GSHKQTLLSDEDAELVEIVKERLRNPKPVRVTLDEL B
#
# COMPACT_ATOMS: atom_id res chain seq x y z
N MET A 4 -19.63 -0.10 -2.03
CA MET A 4 -18.32 0.51 -2.18
C MET A 4 -18.46 1.72 -3.07
N ALA A 5 -17.91 2.85 -2.67
CA ALA A 5 -17.97 4.04 -3.48
C ALA A 5 -16.89 3.95 -4.53
N TYR A 6 -15.71 3.62 -4.07
CA TYR A 6 -14.60 3.34 -4.94
C TYR A 6 -14.53 1.87 -5.17
N PHE A 7 -14.18 1.48 -6.37
CA PHE A 7 -14.05 0.07 -6.69
C PHE A 7 -12.70 -0.45 -6.18
N LEU A 8 -12.47 -1.73 -6.28
CA LEU A 8 -11.26 -2.29 -5.79
C LEU A 8 -10.43 -2.88 -6.92
N ASP A 9 -9.18 -2.50 -6.97
CA ASP A 9 -8.22 -3.04 -7.95
C ASP A 9 -6.95 -3.47 -7.26
N PHE A 10 -6.31 -4.48 -7.78
CA PHE A 10 -5.07 -4.98 -7.24
C PHE A 10 -4.07 -5.28 -8.32
N ASP A 11 -2.84 -4.90 -8.07
CA ASP A 11 -1.69 -5.27 -8.89
C ASP A 11 -1.53 -6.78 -8.88
N GLU A 12 -1.25 -7.38 -10.03
CA GLU A 12 -1.09 -8.83 -10.17
C GLU A 12 -0.09 -9.39 -9.20
N ARG A 13 0.97 -8.66 -8.94
CA ARG A 13 1.99 -9.13 -8.03
C ARG A 13 1.40 -9.12 -6.62
N ALA A 14 0.66 -8.05 -6.31
CA ALA A 14 -0.03 -7.87 -5.03
C ALA A 14 -1.05 -8.99 -4.73
N LEU A 15 -1.69 -9.56 -5.77
CA LEU A 15 -2.57 -10.71 -5.57
C LEU A 15 -1.80 -11.86 -4.95
N LYS A 16 -0.61 -12.06 -5.44
CA LYS A 16 0.20 -13.18 -5.03
C LYS A 16 0.81 -12.85 -3.66
N GLU A 17 0.97 -11.55 -3.41
CA GLU A 17 1.49 -11.04 -2.16
C GLU A 17 0.56 -11.34 -1.00
N TRP A 18 -0.74 -11.19 -1.20
CA TRP A 18 -1.62 -11.49 -0.10
C TRP A 18 -1.70 -12.99 0.14
N ARG A 19 -1.39 -13.77 -0.89
CA ARG A 19 -1.46 -15.23 -0.78
C ARG A 19 -0.26 -15.76 0.01
N LYS A 20 0.84 -15.03 -0.03
CA LYS A 20 2.08 -15.48 0.64
C LYS A 20 2.16 -15.02 2.09
N LEU A 21 1.17 -14.28 2.53
CA LEU A 21 1.14 -13.83 3.91
C LEU A 21 -0.02 -14.46 4.67
N GLY A 22 -0.02 -14.30 5.99
CA GLY A 22 -1.02 -14.88 6.86
C GLY A 22 -2.46 -14.53 6.51
N SER A 23 -3.33 -15.52 6.62
CA SER A 23 -4.74 -15.39 6.30
C SER A 23 -5.44 -14.28 7.12
N THR A 24 -5.12 -14.18 8.39
CA THR A 24 -5.75 -13.19 9.24
C THR A 24 -5.17 -11.80 8.94
N VAL A 25 -3.96 -11.79 8.44
CA VAL A 25 -3.27 -10.58 8.08
C VAL A 25 -3.98 -9.91 6.89
N ARG A 26 -4.36 -10.72 5.89
CA ARG A 26 -5.00 -10.19 4.70
C ARG A 26 -6.41 -9.66 5.05
N GLU A 27 -7.08 -10.29 6.03
CA GLU A 27 -8.44 -9.89 6.40
C GLU A 27 -8.44 -8.55 7.11
N GLN A 28 -7.39 -8.29 7.87
CA GLN A 28 -7.23 -7.00 8.52
C GLN A 28 -7.11 -5.91 7.46
N LEU A 29 -6.28 -6.18 6.46
CA LEU A 29 -6.06 -5.26 5.35
C LEU A 29 -7.38 -4.99 4.61
N LYS A 30 -8.15 -6.04 4.40
CA LYS A 30 -9.45 -5.97 3.73
C LYS A 30 -10.41 -5.02 4.45
N LYS A 31 -10.40 -5.02 5.76
CA LYS A 31 -11.29 -4.15 6.50
C LYS A 31 -10.82 -2.73 6.54
N LYS A 32 -9.53 -2.55 6.41
CA LYS A 32 -8.99 -1.23 6.29
C LYS A 32 -9.27 -0.70 4.88
N LEU A 33 -9.58 -1.62 3.99
CA LEU A 33 -9.89 -1.26 2.63
C LEU A 33 -11.33 -0.87 2.48
N VAL A 34 -12.22 -1.52 3.23
CA VAL A 34 -13.65 -1.17 3.12
C VAL A 34 -13.90 0.27 3.56
N GLU A 35 -13.13 0.74 4.54
CA GLU A 35 -13.27 2.12 4.97
C GLU A 35 -12.69 3.11 3.94
N VAL A 36 -11.60 2.74 3.25
CA VAL A 36 -11.04 3.66 2.24
C VAL A 36 -11.90 3.67 1.01
N LEU A 37 -12.59 2.59 0.78
CA LEU A 37 -13.46 2.49 -0.38
C LEU A 37 -14.66 3.43 -0.27
N GLU A 38 -14.82 3.99 0.90
CA GLU A 38 -15.82 4.98 1.17
C GLU A 38 -15.18 6.37 1.00
N SER A 39 -14.03 6.54 1.64
CA SER A 39 -13.28 7.78 1.64
C SER A 39 -11.78 7.42 1.72
N PRO A 40 -11.10 7.36 0.57
CA PRO A 40 -9.72 6.87 0.49
C PRO A 40 -8.64 7.92 0.67
N ARG A 41 -9.01 9.16 0.79
CA ARG A 41 -8.01 10.19 0.88
C ARG A 41 -7.69 10.42 2.33
N ILE A 42 -6.84 9.59 2.86
CA ILE A 42 -6.48 9.70 4.23
C ILE A 42 -5.13 10.34 4.30
N GLU A 43 -5.14 11.65 4.25
CA GLU A 43 -3.95 12.50 4.18
C GLU A 43 -2.95 12.23 5.31
N ALA A 44 -3.44 11.78 6.44
CA ALA A 44 -2.60 11.39 7.56
C ALA A 44 -1.67 10.22 7.14
N ASN A 45 -2.19 9.34 6.31
CA ASN A 45 -1.46 8.15 5.87
C ASN A 45 -0.80 8.36 4.54
N LYS A 46 -0.68 9.61 4.09
CA LYS A 46 -0.05 9.91 2.78
C LYS A 46 1.38 9.39 2.70
N LEU A 47 1.79 9.05 1.50
CA LEU A 47 3.13 8.59 1.25
C LEU A 47 4.04 9.82 1.09
N ARG A 48 5.32 9.61 1.14
CA ARG A 48 6.29 10.68 1.08
C ARG A 48 6.86 10.79 -0.32
N GLY A 49 6.19 11.49 -1.18
CA GLY A 49 6.66 11.66 -2.53
C GLY A 49 5.53 11.47 -3.53
N MET A 50 4.71 10.47 -3.28
CA MET A 50 3.57 10.20 -4.15
C MET A 50 2.32 10.64 -3.43
N PRO A 51 1.71 11.77 -3.83
CA PRO A 51 0.51 12.31 -3.16
C PRO A 51 -0.74 11.47 -3.43
N ASP A 52 -0.65 10.60 -4.42
CA ASP A 52 -1.79 9.76 -4.81
C ASP A 52 -1.76 8.45 -4.07
N CYS A 53 -0.70 8.21 -3.32
CA CYS A 53 -0.52 6.95 -2.66
C CYS A 53 -0.51 7.13 -1.15
N TYR A 54 -1.03 6.15 -0.46
CA TYR A 54 -1.13 6.17 0.98
C TYR A 54 -0.73 4.78 1.50
N LYS A 55 -0.35 4.68 2.77
CA LYS A 55 0.09 3.41 3.33
C LYS A 55 -0.76 3.12 4.53
N ILE A 56 -1.27 1.97 4.58
CA ILE A 56 -1.96 1.49 5.72
C ILE A 56 -1.07 0.43 6.32
N LYS A 57 -1.08 0.31 7.60
CA LYS A 57 -0.24 -0.64 8.26
C LYS A 57 -0.96 -1.24 9.43
N LEU A 58 -0.59 -2.43 9.76
CA LEU A 58 -1.16 -3.16 10.83
C LEU A 58 -0.29 -2.99 12.05
N ARG A 59 -0.87 -2.43 13.08
CA ARG A 59 -0.18 -2.03 14.31
C ARG A 59 0.57 -3.18 14.93
N SER A 60 -0.10 -4.29 15.08
CA SER A 60 0.47 -5.43 15.72
C SER A 60 1.09 -6.42 14.73
N SER A 61 0.44 -6.62 13.59
CA SER A 61 0.90 -7.61 12.63
C SER A 61 2.21 -7.19 11.91
N GLY A 62 2.39 -5.90 11.68
CA GLY A 62 3.62 -5.43 11.05
C GLY A 62 3.59 -5.44 9.54
N TYR A 63 2.49 -5.86 8.97
CA TYR A 63 2.34 -5.88 7.52
C TYR A 63 1.70 -4.58 7.07
N ARG A 64 1.80 -4.28 5.81
CA ARG A 64 1.29 -3.05 5.31
C ARG A 64 0.73 -3.23 3.90
N LEU A 65 0.11 -2.19 3.42
CA LEU A 65 -0.50 -2.16 2.12
C LEU A 65 -0.37 -0.74 1.59
N VAL A 66 -0.07 -0.60 0.34
CA VAL A 66 0.08 0.70 -0.30
C VAL A 66 -0.91 0.77 -1.42
N TYR A 67 -1.68 1.81 -1.47
CA TYR A 67 -2.67 1.95 -2.50
C TYR A 67 -2.58 3.33 -3.11
N GLN A 68 -3.13 3.46 -4.28
CA GLN A 68 -3.17 4.69 -4.99
C GLN A 68 -4.63 5.00 -5.25
N VAL A 69 -4.98 6.24 -5.12
CA VAL A 69 -6.36 6.65 -5.32
C VAL A 69 -6.52 7.21 -6.71
N ILE A 70 -7.20 6.47 -7.55
CA ILE A 70 -7.45 6.88 -8.90
C ILE A 70 -8.85 7.48 -8.98
N ASP A 71 -8.93 8.78 -9.15
CA ASP A 71 -10.22 9.46 -9.17
C ASP A 71 -10.96 9.28 -10.47
N GLU A 72 -10.21 9.28 -11.57
CA GLU A 72 -10.80 9.14 -12.91
C GLU A 72 -11.57 7.82 -13.08
N LYS A 73 -10.99 6.73 -12.59
CA LYS A 73 -11.61 5.40 -12.72
C LYS A 73 -12.35 5.02 -11.45
N VAL A 74 -12.26 5.91 -10.46
CA VAL A 74 -12.86 5.76 -9.12
C VAL A 74 -12.50 4.41 -8.52
N VAL A 75 -11.26 4.24 -8.19
CA VAL A 75 -10.83 2.96 -7.74
C VAL A 75 -9.59 3.06 -6.87
N VAL A 76 -9.56 2.25 -5.85
CA VAL A 76 -8.44 2.11 -4.98
C VAL A 76 -7.60 1.00 -5.54
N PHE A 77 -6.51 1.38 -6.09
CA PHE A 77 -5.64 0.46 -6.72
C PHE A 77 -4.48 0.13 -5.82
N VAL A 78 -4.55 -1.00 -5.20
CA VAL A 78 -3.53 -1.47 -4.32
C VAL A 78 -2.35 -1.95 -5.14
N ILE A 79 -1.21 -1.39 -4.89
CA ILE A 79 -0.02 -1.67 -5.65
C ILE A 79 0.91 -2.62 -4.90
N SER A 80 1.03 -2.48 -3.62
CA SER A 80 1.96 -3.32 -2.88
C SER A 80 1.32 -3.85 -1.61
N VAL A 81 1.64 -5.07 -1.26
CA VAL A 81 1.10 -5.73 -0.07
C VAL A 81 2.22 -6.58 0.54
N GLY A 82 2.44 -6.44 1.82
CA GLY A 82 3.40 -7.28 2.49
C GLY A 82 4.23 -6.49 3.45
N LYS A 83 5.42 -6.94 3.74
CA LYS A 83 6.28 -6.21 4.63
C LYS A 83 7.36 -5.48 3.88
N ALA A 84 7.45 -4.22 4.17
CA ALA A 84 8.45 -3.31 3.72
C ALA A 84 8.63 -2.43 4.89
N GLU A 85 9.74 -1.79 5.05
CA GLU A 85 9.96 -1.08 6.28
C GLU A 85 11.01 0.00 6.12
N ALA A 86 11.53 0.44 7.24
CA ALA A 86 12.56 1.42 7.27
C ALA A 86 13.79 0.86 7.95
N SER A 87 13.56 0.18 9.05
CA SER A 87 14.57 -0.35 9.92
C SER A 87 15.58 -1.26 9.21
N GLU A 88 15.16 -2.44 8.82
CA GLU A 88 16.08 -3.40 8.26
C GLU A 88 16.51 -3.06 6.83
N VAL A 89 15.91 -2.02 6.28
CA VAL A 89 16.31 -1.52 4.98
C VAL A 89 17.66 -0.84 5.14
N TYR A 90 17.87 -0.24 6.30
CA TYR A 90 19.12 0.39 6.60
C TYR A 90 20.11 -0.65 7.12
N SER A 91 19.62 -1.51 8.01
CA SER A 91 20.42 -2.54 8.64
C SER A 91 21.05 -3.50 7.62
N GLU A 92 20.22 -4.14 6.80
CA GLU A 92 20.72 -5.08 5.81
C GLU A 92 21.30 -4.30 4.65
N ALA A 93 20.59 -3.23 4.29
CA ALA A 93 20.95 -2.31 3.23
C ALA A 93 21.07 -2.96 1.85
N VAL A 94 22.22 -3.52 1.57
CA VAL A 94 22.52 -4.05 0.27
C VAL A 94 23.10 -5.45 0.39
N LYS A 95 23.16 -6.11 -0.71
CA LYS A 95 23.70 -7.45 -0.78
C LYS A 95 24.58 -7.60 -2.02
N ARG A 96 24.81 -6.48 -2.69
CA ARG A 96 25.59 -6.46 -3.90
C ARG A 96 26.92 -5.73 -3.67
N ILE A 97 26.88 -4.42 -3.60
CA ILE A 97 28.07 -3.63 -3.39
C ILE A 97 28.10 -3.03 -2.01
N LEU A 98 29.09 -3.39 -1.25
CA LEU A 98 29.26 -2.89 0.08
C LEU A 98 30.08 -1.64 0.02
N LYS B 4 6.56 19.56 14.86
CA LYS B 4 5.48 18.58 14.75
C LYS B 4 6.02 17.17 14.55
N GLN B 5 6.93 17.06 13.59
CA GLN B 5 7.45 15.78 13.08
C GLN B 5 6.43 15.15 12.15
N THR B 6 6.92 14.57 11.11
CA THR B 6 6.08 14.05 10.07
C THR B 6 5.49 12.69 10.43
N LEU B 7 4.29 12.43 9.95
CA LEU B 7 3.67 11.14 10.15
C LEU B 7 4.36 10.14 9.25
N LEU B 8 4.76 10.63 8.09
CA LEU B 8 5.55 9.86 7.16
C LEU B 8 6.99 9.80 7.66
N SER B 9 7.73 8.79 7.27
CA SER B 9 9.01 8.55 7.86
C SER B 9 9.99 7.98 6.80
N ASP B 10 11.01 7.26 7.27
CA ASP B 10 12.02 6.62 6.43
C ASP B 10 11.54 5.34 5.83
N GLU B 11 10.41 4.89 6.29
CA GLU B 11 9.74 3.74 5.67
C GLU B 11 9.30 4.12 4.26
N ASP B 12 8.73 5.31 4.16
CA ASP B 12 8.17 5.86 2.94
C ASP B 12 9.17 5.92 1.83
N ALA B 13 10.42 6.11 2.22
CA ALA B 13 11.52 6.14 1.27
C ALA B 13 11.65 4.82 0.52
N GLU B 14 11.20 3.75 1.14
CA GLU B 14 11.23 2.46 0.50
C GLU B 14 9.94 2.22 -0.27
N LEU B 15 8.84 2.63 0.31
CA LEU B 15 7.56 2.42 -0.32
C LEU B 15 7.42 3.16 -1.65
N VAL B 16 8.10 4.31 -1.78
CA VAL B 16 8.05 5.08 -3.01
C VAL B 16 8.74 4.34 -4.18
N GLU B 17 9.80 3.60 -3.88
CA GLU B 17 10.51 2.89 -4.92
C GLU B 17 9.79 1.60 -5.32
N ILE B 18 9.04 1.05 -4.40
CA ILE B 18 8.27 -0.16 -4.66
C ILE B 18 7.03 0.17 -5.51
N VAL B 19 6.32 1.23 -5.12
CA VAL B 19 5.11 1.62 -5.79
C VAL B 19 5.37 2.02 -7.25
N LYS B 20 6.41 2.83 -7.47
CA LYS B 20 6.73 3.31 -8.81
C LYS B 20 7.24 2.17 -9.69
N GLU B 21 7.82 1.16 -9.05
CA GLU B 21 8.31 -0.02 -9.74
C GLU B 21 7.18 -0.78 -10.38
N ARG B 22 6.20 -1.09 -9.58
CA ARG B 22 5.10 -1.87 -10.05
C ARG B 22 4.17 -1.04 -10.90
N LEU B 23 4.07 0.25 -10.58
CA LEU B 23 3.14 1.18 -11.22
C LEU B 23 3.27 1.23 -12.74
N ARG B 24 4.47 1.06 -13.23
CA ARG B 24 4.73 1.14 -14.66
C ARG B 24 4.17 -0.06 -15.42
N ASN B 25 3.88 -1.16 -14.73
CA ASN B 25 3.28 -2.33 -15.37
C ASN B 25 2.81 -3.34 -14.32
N PRO B 26 1.73 -3.05 -13.61
CA PRO B 26 1.23 -3.90 -12.54
C PRO B 26 0.19 -4.94 -12.96
N LYS B 27 -0.67 -4.55 -13.92
CA LYS B 27 -1.83 -5.33 -14.37
C LYS B 27 -2.90 -5.37 -13.27
N PRO B 28 -3.72 -4.32 -13.17
CA PRO B 28 -4.79 -4.25 -12.18
C PRO B 28 -5.96 -5.18 -12.50
N VAL B 29 -6.41 -5.89 -11.50
CA VAL B 29 -7.51 -6.80 -11.59
C VAL B 29 -8.66 -6.23 -10.74
N ARG B 30 -9.78 -5.98 -11.38
CA ARG B 30 -10.94 -5.40 -10.73
C ARG B 30 -11.66 -6.45 -9.88
N VAL B 31 -11.69 -6.20 -8.59
CA VAL B 31 -12.27 -7.10 -7.63
C VAL B 31 -13.09 -6.34 -6.58
N THR B 32 -13.57 -7.09 -5.62
CA THR B 32 -14.29 -6.62 -4.46
C THR B 32 -13.69 -7.31 -3.23
N LEU B 33 -14.07 -6.91 -2.03
CA LEU B 33 -13.48 -7.48 -0.81
C LEU B 33 -14.18 -8.76 -0.43
N ASP B 34 -15.40 -8.90 -0.85
CA ASP B 34 -16.23 -10.05 -0.53
C ASP B 34 -15.70 -11.28 -1.26
N GLU B 35 -15.14 -11.07 -2.43
CA GLU B 35 -14.65 -12.17 -3.22
C GLU B 35 -13.21 -12.54 -2.84
N LEU B 36 -12.55 -11.68 -2.07
CA LEU B 36 -11.18 -11.96 -1.64
C LEU B 36 -11.20 -13.02 -0.56
N MET A 4 -19.61 0.70 -0.26
CA MET A 4 -18.47 1.08 -1.11
C MET A 4 -18.83 2.24 -1.99
N ALA A 5 -17.84 3.02 -2.38
CA ALA A 5 -18.01 4.09 -3.34
C ALA A 5 -17.00 3.90 -4.46
N TYR A 6 -15.83 3.44 -4.08
CA TYR A 6 -14.77 3.13 -5.01
C TYR A 6 -14.76 1.63 -5.33
N PHE A 7 -14.11 1.28 -6.41
CA PHE A 7 -13.93 -0.11 -6.75
C PHE A 7 -12.57 -0.53 -6.26
N LEU A 8 -12.30 -1.80 -6.23
CA LEU A 8 -11.07 -2.27 -5.69
C LEU A 8 -10.26 -2.93 -6.77
N ASP A 9 -8.98 -2.67 -6.77
CA ASP A 9 -8.08 -3.26 -7.75
C ASP A 9 -6.79 -3.62 -7.11
N PHE A 10 -6.16 -4.62 -7.64
CA PHE A 10 -4.86 -5.06 -7.17
C PHE A 10 -3.94 -5.27 -8.32
N ASP A 11 -2.71 -4.90 -8.10
CA ASP A 11 -1.60 -5.16 -9.00
C ASP A 11 -1.33 -6.65 -9.09
N GLU A 12 -0.88 -7.10 -10.24
CA GLU A 12 -0.54 -8.51 -10.50
C GLU A 12 0.34 -9.15 -9.40
N ARG A 13 1.28 -8.39 -8.86
CA ARG A 13 2.18 -8.93 -7.86
C ARG A 13 1.45 -8.91 -6.53
N ALA A 14 0.75 -7.80 -6.27
CA ALA A 14 0.00 -7.58 -5.03
C ALA A 14 -1.04 -8.70 -4.78
N LEU A 15 -1.54 -9.29 -5.86
CA LEU A 15 -2.44 -10.44 -5.80
C LEU A 15 -1.79 -11.57 -5.02
N LYS A 16 -0.59 -11.87 -5.40
CA LYS A 16 0.14 -13.00 -4.86
C LYS A 16 0.58 -12.64 -3.46
N GLU A 17 0.78 -11.36 -3.24
CA GLU A 17 1.22 -10.81 -1.99
C GLU A 17 0.26 -11.04 -0.84
N TRP A 18 -1.05 -10.84 -1.03
CA TRP A 18 -1.95 -11.08 0.10
C TRP A 18 -2.04 -12.57 0.37
N ARG A 19 -1.83 -13.34 -0.67
CA ARG A 19 -1.93 -14.77 -0.60
C ARG A 19 -0.72 -15.42 0.07
N LYS A 20 0.41 -14.71 0.10
CA LYS A 20 1.64 -15.23 0.69
C LYS A 20 1.85 -14.72 2.12
N LEU A 21 1.01 -13.81 2.58
CA LEU A 21 1.21 -13.24 3.90
C LEU A 21 0.36 -13.87 5.01
N GLY A 22 -0.80 -14.39 4.68
CA GLY A 22 -1.58 -15.04 5.70
C GLY A 22 -3.06 -14.73 5.63
N SER A 23 -3.85 -15.71 5.98
CA SER A 23 -5.29 -15.63 5.94
C SER A 23 -5.86 -14.61 6.96
N THR A 24 -5.35 -14.60 8.18
CA THR A 24 -5.87 -13.68 9.17
C THR A 24 -5.33 -12.26 8.91
N VAL A 25 -4.15 -12.20 8.34
CA VAL A 25 -3.52 -10.95 8.00
C VAL A 25 -4.27 -10.27 6.86
N ARG A 26 -4.63 -11.06 5.84
CA ARG A 26 -5.33 -10.52 4.68
C ARG A 26 -6.70 -9.96 5.07
N GLU A 27 -7.34 -10.60 6.06
CA GLU A 27 -8.64 -10.15 6.56
C GLU A 27 -8.53 -8.77 7.18
N GLN A 28 -7.47 -8.55 7.96
CA GLN A 28 -7.23 -7.27 8.61
C GLN A 28 -7.09 -6.17 7.56
N LEU A 29 -6.45 -6.50 6.47
CA LEU A 29 -6.26 -5.59 5.36
C LEU A 29 -7.60 -5.27 4.70
N LYS A 30 -8.39 -6.31 4.51
CA LYS A 30 -9.72 -6.20 3.89
C LYS A 30 -10.67 -5.31 4.68
N LYS A 31 -10.48 -5.28 5.99
CA LYS A 31 -11.30 -4.46 6.86
C LYS A 31 -10.97 -2.99 6.64
N LYS A 32 -9.71 -2.70 6.49
CA LYS A 32 -9.28 -1.35 6.30
C LYS A 32 -9.56 -0.90 4.87
N LEU A 33 -9.69 -1.85 3.99
CA LEU A 33 -10.03 -1.57 2.63
C LEU A 33 -11.49 -1.13 2.51
N VAL A 34 -12.40 -1.78 3.27
CA VAL A 34 -13.83 -1.42 3.17
C VAL A 34 -14.06 0.03 3.64
N GLU A 35 -13.28 0.49 4.59
CA GLU A 35 -13.42 1.84 5.05
C GLU A 35 -12.86 2.87 4.05
N VAL A 36 -11.73 2.54 3.39
CA VAL A 36 -11.12 3.50 2.45
C VAL A 36 -11.85 3.50 1.14
N LEU A 37 -12.61 2.46 0.92
CA LEU A 37 -13.38 2.38 -0.31
C LEU A 37 -14.48 3.44 -0.38
N GLU A 38 -14.75 4.10 0.73
CA GLU A 38 -15.65 5.21 0.74
C GLU A 38 -14.94 6.52 1.09
N SER A 39 -13.71 6.42 1.58
CA SER A 39 -12.91 7.57 1.95
C SER A 39 -11.42 7.16 2.01
N PRO A 40 -10.72 7.17 0.87
CA PRO A 40 -9.33 6.76 0.79
C PRO A 40 -8.30 7.89 0.85
N ARG A 41 -8.74 9.12 0.94
CA ARG A 41 -7.80 10.22 0.94
C ARG A 41 -7.35 10.51 2.35
N ILE A 42 -6.44 9.70 2.83
CA ILE A 42 -5.97 9.83 4.18
C ILE A 42 -4.61 10.52 4.19
N GLU A 43 -4.66 11.81 4.35
CA GLU A 43 -3.52 12.72 4.35
C GLU A 43 -2.40 12.27 5.33
N ALA A 44 -2.78 11.71 6.45
CA ALA A 44 -1.81 11.24 7.44
C ALA A 44 -0.96 10.10 6.89
N ASN A 45 -1.52 9.37 5.94
CA ASN A 45 -0.86 8.21 5.37
C ASN A 45 -0.28 8.49 4.00
N LYS A 46 -0.28 9.76 3.58
CA LYS A 46 0.21 10.13 2.24
C LYS A 46 1.69 9.81 2.08
N LEU A 47 2.06 9.33 0.92
CA LEU A 47 3.40 8.95 0.62
C LEU A 47 4.23 10.21 0.33
N ARG A 48 5.52 10.12 0.58
CA ARG A 48 6.43 11.26 0.50
C ARG A 48 6.48 11.92 -0.88
N GLY A 49 6.52 11.12 -1.92
CA GLY A 49 6.61 11.67 -3.25
C GLY A 49 5.38 11.40 -4.09
N MET A 50 4.36 10.88 -3.47
CA MET A 50 3.11 10.55 -4.17
C MET A 50 1.94 10.88 -3.27
N PRO A 51 1.40 12.09 -3.35
CA PRO A 51 0.28 12.51 -2.49
C PRO A 51 -1.04 11.78 -2.79
N ASP A 52 -1.08 11.01 -3.88
CA ASP A 52 -2.27 10.22 -4.22
C ASP A 52 -2.08 8.77 -3.81
N CYS A 53 -0.96 8.50 -3.20
CA CYS A 53 -0.65 7.18 -2.73
C CYS A 53 -0.65 7.24 -1.22
N TYR A 54 -1.21 6.25 -0.58
CA TYR A 54 -1.31 6.23 0.86
C TYR A 54 -0.91 4.85 1.36
N LYS A 55 -0.44 4.79 2.58
CA LYS A 55 0.04 3.54 3.16
C LYS A 55 -0.74 3.20 4.40
N ILE A 56 -1.05 1.96 4.55
CA ILE A 56 -1.68 1.49 5.75
C ILE A 56 -0.76 0.43 6.32
N LYS A 57 -0.76 0.28 7.61
CA LYS A 57 0.06 -0.68 8.26
C LYS A 57 -0.63 -1.23 9.48
N LEU A 58 -0.71 -2.53 9.52
CA LEU A 58 -1.30 -3.24 10.61
C LEU A 58 -0.46 -3.02 11.84
N ARG A 59 -0.99 -2.29 12.78
CA ARG A 59 -0.26 -1.84 13.94
C ARG A 59 0.10 -2.98 14.89
N SER A 60 -0.61 -4.08 14.79
CA SER A 60 -0.38 -5.19 15.65
C SER A 60 0.04 -6.41 14.81
N SER A 61 0.72 -6.16 13.69
CA SER A 61 1.16 -7.21 12.82
C SER A 61 2.48 -6.83 12.11
N GLY A 62 2.49 -5.70 11.44
CA GLY A 62 3.67 -5.29 10.73
C GLY A 62 3.47 -5.36 9.23
N TYR A 63 2.45 -6.08 8.79
CA TYR A 63 2.15 -6.17 7.37
C TYR A 63 1.51 -4.88 6.92
N ARG A 64 1.87 -4.45 5.75
CA ARG A 64 1.44 -3.18 5.25
C ARG A 64 0.73 -3.35 3.94
N LEU A 65 0.06 -2.33 3.49
CA LEU A 65 -0.62 -2.33 2.24
C LEU A 65 -0.53 -0.92 1.68
N VAL A 66 0.02 -0.81 0.52
CA VAL A 66 0.24 0.45 -0.11
C VAL A 66 -0.70 0.56 -1.29
N TYR A 67 -1.45 1.62 -1.37
CA TYR A 67 -2.40 1.78 -2.44
C TYR A 67 -2.31 3.17 -3.02
N GLN A 68 -3.01 3.38 -4.09
CA GLN A 68 -3.08 4.63 -4.76
C GLN A 68 -4.55 4.90 -5.02
N VAL A 69 -4.94 6.11 -4.90
CA VAL A 69 -6.31 6.49 -5.11
C VAL A 69 -6.43 7.08 -6.50
N ILE A 70 -7.33 6.54 -7.26
CA ILE A 70 -7.57 7.00 -8.60
C ILE A 70 -9.01 7.44 -8.67
N ASP A 71 -9.24 8.72 -8.70
CA ASP A 71 -10.60 9.24 -8.73
C ASP A 71 -11.24 9.12 -10.09
N GLU A 72 -10.45 9.28 -11.15
CA GLU A 72 -11.00 9.24 -12.52
C GLU A 72 -11.63 7.87 -12.88
N LYS A 73 -10.97 6.80 -12.46
CA LYS A 73 -11.45 5.45 -12.76
C LYS A 73 -12.16 4.85 -11.58
N VAL A 74 -12.17 5.61 -10.48
CA VAL A 74 -12.80 5.22 -9.22
C VAL A 74 -12.19 3.88 -8.72
N VAL A 75 -10.99 3.95 -8.22
CA VAL A 75 -10.25 2.76 -7.87
C VAL A 75 -9.39 3.00 -6.64
N VAL A 76 -9.30 2.01 -5.81
CA VAL A 76 -8.31 1.93 -4.80
C VAL A 76 -7.38 0.85 -5.28
N PHE A 77 -6.36 1.27 -5.95
CA PHE A 77 -5.44 0.37 -6.61
C PHE A 77 -4.27 0.06 -5.72
N VAL A 78 -4.27 -1.11 -5.18
CA VAL A 78 -3.22 -1.57 -4.33
C VAL A 78 -2.00 -1.95 -5.16
N ILE A 79 -0.90 -1.31 -4.85
CA ILE A 79 0.35 -1.46 -5.54
C ILE A 79 1.12 -2.68 -5.03
N SER A 80 1.29 -2.76 -3.72
CA SER A 80 2.02 -3.85 -3.12
C SER A 80 1.49 -4.06 -1.71
N VAL A 81 1.68 -5.24 -1.17
CA VAL A 81 1.20 -5.62 0.13
C VAL A 81 2.26 -6.51 0.76
N GLY A 82 2.57 -6.32 2.01
CA GLY A 82 3.49 -7.20 2.66
C GLY A 82 4.37 -6.45 3.60
N LYS A 83 5.43 -7.07 4.02
CA LYS A 83 6.34 -6.41 4.90
C LYS A 83 7.47 -5.78 4.12
N ALA A 84 7.34 -4.51 3.89
CA ALA A 84 8.38 -3.75 3.25
C ALA A 84 9.37 -3.43 4.33
N GLU A 85 10.63 -3.33 3.98
CA GLU A 85 11.63 -3.10 4.99
C GLU A 85 11.69 -1.64 5.39
N ALA A 86 11.21 -1.38 6.57
CA ALA A 86 11.28 -0.05 7.11
C ALA A 86 12.36 0.00 8.17
N SER A 87 12.75 -1.16 8.63
CA SER A 87 13.79 -1.27 9.61
C SER A 87 15.10 -1.68 8.95
N GLU A 88 15.05 -2.74 8.13
CA GLU A 88 16.24 -3.24 7.46
C GLU A 88 16.84 -2.18 6.54
N VAL A 89 15.98 -1.31 6.03
CA VAL A 89 16.41 -0.25 5.12
C VAL A 89 17.44 0.69 5.79
N TYR A 90 17.20 1.07 7.06
CA TYR A 90 18.13 1.98 7.72
C TYR A 90 19.37 1.26 8.20
N SER A 91 19.29 -0.06 8.33
CA SER A 91 20.44 -0.82 8.70
C SER A 91 21.36 -1.04 7.50
N GLU A 92 20.77 -1.12 6.31
CA GLU A 92 21.56 -1.21 5.09
C GLU A 92 22.11 0.16 4.80
N ALA A 93 21.21 1.15 4.94
CA ALA A 93 21.46 2.57 4.77
C ALA A 93 21.75 2.93 3.32
N VAL A 94 20.73 3.51 2.68
CA VAL A 94 20.75 4.01 1.29
C VAL A 94 21.20 2.98 0.25
N LYS A 95 21.39 3.44 -0.97
CA LYS A 95 21.82 2.57 -2.04
C LYS A 95 23.33 2.36 -1.96
N ARG A 96 24.07 3.43 -1.75
CA ARG A 96 25.52 3.34 -1.64
C ARG A 96 26.08 4.55 -0.90
N ILE A 97 25.74 5.73 -1.35
CA ILE A 97 26.30 6.95 -0.80
C ILE A 97 25.20 7.84 -0.20
N LEU A 98 25.62 8.80 0.59
CA LEU A 98 24.72 9.73 1.21
C LEU A 98 24.75 11.02 0.40
N LYS B 4 7.31 21.61 11.79
CA LYS B 4 6.41 20.52 12.14
C LYS B 4 7.02 19.22 11.65
N GLN B 5 6.96 18.20 12.46
CA GLN B 5 7.53 16.93 12.09
C GLN B 5 6.48 16.02 11.52
N THR B 6 6.84 15.33 10.49
CA THR B 6 5.95 14.45 9.79
C THR B 6 6.01 13.04 10.40
N LEU B 7 5.16 12.16 9.93
CA LEU B 7 5.13 10.81 10.42
C LEU B 7 5.70 9.85 9.37
N LEU B 8 6.25 10.41 8.33
CA LEU B 8 6.86 9.65 7.26
C LEU B 8 8.30 9.30 7.63
N SER B 9 8.88 8.35 6.95
CA SER B 9 10.20 7.91 7.31
C SER B 9 10.94 7.36 6.05
N ASP B 10 11.96 6.55 6.27
CA ASP B 10 12.80 5.96 5.22
C ASP B 10 12.04 5.02 4.35
N GLU B 11 10.99 4.44 4.91
CA GLU B 11 10.12 3.54 4.19
C GLU B 11 9.49 4.24 2.98
N ASP B 12 9.13 5.50 3.17
CA ASP B 12 8.47 6.30 2.15
C ASP B 12 9.34 6.46 0.94
N ALA B 13 10.63 6.59 1.19
CA ALA B 13 11.61 6.78 0.13
C ALA B 13 11.73 5.52 -0.72
N GLU B 14 11.41 4.40 -0.14
CA GLU B 14 11.49 3.16 -0.84
C GLU B 14 10.20 2.92 -1.59
N LEU B 15 9.11 3.28 -0.99
CA LEU B 15 7.83 3.09 -1.60
C LEU B 15 7.60 4.00 -2.79
N VAL B 16 8.22 5.19 -2.81
CA VAL B 16 8.07 6.09 -3.96
C VAL B 16 8.68 5.46 -5.22
N GLU B 17 9.75 4.68 -5.06
CA GLU B 17 10.35 4.03 -6.18
C GLU B 17 9.62 2.73 -6.54
N ILE B 18 9.14 2.01 -5.53
CA ILE B 18 8.41 0.75 -5.74
C ILE B 18 7.10 1.00 -6.52
N VAL B 19 6.41 2.08 -6.20
CA VAL B 19 5.17 2.39 -6.89
C VAL B 19 5.42 2.79 -8.34
N LYS B 20 6.37 3.72 -8.57
CA LYS B 20 6.69 4.20 -9.91
C LYS B 20 7.26 3.05 -10.75
N GLU B 21 7.92 2.11 -10.07
CA GLU B 21 8.43 0.91 -10.66
C GLU B 21 7.30 0.11 -11.25
N ARG B 22 6.36 -0.29 -10.41
CA ARG B 22 5.23 -1.08 -10.86
C ARG B 22 4.32 -0.31 -11.77
N LEU B 23 4.42 1.01 -11.73
CA LEU B 23 3.60 1.85 -12.61
C LEU B 23 4.10 1.84 -14.07
N ARG B 24 5.24 1.20 -14.32
CA ARG B 24 5.75 1.07 -15.69
C ARG B 24 4.81 0.15 -16.47
N ASN B 25 4.37 -0.91 -15.80
CA ASN B 25 3.43 -1.92 -16.29
C ASN B 25 2.83 -2.62 -15.08
N PRO B 26 1.72 -2.10 -14.57
CA PRO B 26 1.07 -2.66 -13.40
C PRO B 26 0.17 -3.86 -13.71
N LYS B 27 -0.87 -3.60 -14.51
CA LYS B 27 -1.93 -4.58 -14.82
C LYS B 27 -2.80 -4.83 -13.59
N PRO B 28 -3.80 -3.98 -13.35
CA PRO B 28 -4.71 -4.14 -12.24
C PRO B 28 -5.83 -5.11 -12.56
N VAL B 29 -6.39 -5.69 -11.55
CA VAL B 29 -7.51 -6.58 -11.71
C VAL B 29 -8.68 -6.03 -10.89
N ARG B 30 -9.81 -5.79 -11.54
CA ARG B 30 -11.02 -5.33 -10.86
C ARG B 30 -11.51 -6.39 -9.89
N VAL B 31 -11.39 -6.11 -8.64
CA VAL B 31 -11.82 -7.04 -7.62
C VAL B 31 -12.74 -6.37 -6.61
N THR B 32 -13.23 -7.18 -5.74
CA THR B 32 -14.11 -6.79 -4.68
C THR B 32 -13.59 -7.41 -3.40
N LEU B 33 -13.97 -6.91 -2.27
CA LEU B 33 -13.57 -7.50 -1.00
C LEU B 33 -14.30 -8.78 -0.79
N ASP B 34 -15.44 -8.88 -1.44
CA ASP B 34 -16.30 -10.05 -1.39
C ASP B 34 -15.59 -11.28 -1.97
N GLU B 35 -14.79 -11.07 -3.00
CA GLU B 35 -14.15 -12.19 -3.67
C GLU B 35 -12.79 -12.52 -3.08
N LEU B 36 -12.22 -11.61 -2.29
CA LEU B 36 -10.91 -11.85 -1.71
C LEU B 36 -10.98 -12.93 -0.65
N MET A 4 -19.60 1.92 -0.39
CA MET A 4 -18.52 1.64 -1.31
C MET A 4 -18.72 2.44 -2.59
N ALA A 5 -18.03 3.55 -2.70
CA ALA A 5 -18.09 4.34 -3.90
C ALA A 5 -16.91 3.99 -4.77
N TYR A 6 -15.80 3.79 -4.14
CA TYR A 6 -14.61 3.38 -4.83
C TYR A 6 -14.55 1.89 -4.89
N PHE A 7 -14.15 1.37 -6.02
CA PHE A 7 -14.07 -0.07 -6.19
C PHE A 7 -12.69 -0.52 -5.75
N LEU A 8 -12.38 -1.77 -5.90
CA LEU A 8 -11.13 -2.28 -5.47
C LEU A 8 -10.34 -2.78 -6.68
N ASP A 9 -9.06 -2.57 -6.68
CA ASP A 9 -8.24 -3.04 -7.76
C ASP A 9 -6.91 -3.52 -7.18
N PHE A 10 -6.25 -4.40 -7.88
CA PHE A 10 -4.98 -4.96 -7.42
C PHE A 10 -3.97 -5.10 -8.52
N ASP A 11 -2.77 -4.74 -8.20
CA ASP A 11 -1.60 -4.91 -9.04
C ASP A 11 -1.24 -6.38 -9.18
N GLU A 12 -0.71 -6.76 -10.34
CA GLU A 12 -0.27 -8.14 -10.62
C GLU A 12 0.58 -8.76 -9.52
N ARG A 13 1.43 -7.99 -8.90
CA ARG A 13 2.32 -8.54 -7.90
C ARG A 13 1.57 -8.57 -6.58
N ALA A 14 0.80 -7.51 -6.33
CA ALA A 14 -0.03 -7.36 -5.12
C ALA A 14 -0.98 -8.54 -4.91
N LEU A 15 -1.44 -9.11 -6.01
CA LEU A 15 -2.28 -10.31 -5.99
C LEU A 15 -1.55 -11.43 -5.26
N LYS A 16 -0.32 -11.61 -5.66
CA LYS A 16 0.52 -12.69 -5.18
C LYS A 16 0.99 -12.36 -3.74
N GLU A 17 0.95 -11.08 -3.44
CA GLU A 17 1.37 -10.55 -2.16
C GLU A 17 0.43 -10.88 -1.03
N TRP A 18 -0.85 -10.95 -1.28
CA TRP A 18 -1.74 -11.30 -0.17
C TRP A 18 -1.81 -12.80 -0.02
N ARG A 19 -1.56 -13.48 -1.10
CA ARG A 19 -1.69 -14.92 -1.13
C ARG A 19 -0.52 -15.64 -0.45
N LYS A 20 0.56 -14.93 -0.25
CA LYS A 20 1.73 -15.48 0.43
C LYS A 20 1.64 -15.28 1.94
N LEU A 21 0.88 -14.29 2.36
CA LEU A 21 0.89 -13.90 3.73
C LEU A 21 -0.28 -14.50 4.52
N GLY A 22 -0.23 -14.34 5.84
CA GLY A 22 -1.26 -14.86 6.73
C GLY A 22 -2.67 -14.37 6.42
N SER A 23 -3.61 -15.26 6.51
CA SER A 23 -5.01 -15.00 6.20
C SER A 23 -5.60 -13.87 7.05
N THR A 24 -5.36 -13.90 8.35
CA THR A 24 -5.91 -12.90 9.23
C THR A 24 -5.30 -11.52 8.95
N VAL A 25 -4.06 -11.53 8.48
CA VAL A 25 -3.37 -10.31 8.11
C VAL A 25 -4.09 -9.65 6.93
N ARG A 26 -4.44 -10.45 5.92
CA ARG A 26 -5.09 -9.93 4.74
C ARG A 26 -6.50 -9.44 5.08
N GLU A 27 -7.12 -10.08 6.06
CA GLU A 27 -8.46 -9.73 6.45
C GLU A 27 -8.53 -8.40 7.17
N GLN A 28 -7.47 -8.05 7.91
CA GLN A 28 -7.39 -6.76 8.57
C GLN A 28 -7.30 -5.68 7.51
N LEU A 29 -6.52 -5.98 6.49
CA LEU A 29 -6.33 -5.09 5.36
C LEU A 29 -7.64 -4.86 4.63
N LYS A 30 -8.40 -5.93 4.45
CA LYS A 30 -9.72 -5.88 3.81
C LYS A 30 -10.70 -5.01 4.60
N LYS A 31 -10.60 -5.08 5.92
CA LYS A 31 -11.43 -4.26 6.79
C LYS A 31 -11.13 -2.78 6.57
N LYS A 32 -9.87 -2.46 6.46
CA LYS A 32 -9.47 -1.09 6.25
C LYS A 32 -9.79 -0.62 4.85
N LEU A 33 -9.81 -1.55 3.93
CA LEU A 33 -10.15 -1.23 2.56
C LEU A 33 -11.60 -0.80 2.44
N VAL A 34 -12.52 -1.50 3.12
CA VAL A 34 -13.94 -1.15 3.00
C VAL A 34 -14.22 0.27 3.53
N GLU A 35 -13.49 0.69 4.55
CA GLU A 35 -13.67 2.02 5.09
C GLU A 35 -13.01 3.10 4.21
N VAL A 36 -12.02 2.72 3.40
CA VAL A 36 -11.42 3.71 2.50
C VAL A 36 -12.24 3.78 1.26
N LEU A 37 -13.03 2.77 1.03
CA LEU A 37 -13.90 2.76 -0.12
C LEU A 37 -15.04 3.80 0.03
N GLU A 38 -15.14 4.34 1.24
CA GLU A 38 -16.04 5.42 1.57
C GLU A 38 -15.29 6.75 1.33
N SER A 39 -14.09 6.81 1.84
CA SER A 39 -13.23 7.98 1.76
C SER A 39 -11.77 7.51 1.86
N PRO A 40 -11.06 7.43 0.71
CA PRO A 40 -9.70 6.93 0.68
C PRO A 40 -8.63 8.00 0.79
N ARG A 41 -9.03 9.24 0.92
CA ARG A 41 -8.07 10.30 1.05
C ARG A 41 -7.67 10.44 2.50
N ILE A 42 -6.72 9.65 2.89
CA ILE A 42 -6.23 9.66 4.25
C ILE A 42 -4.79 10.17 4.21
N GLU A 43 -4.63 11.47 4.25
CA GLU A 43 -3.30 12.04 4.08
C GLU A 43 -2.44 11.85 5.31
N ALA A 44 -3.03 11.36 6.36
CA ALA A 44 -2.29 11.00 7.55
C ALA A 44 -1.48 9.73 7.26
N ASN A 45 -1.85 9.04 6.18
CA ASN A 45 -1.15 7.81 5.79
C ASN A 45 -0.43 7.97 4.45
N LYS A 46 -0.38 9.19 3.91
CA LYS A 46 0.24 9.43 2.58
C LYS A 46 1.73 9.14 2.57
N LEU A 47 2.23 8.82 1.41
CA LEU A 47 3.63 8.59 1.19
C LEU A 47 4.32 9.89 0.94
N ARG A 48 5.51 9.99 1.47
CA ARG A 48 6.32 11.17 1.32
C ARG A 48 6.86 11.31 -0.10
N GLY A 49 6.17 12.09 -0.90
CA GLY A 49 6.61 12.33 -2.25
C GLY A 49 5.73 11.67 -3.27
N MET A 50 4.69 10.99 -2.83
CA MET A 50 3.78 10.32 -3.75
C MET A 50 2.34 10.66 -3.43
N PRO A 51 1.74 11.55 -4.22
CA PRO A 51 0.35 11.99 -4.00
C PRO A 51 -0.64 10.87 -4.26
N ASP A 52 -1.66 10.83 -3.40
CA ASP A 52 -2.77 9.87 -3.48
C ASP A 52 -2.32 8.43 -3.33
N CYS A 53 -1.13 8.25 -2.82
CA CYS A 53 -0.62 6.97 -2.50
C CYS A 53 -0.48 6.93 -1.00
N TYR A 54 -1.11 5.99 -0.39
CA TYR A 54 -1.15 5.93 1.05
C TYR A 54 -0.76 4.53 1.47
N LYS A 55 -0.25 4.39 2.66
CA LYS A 55 0.10 3.11 3.16
C LYS A 55 -0.51 2.92 4.53
N ILE A 56 -1.34 1.93 4.65
CA ILE A 56 -1.95 1.62 5.91
C ILE A 56 -1.16 0.49 6.52
N LYS A 57 -0.92 0.57 7.79
CA LYS A 57 -0.10 -0.39 8.45
C LYS A 57 -0.84 -1.06 9.59
N LEU A 58 -0.62 -2.35 9.69
CA LEU A 58 -1.20 -3.15 10.72
C LEU A 58 -0.23 -3.20 11.87
N ARG A 59 -0.59 -2.54 12.93
CA ARG A 59 0.24 -2.33 14.12
C ARG A 59 0.66 -3.65 14.74
N SER A 60 -0.27 -4.59 14.77
CA SER A 60 -0.05 -5.87 15.39
C SER A 60 0.60 -6.87 14.44
N SER A 61 0.88 -6.45 13.22
CA SER A 61 1.42 -7.39 12.27
C SER A 61 2.76 -6.90 11.65
N GLY A 62 2.91 -5.60 11.46
CA GLY A 62 4.13 -5.08 10.85
C GLY A 62 4.01 -5.08 9.34
N TYR A 63 2.79 -5.23 8.89
CA TYR A 63 2.47 -5.28 7.49
C TYR A 63 1.97 -3.95 7.00
N ARG A 64 2.07 -3.72 5.72
CA ARG A 64 1.58 -2.52 5.12
C ARG A 64 0.89 -2.82 3.83
N LEU A 65 0.10 -1.90 3.41
CA LEU A 65 -0.62 -1.95 2.17
C LEU A 65 -0.55 -0.58 1.56
N VAL A 66 0.05 -0.51 0.42
CA VAL A 66 0.23 0.73 -0.31
C VAL A 66 -0.74 0.72 -1.46
N TYR A 67 -1.54 1.75 -1.57
CA TYR A 67 -2.52 1.85 -2.61
C TYR A 67 -2.53 3.26 -3.16
N GLN A 68 -3.09 3.42 -4.32
CA GLN A 68 -3.26 4.72 -4.90
C GLN A 68 -4.72 4.92 -5.23
N VAL A 69 -5.19 6.09 -4.99
CA VAL A 69 -6.55 6.43 -5.25
C VAL A 69 -6.68 6.96 -6.66
N ILE A 70 -7.22 6.15 -7.53
CA ILE A 70 -7.40 6.53 -8.90
C ILE A 70 -8.83 6.96 -9.07
N ASP A 71 -9.05 8.22 -9.29
CA ASP A 71 -10.41 8.75 -9.36
C ASP A 71 -11.03 8.55 -10.74
N GLU A 72 -10.20 8.48 -11.77
CA GLU A 72 -10.68 8.25 -13.15
C GLU A 72 -11.28 6.84 -13.32
N LYS A 73 -10.70 5.86 -12.66
CA LYS A 73 -11.16 4.48 -12.76
C LYS A 73 -12.06 4.17 -11.58
N VAL A 74 -11.97 5.04 -10.59
CA VAL A 74 -12.71 4.96 -9.34
C VAL A 74 -12.32 3.69 -8.62
N VAL A 75 -11.06 3.56 -8.32
CA VAL A 75 -10.55 2.36 -7.72
C VAL A 75 -9.46 2.66 -6.72
N VAL A 76 -9.41 1.85 -5.72
CA VAL A 76 -8.35 1.82 -4.79
C VAL A 76 -7.41 0.75 -5.30
N PHE A 77 -6.41 1.19 -5.98
CA PHE A 77 -5.50 0.32 -6.64
C PHE A 77 -4.36 -0.03 -5.72
N VAL A 78 -4.46 -1.18 -5.12
CA VAL A 78 -3.47 -1.67 -4.21
C VAL A 78 -2.28 -2.16 -4.99
N ILE A 79 -1.19 -1.50 -4.81
CA ILE A 79 0.02 -1.76 -5.53
C ILE A 79 0.95 -2.69 -4.72
N SER A 80 0.98 -2.55 -3.44
CA SER A 80 1.86 -3.37 -2.64
C SER A 80 1.15 -3.88 -1.40
N VAL A 81 1.42 -5.10 -1.05
CA VAL A 81 0.85 -5.73 0.12
C VAL A 81 1.96 -6.55 0.76
N GLY A 82 2.06 -6.55 2.05
CA GLY A 82 3.05 -7.36 2.69
C GLY A 82 4.03 -6.54 3.47
N LYS A 83 5.19 -7.07 3.71
CA LYS A 83 6.21 -6.35 4.40
C LYS A 83 7.24 -5.88 3.42
N ALA A 84 7.74 -4.71 3.65
CA ALA A 84 8.72 -4.11 2.81
C ALA A 84 10.11 -4.60 3.21
N GLU A 85 11.12 -3.94 2.75
CA GLU A 85 12.48 -4.39 2.90
C GLU A 85 13.01 -4.03 4.28
N ALA A 86 13.54 -4.99 4.98
CA ALA A 86 14.06 -4.76 6.31
C ALA A 86 15.30 -5.61 6.55
N SER A 87 15.95 -6.00 5.51
CA SER A 87 17.08 -6.87 5.61
C SER A 87 18.37 -6.15 5.19
N GLU A 88 18.31 -5.35 4.15
CA GLU A 88 19.52 -4.67 3.63
C GLU A 88 19.37 -3.15 3.60
N VAL A 89 18.16 -2.67 3.34
CA VAL A 89 17.87 -1.24 3.12
C VAL A 89 18.51 -0.27 4.15
N TYR A 90 18.54 -0.67 5.41
CA TYR A 90 19.12 0.17 6.47
C TYR A 90 20.64 0.29 6.35
N SER A 91 21.24 -0.64 5.65
CA SER A 91 22.65 -0.62 5.42
C SER A 91 22.93 0.11 4.12
N GLU A 92 22.00 -0.01 3.17
CA GLU A 92 22.07 0.66 1.89
C GLU A 92 22.02 2.16 2.07
N ALA A 93 21.14 2.58 2.97
CA ALA A 93 21.01 3.97 3.34
C ALA A 93 22.31 4.44 3.98
N VAL A 94 22.71 5.66 3.72
CA VAL A 94 23.97 6.10 4.20
C VAL A 94 23.96 6.50 5.68
N LYS A 95 24.39 5.55 6.44
CA LYS A 95 24.54 5.65 7.89
C LYS A 95 25.87 6.30 8.26
N ARG A 96 26.49 6.92 7.27
CA ARG A 96 27.74 7.62 7.46
C ARG A 96 27.45 9.08 7.82
N ILE A 97 26.23 9.51 7.52
CA ILE A 97 25.79 10.84 7.83
C ILE A 97 24.81 10.77 8.99
N LEU A 98 24.77 11.80 9.77
CA LEU A 98 23.91 11.84 10.91
C LEU A 98 23.35 13.24 11.05
N LYS B 4 8.41 16.96 13.27
CA LYS B 4 7.78 16.58 14.55
C LYS B 4 6.66 15.60 14.30
N GLN B 5 5.63 16.03 13.62
CA GLN B 5 4.55 15.13 13.30
C GLN B 5 4.83 14.41 11.99
N THR B 6 5.66 13.43 12.08
CA THR B 6 5.99 12.64 10.96
C THR B 6 5.13 11.40 10.87
N LEU B 7 4.06 11.51 10.08
CA LEU B 7 3.18 10.39 9.78
C LEU B 7 3.74 9.65 8.57
N LEU B 8 4.89 10.08 8.21
CA LEU B 8 5.69 9.59 7.17
C LEU B 8 7.09 9.52 7.74
N SER B 9 7.91 8.66 7.26
CA SER B 9 9.22 8.51 7.83
C SER B 9 10.17 7.96 6.78
N ASP B 10 11.26 7.40 7.24
CA ASP B 10 12.29 6.81 6.40
C ASP B 10 11.73 5.73 5.49
N GLU B 11 10.83 4.89 6.03
CA GLU B 11 10.21 3.81 5.25
C GLU B 11 9.47 4.35 4.02
N ASP B 12 9.01 5.59 4.10
CA ASP B 12 8.33 6.23 2.97
C ASP B 12 9.23 6.32 1.78
N ALA B 13 10.51 6.48 2.02
CA ALA B 13 11.46 6.61 0.93
C ALA B 13 11.63 5.27 0.21
N GLU B 14 11.33 4.23 0.93
CA GLU B 14 11.46 2.88 0.47
C GLU B 14 10.20 2.49 -0.29
N LEU B 15 9.07 2.82 0.30
CA LEU B 15 7.78 2.50 -0.27
C LEU B 15 7.47 3.30 -1.53
N VAL B 16 7.96 4.55 -1.62
CA VAL B 16 7.71 5.40 -2.80
C VAL B 16 8.40 4.85 -4.04
N GLU B 17 9.48 4.12 -3.84
CA GLU B 17 10.15 3.54 -4.98
C GLU B 17 9.51 2.21 -5.38
N ILE B 18 9.02 1.47 -4.40
CA ILE B 18 8.34 0.19 -4.67
C ILE B 18 7.05 0.43 -5.46
N VAL B 19 6.31 1.43 -5.06
CA VAL B 19 5.05 1.75 -5.71
C VAL B 19 5.29 2.21 -7.17
N LYS B 20 6.28 3.06 -7.38
CA LYS B 20 6.57 3.58 -8.72
C LYS B 20 7.20 2.49 -9.58
N GLU B 21 7.91 1.56 -8.93
CA GLU B 21 8.47 0.38 -9.57
C GLU B 21 7.35 -0.42 -10.19
N ARG B 22 6.38 -0.73 -9.39
CA ARG B 22 5.26 -1.50 -9.84
C ARG B 22 4.39 -0.71 -10.79
N LEU B 23 4.41 0.62 -10.67
CA LEU B 23 3.66 1.48 -11.58
C LEU B 23 4.21 1.49 -13.00
N ARG B 24 5.43 0.99 -13.22
CA ARG B 24 5.99 0.99 -14.58
C ARG B 24 5.26 -0.03 -15.45
N ASN B 25 4.88 -1.15 -14.85
CA ASN B 25 4.10 -2.20 -15.53
C ASN B 25 3.25 -2.89 -14.49
N PRO B 26 2.11 -2.29 -14.12
CA PRO B 26 1.25 -2.80 -13.05
C PRO B 26 0.35 -3.96 -13.47
N LYS B 27 -0.55 -3.69 -14.42
CA LYS B 27 -1.57 -4.63 -14.86
C LYS B 27 -2.54 -4.97 -13.74
N PRO B 28 -3.52 -4.08 -13.52
CA PRO B 28 -4.49 -4.22 -12.45
C PRO B 28 -5.63 -5.19 -12.77
N VAL B 29 -6.25 -5.67 -11.73
CA VAL B 29 -7.35 -6.59 -11.77
C VAL B 29 -8.43 -6.03 -10.86
N ARG B 30 -9.43 -5.43 -11.45
CA ARG B 30 -10.54 -4.83 -10.71
C ARG B 30 -11.29 -5.94 -9.97
N VAL B 31 -11.33 -5.85 -8.67
CA VAL B 31 -11.96 -6.87 -7.84
C VAL B 31 -12.81 -6.23 -6.74
N THR B 32 -13.29 -7.04 -5.84
CA THR B 32 -14.06 -6.63 -4.70
C THR B 32 -13.51 -7.32 -3.46
N LEU B 33 -13.93 -6.90 -2.29
CA LEU B 33 -13.51 -7.54 -1.04
C LEU B 33 -14.30 -8.82 -0.88
N ASP B 34 -15.47 -8.79 -1.47
CA ASP B 34 -16.41 -9.89 -1.47
C ASP B 34 -15.82 -11.13 -2.15
N GLU B 35 -14.98 -10.93 -3.16
CA GLU B 35 -14.39 -12.05 -3.85
C GLU B 35 -13.04 -12.45 -3.26
N LEU B 36 -12.55 -11.68 -2.29
CA LEU B 36 -11.30 -12.03 -1.67
C LEU B 36 -11.54 -13.08 -0.61
N MET A 4 -17.16 -0.41 -2.43
CA MET A 4 -18.19 0.42 -1.79
C MET A 4 -18.51 1.61 -2.68
N ALA A 5 -17.86 2.75 -2.44
CA ALA A 5 -18.04 3.90 -3.29
C ALA A 5 -17.01 3.80 -4.39
N TYR A 6 -15.83 3.42 -3.96
CA TYR A 6 -14.75 3.14 -4.86
C TYR A 6 -14.72 1.66 -5.14
N PHE A 7 -14.29 1.31 -6.32
CA PHE A 7 -14.13 -0.07 -6.70
C PHE A 7 -12.77 -0.54 -6.20
N LEU A 8 -12.42 -1.77 -6.42
CA LEU A 8 -11.17 -2.26 -5.91
C LEU A 8 -10.34 -2.85 -7.05
N ASP A 9 -9.10 -2.49 -7.09
CA ASP A 9 -8.15 -3.03 -8.08
C ASP A 9 -6.94 -3.51 -7.38
N PHE A 10 -6.41 -4.60 -7.84
CA PHE A 10 -5.19 -5.17 -7.29
C PHE A 10 -4.25 -5.56 -8.40
N ASP A 11 -3.06 -5.01 -8.38
CA ASP A 11 -2.00 -5.42 -9.31
C ASP A 11 -1.69 -6.91 -9.11
N GLU A 12 -1.23 -7.60 -10.17
CA GLU A 12 -0.88 -9.02 -10.10
C GLU A 12 0.03 -9.36 -8.95
N ARG A 13 0.99 -8.49 -8.67
CA ARG A 13 1.95 -8.75 -7.62
C ARG A 13 1.26 -8.67 -6.28
N ALA A 14 0.28 -7.79 -6.18
CA ALA A 14 -0.48 -7.57 -4.97
C ALA A 14 -1.46 -8.73 -4.73
N LEU A 15 -1.89 -9.37 -5.82
CA LEU A 15 -2.77 -10.54 -5.74
C LEU A 15 -2.06 -11.66 -5.03
N LYS A 16 -0.91 -11.98 -5.54
CA LYS A 16 -0.13 -13.09 -5.07
C LYS A 16 0.46 -12.75 -3.71
N GLU A 17 0.48 -11.47 -3.43
CA GLU A 17 1.02 -10.91 -2.22
C GLU A 17 0.16 -11.32 -1.02
N TRP A 18 -1.18 -11.19 -1.12
CA TRP A 18 -2.01 -11.54 0.03
C TRP A 18 -2.01 -13.05 0.21
N ARG A 19 -1.73 -13.72 -0.89
CA ARG A 19 -1.74 -15.17 -0.92
C ARG A 19 -0.45 -15.76 -0.31
N LYS A 20 0.60 -14.94 -0.21
CA LYS A 20 1.87 -15.40 0.36
C LYS A 20 2.03 -14.99 1.82
N LEU A 21 1.07 -14.23 2.32
CA LEU A 21 1.10 -13.79 3.70
C LEU A 21 0.00 -14.45 4.51
N GLY A 22 -0.06 -14.14 5.79
CA GLY A 22 -1.03 -14.73 6.69
C GLY A 22 -2.48 -14.46 6.30
N SER A 23 -3.32 -15.46 6.46
CA SER A 23 -4.69 -15.35 6.08
C SER A 23 -5.44 -14.41 7.02
N THR A 24 -5.07 -14.39 8.29
CA THR A 24 -5.68 -13.50 9.25
C THR A 24 -5.22 -12.07 8.93
N VAL A 25 -3.97 -11.97 8.47
CA VAL A 25 -3.37 -10.71 8.08
C VAL A 25 -4.13 -10.08 6.93
N ARG A 26 -4.41 -10.87 5.89
CA ARG A 26 -5.11 -10.34 4.72
C ARG A 26 -6.53 -9.89 5.07
N GLU A 27 -7.16 -10.56 6.02
CA GLU A 27 -8.51 -10.20 6.40
C GLU A 27 -8.54 -8.92 7.21
N GLN A 28 -7.48 -8.67 7.98
CA GLN A 28 -7.36 -7.41 8.70
C GLN A 28 -7.23 -6.27 7.69
N LEU A 29 -6.44 -6.52 6.65
CA LEU A 29 -6.23 -5.57 5.56
C LEU A 29 -7.54 -5.28 4.85
N LYS A 30 -8.38 -6.31 4.69
CA LYS A 30 -9.68 -6.16 4.03
C LYS A 30 -10.56 -5.15 4.76
N LYS A 31 -10.42 -5.05 6.07
CA LYS A 31 -11.19 -4.07 6.82
C LYS A 31 -10.68 -2.67 6.62
N LYS A 32 -9.40 -2.54 6.39
CA LYS A 32 -8.82 -1.25 6.10
C LYS A 32 -9.12 -0.86 4.69
N LEU A 33 -9.56 -1.83 3.92
CA LEU A 33 -9.94 -1.59 2.57
C LEU A 33 -11.43 -1.25 2.48
N VAL A 34 -12.23 -1.75 3.39
CA VAL A 34 -13.67 -1.46 3.36
C VAL A 34 -13.91 0.00 3.78
N GLU A 35 -12.98 0.54 4.54
CA GLU A 35 -13.09 1.88 5.01
C GLU A 35 -12.41 2.81 4.02
N VAL A 36 -11.47 2.25 3.27
CA VAL A 36 -10.73 3.00 2.29
C VAL A 36 -11.60 3.19 1.04
N LEU A 37 -12.54 2.28 0.83
CA LEU A 37 -13.45 2.35 -0.31
C LEU A 37 -14.54 3.40 -0.10
N GLU A 38 -14.55 3.98 1.08
CA GLU A 38 -15.42 5.08 1.42
C GLU A 38 -14.73 6.39 1.02
N SER A 39 -13.46 6.47 1.36
CA SER A 39 -12.62 7.61 1.10
C SER A 39 -11.17 7.16 1.32
N PRO A 40 -10.40 7.01 0.26
CA PRO A 40 -9.04 6.52 0.36
C PRO A 40 -8.01 7.65 0.46
N ARG A 41 -8.49 8.86 0.50
CA ARG A 41 -7.60 9.99 0.59
C ARG A 41 -7.38 10.31 2.04
N ILE A 42 -6.49 9.57 2.64
CA ILE A 42 -6.16 9.75 4.01
C ILE A 42 -4.81 10.41 4.05
N GLU A 43 -4.81 11.72 4.16
CA GLU A 43 -3.60 12.50 4.05
C GLU A 43 -2.71 12.36 5.29
N ALA A 44 -3.24 11.70 6.31
CA ALA A 44 -2.46 11.36 7.48
C ALA A 44 -1.60 10.11 7.19
N ASN A 45 -1.82 9.52 6.03
CA ASN A 45 -1.10 8.32 5.60
C ASN A 45 -0.56 8.50 4.19
N LYS A 46 -0.43 9.75 3.76
CA LYS A 46 0.08 10.07 2.43
C LYS A 46 1.56 9.82 2.35
N LEU A 47 2.01 9.39 1.20
CA LEU A 47 3.40 9.13 0.99
C LEU A 47 4.18 10.42 0.90
N ARG A 48 5.47 10.29 1.03
CA ARG A 48 6.37 11.42 1.10
C ARG A 48 6.61 12.07 -0.27
N GLY A 49 6.37 11.32 -1.31
CA GLY A 49 6.56 11.85 -2.65
C GLY A 49 5.41 11.51 -3.56
N MET A 50 4.33 11.07 -2.99
CA MET A 50 3.16 10.67 -3.76
C MET A 50 1.91 11.13 -3.04
N PRO A 51 1.32 12.25 -3.44
CA PRO A 51 0.10 12.77 -2.79
C PRO A 51 -1.13 11.92 -3.10
N ASP A 52 -1.04 11.13 -4.16
CA ASP A 52 -2.14 10.27 -4.60
C ASP A 52 -1.97 8.87 -4.10
N CYS A 53 -0.91 8.62 -3.37
CA CYS A 53 -0.64 7.29 -2.92
C CYS A 53 -0.51 7.32 -1.42
N TYR A 54 -1.13 6.36 -0.79
CA TYR A 54 -1.17 6.32 0.65
C TYR A 54 -0.80 4.92 1.09
N LYS A 55 -0.37 4.80 2.31
CA LYS A 55 0.00 3.52 2.85
C LYS A 55 -0.69 3.32 4.18
N ILE A 56 -1.06 2.11 4.48
CA ILE A 56 -1.63 1.79 5.76
C ILE A 56 -0.88 0.59 6.30
N LYS A 57 -0.65 0.57 7.57
CA LYS A 57 0.09 -0.49 8.19
C LYS A 57 -0.71 -1.08 9.31
N LEU A 58 -0.82 -2.39 9.34
CA LEU A 58 -1.46 -3.07 10.43
C LEU A 58 -0.61 -2.89 11.64
N ARG A 59 -1.14 -2.29 12.63
CA ARG A 59 -0.39 -1.93 13.81
C ARG A 59 -0.36 -3.10 14.78
N SER A 60 -1.13 -4.10 14.47
CA SER A 60 -1.17 -5.32 15.21
C SER A 60 -0.06 -6.27 14.71
N SER A 61 -0.19 -6.69 13.47
CA SER A 61 0.71 -7.64 12.88
C SER A 61 2.04 -6.99 12.40
N GLY A 62 1.95 -5.78 11.85
CA GLY A 62 3.15 -5.12 11.34
C GLY A 62 3.39 -5.39 9.87
N TYR A 63 2.34 -5.28 9.09
CA TYR A 63 2.40 -5.49 7.64
C TYR A 63 2.01 -4.19 6.95
N ARG A 64 2.54 -3.94 5.79
CA ARG A 64 2.23 -2.72 5.08
C ARG A 64 1.37 -2.99 3.85
N LEU A 65 0.65 -2.00 3.43
CA LEU A 65 -0.15 -2.03 2.23
C LEU A 65 -0.05 -0.66 1.58
N VAL A 66 0.26 -0.64 0.32
CA VAL A 66 0.45 0.59 -0.43
C VAL A 66 -0.53 0.59 -1.57
N TYR A 67 -1.25 1.68 -1.73
CA TYR A 67 -2.23 1.78 -2.80
C TYR A 67 -2.22 3.19 -3.34
N GLN A 68 -2.60 3.33 -4.58
CA GLN A 68 -2.70 4.63 -5.17
C GLN A 68 -4.18 4.87 -5.44
N VAL A 69 -4.59 6.08 -5.27
CA VAL A 69 -5.98 6.44 -5.42
C VAL A 69 -6.23 7.03 -6.78
N ILE A 70 -7.10 6.41 -7.50
CA ILE A 70 -7.46 6.89 -8.80
C ILE A 70 -8.89 7.41 -8.71
N ASP A 71 -9.05 8.69 -8.70
CA ASP A 71 -10.37 9.28 -8.56
C ASP A 71 -11.13 9.20 -9.87
N GLU A 72 -10.40 9.27 -10.99
CA GLU A 72 -11.02 9.27 -12.31
C GLU A 72 -11.71 7.94 -12.63
N LYS A 73 -11.15 6.85 -12.14
CA LYS A 73 -11.72 5.52 -12.34
C LYS A 73 -12.54 5.13 -11.12
N VAL A 74 -12.39 5.95 -10.08
CA VAL A 74 -12.98 5.75 -8.77
C VAL A 74 -12.59 4.37 -8.24
N VAL A 75 -11.34 4.19 -7.94
CA VAL A 75 -10.86 2.90 -7.53
C VAL A 75 -9.59 3.03 -6.69
N VAL A 76 -9.43 2.11 -5.77
CA VAL A 76 -8.28 2.00 -4.96
C VAL A 76 -7.41 0.91 -5.56
N PHE A 77 -6.30 1.30 -6.11
CA PHE A 77 -5.45 0.37 -6.80
C PHE A 77 -4.27 -0.03 -5.92
N VAL A 78 -4.37 -1.19 -5.33
CA VAL A 78 -3.35 -1.71 -4.45
C VAL A 78 -2.17 -2.23 -5.28
N ILE A 79 -1.01 -1.81 -4.88
CA ILE A 79 0.22 -2.06 -5.59
C ILE A 79 1.09 -3.10 -4.86
N SER A 80 1.35 -2.85 -3.59
CA SER A 80 2.21 -3.72 -2.82
C SER A 80 1.55 -4.03 -1.49
N VAL A 81 1.83 -5.19 -0.94
CA VAL A 81 1.26 -5.63 0.32
C VAL A 81 2.33 -6.49 1.02
N GLY A 82 2.20 -6.68 2.30
CA GLY A 82 2.98 -7.69 2.98
C GLY A 82 4.14 -7.14 3.73
N LYS A 83 5.06 -8.01 4.05
CA LYS A 83 6.28 -7.64 4.68
C LYS A 83 7.41 -7.88 3.74
N ALA A 84 8.03 -6.82 3.41
CA ALA A 84 9.21 -6.80 2.59
C ALA A 84 10.27 -6.18 3.44
N GLU A 85 11.32 -5.72 2.85
CA GLU A 85 12.27 -4.97 3.59
C GLU A 85 11.70 -3.60 3.83
N ALA A 86 11.66 -3.20 5.06
CA ALA A 86 11.04 -2.00 5.43
C ALA A 86 11.98 -1.26 6.28
N SER A 87 12.11 0.02 6.01
CA SER A 87 12.92 0.94 6.77
C SER A 87 14.43 0.76 6.43
N GLU A 88 14.91 -0.43 6.56
CA GLU A 88 16.31 -0.75 6.34
C GLU A 88 16.54 -1.29 4.92
N VAL A 89 15.77 -0.79 3.95
CA VAL A 89 15.87 -1.23 2.53
C VAL A 89 17.33 -1.11 1.98
N TYR A 90 18.03 -0.10 2.43
CA TYR A 90 19.40 0.18 1.98
C TYR A 90 20.41 -0.77 2.63
N SER A 91 20.06 -1.27 3.79
CA SER A 91 20.97 -2.03 4.61
C SER A 91 21.27 -3.41 4.04
N GLU A 92 20.33 -4.02 3.33
CA GLU A 92 20.59 -5.34 2.76
C GLU A 92 21.27 -5.17 1.40
N ALA A 93 21.10 -3.98 0.84
CA ALA A 93 21.63 -3.65 -0.46
C ALA A 93 23.14 -3.46 -0.41
N VAL A 94 23.65 -3.19 0.76
CA VAL A 94 25.09 -3.06 0.98
C VAL A 94 25.54 -4.17 1.91
N LYS A 95 26.82 -4.40 2.01
CA LYS A 95 27.29 -5.44 2.92
C LYS A 95 27.53 -4.89 4.32
N ARG A 96 28.14 -3.72 4.39
CA ARG A 96 28.51 -3.06 5.64
C ARG A 96 29.20 -1.76 5.31
N ILE A 97 28.56 -0.68 5.64
CA ILE A 97 29.10 0.64 5.42
C ILE A 97 29.78 1.14 6.70
N LEU A 98 30.97 0.61 6.95
CA LEU A 98 31.74 0.93 8.13
C LEU A 98 33.11 0.30 7.98
N LYS B 4 5.96 20.28 10.59
CA LYS B 4 7.24 19.80 10.06
C LYS B 4 7.23 18.30 9.89
N GLN B 5 7.25 17.58 10.99
CA GLN B 5 7.21 16.15 10.90
C GLN B 5 5.81 15.66 10.70
N THR B 6 5.54 15.37 9.48
CA THR B 6 4.32 14.84 9.04
C THR B 6 4.16 13.38 9.60
N LEU B 7 2.98 12.77 9.47
CA LEU B 7 2.75 11.42 9.99
C LEU B 7 3.55 10.35 9.23
N LEU B 8 4.11 10.74 8.11
CA LEU B 8 4.98 9.90 7.32
C LEU B 8 6.37 9.79 7.95
N SER B 9 7.21 8.95 7.42
CA SER B 9 8.50 8.73 7.97
C SER B 9 9.51 8.51 6.83
N ASP B 10 10.65 7.96 7.18
CA ASP B 10 11.71 7.63 6.24
C ASP B 10 11.24 6.56 5.28
N GLU B 11 10.43 5.65 5.81
CA GLU B 11 9.88 4.55 5.03
C GLU B 11 9.02 5.05 3.88
N ASP B 12 8.47 6.23 4.02
CA ASP B 12 7.58 6.75 2.97
C ASP B 12 8.35 7.19 1.76
N ALA B 13 9.66 7.30 1.91
CA ALA B 13 10.55 7.57 0.80
C ALA B 13 10.92 6.24 0.13
N GLU B 14 10.58 5.18 0.81
CA GLU B 14 10.87 3.83 0.41
C GLU B 14 9.64 3.31 -0.32
N LEU B 15 8.46 3.60 0.24
CA LEU B 15 7.23 3.21 -0.41
C LEU B 15 7.08 3.84 -1.79
N VAL B 16 7.53 5.09 -1.94
CA VAL B 16 7.41 5.76 -3.24
C VAL B 16 8.20 5.06 -4.34
N GLU B 17 9.37 4.52 -4.01
CA GLU B 17 10.19 3.84 -5.00
C GLU B 17 9.66 2.43 -5.29
N ILE B 18 8.88 1.89 -4.37
CA ILE B 18 8.28 0.57 -4.55
C ILE B 18 7.04 0.68 -5.46
N VAL B 19 6.22 1.68 -5.22
CA VAL B 19 5.02 1.87 -5.99
C VAL B 19 5.33 2.24 -7.46
N LYS B 20 6.23 3.20 -7.65
CA LYS B 20 6.61 3.66 -8.99
C LYS B 20 7.28 2.53 -9.77
N GLU B 21 7.84 1.59 -9.04
CA GLU B 21 8.49 0.45 -9.61
C GLU B 21 7.44 -0.47 -10.21
N ARG B 22 6.48 -0.85 -9.39
CA ARG B 22 5.42 -1.73 -9.85
C ARG B 22 4.52 -1.00 -10.82
N LEU B 23 4.61 0.32 -10.83
CA LEU B 23 3.84 1.14 -11.77
C LEU B 23 4.51 1.21 -13.14
N ARG B 24 5.71 0.64 -13.27
CA ARG B 24 6.40 0.64 -14.56
C ARG B 24 5.72 -0.36 -15.49
N ASN B 25 5.01 -1.31 -14.89
CA ASN B 25 4.25 -2.30 -15.58
C ASN B 25 3.22 -2.89 -14.61
N PRO B 26 2.09 -2.20 -14.41
CA PRO B 26 1.08 -2.65 -13.51
C PRO B 26 -0.04 -3.40 -14.22
N LYS B 27 -0.66 -4.25 -13.48
CA LYS B 27 -1.77 -5.05 -13.95
C LYS B 27 -2.92 -4.95 -12.99
N PRO B 28 -3.79 -3.97 -13.13
CA PRO B 28 -4.93 -3.83 -12.26
C PRO B 28 -6.06 -4.81 -12.60
N VAL B 29 -6.21 -5.78 -11.76
CA VAL B 29 -7.26 -6.74 -11.87
C VAL B 29 -8.41 -6.26 -11.00
N ARG B 30 -9.55 -6.11 -11.61
CA ARG B 30 -10.71 -5.58 -10.95
C ARG B 30 -11.31 -6.61 -10.00
N VAL B 31 -11.36 -6.25 -8.75
CA VAL B 31 -11.86 -7.09 -7.71
C VAL B 31 -12.77 -6.31 -6.75
N THR B 32 -13.29 -7.03 -5.80
CA THR B 32 -14.08 -6.52 -4.73
C THR B 32 -13.53 -7.15 -3.47
N LEU B 33 -13.94 -6.70 -2.31
CA LEU B 33 -13.46 -7.28 -1.07
C LEU B 33 -14.11 -8.59 -0.81
N ASP B 34 -15.30 -8.74 -1.34
CA ASP B 34 -16.08 -9.95 -1.12
C ASP B 34 -15.44 -11.14 -1.81
N GLU B 35 -14.81 -10.88 -2.94
CA GLU B 35 -14.16 -11.93 -3.69
C GLU B 35 -12.69 -12.12 -3.27
N LEU B 36 -12.25 -11.37 -2.28
CA LEU B 36 -10.92 -11.58 -1.75
C LEU B 36 -10.97 -12.69 -0.73
N MET A 4 -18.92 0.93 -0.73
CA MET A 4 -18.18 0.77 -1.96
C MET A 4 -18.34 2.01 -2.84
N ALA A 5 -17.78 3.12 -2.40
CA ALA A 5 -17.76 4.31 -3.22
C ALA A 5 -16.69 4.17 -4.27
N TYR A 6 -15.63 3.49 -3.91
CA TYR A 6 -14.56 3.14 -4.81
C TYR A 6 -14.56 1.63 -4.98
N PHE A 7 -14.10 1.16 -6.11
CA PHE A 7 -13.98 -0.27 -6.35
C PHE A 7 -12.63 -0.76 -5.80
N LEU A 8 -12.26 -2.00 -6.05
CA LEU A 8 -11.02 -2.51 -5.54
C LEU A 8 -10.13 -3.03 -6.68
N ASP A 9 -8.88 -2.59 -6.71
CA ASP A 9 -7.92 -3.05 -7.74
C ASP A 9 -6.68 -3.59 -7.08
N PHE A 10 -6.07 -4.57 -7.68
CA PHE A 10 -4.82 -5.11 -7.20
C PHE A 10 -3.85 -5.33 -8.33
N ASP A 11 -2.62 -4.95 -8.09
CA ASP A 11 -1.53 -5.20 -9.03
C ASP A 11 -1.24 -6.68 -9.02
N GLU A 12 -0.86 -7.22 -10.15
CA GLU A 12 -0.55 -8.65 -10.28
C GLU A 12 0.44 -9.16 -9.24
N ARG A 13 1.36 -8.32 -8.81
CA ARG A 13 2.35 -8.73 -7.85
C ARG A 13 1.75 -8.73 -6.45
N ALA A 14 0.96 -7.68 -6.17
CA ALA A 14 0.35 -7.48 -4.83
C ALA A 14 -0.65 -8.57 -4.53
N LEU A 15 -1.25 -9.04 -5.59
CA LEU A 15 -2.21 -10.09 -5.58
C LEU A 15 -1.54 -11.37 -5.08
N LYS A 16 -0.34 -11.62 -5.54
CA LYS A 16 0.38 -12.82 -5.15
C LYS A 16 0.98 -12.62 -3.76
N GLU A 17 1.07 -11.38 -3.36
CA GLU A 17 1.58 -11.03 -2.07
C GLU A 17 0.58 -11.36 -0.98
N TRP A 18 -0.70 -11.09 -1.23
CA TRP A 18 -1.71 -11.46 -0.23
C TRP A 18 -1.83 -12.98 -0.14
N ARG A 19 -1.44 -13.64 -1.20
CA ARG A 19 -1.52 -15.08 -1.28
C ARG A 19 -0.45 -15.75 -0.42
N LYS A 20 0.69 -15.09 -0.24
CA LYS A 20 1.79 -15.71 0.51
C LYS A 20 1.67 -15.48 2.01
N LEU A 21 0.76 -14.63 2.42
CA LEU A 21 0.66 -14.30 3.82
C LEU A 21 -0.54 -14.96 4.47
N GLY A 22 -0.60 -14.87 5.78
CA GLY A 22 -1.68 -15.46 6.54
C GLY A 22 -3.01 -14.84 6.17
N SER A 23 -4.03 -15.66 6.05
CA SER A 23 -5.32 -15.19 5.62
C SER A 23 -5.89 -14.14 6.59
N THR A 24 -5.65 -14.32 7.88
CA THR A 24 -6.13 -13.38 8.89
C THR A 24 -5.48 -11.99 8.71
N VAL A 25 -4.27 -11.97 8.15
CA VAL A 25 -3.59 -10.72 7.88
C VAL A 25 -4.34 -9.97 6.79
N ARG A 26 -4.72 -10.67 5.74
CA ARG A 26 -5.40 -10.03 4.64
C ARG A 26 -6.85 -9.70 5.00
N GLU A 27 -7.41 -10.40 5.98
CA GLU A 27 -8.75 -10.09 6.46
C GLU A 27 -8.73 -8.76 7.21
N GLN A 28 -7.65 -8.52 7.97
CA GLN A 28 -7.46 -7.24 8.65
C GLN A 28 -7.33 -6.13 7.63
N LEU A 29 -6.57 -6.41 6.56
CA LEU A 29 -6.39 -5.48 5.44
C LEU A 29 -7.72 -5.14 4.80
N LYS A 30 -8.58 -6.14 4.65
CA LYS A 30 -9.91 -5.96 4.04
C LYS A 30 -10.75 -4.99 4.82
N LYS A 31 -10.53 -4.91 6.11
CA LYS A 31 -11.31 -4.00 6.93
C LYS A 31 -10.87 -2.58 6.67
N LYS A 32 -9.60 -2.41 6.39
CA LYS A 32 -9.05 -1.10 6.09
C LYS A 32 -9.44 -0.69 4.70
N LEU A 33 -9.67 -1.67 3.89
CA LEU A 33 -10.11 -1.44 2.53
C LEU A 33 -11.58 -1.03 2.49
N VAL A 34 -12.41 -1.67 3.30
CA VAL A 34 -13.84 -1.39 3.29
C VAL A 34 -14.15 0.01 3.86
N GLU A 35 -13.22 0.55 4.64
CA GLU A 35 -13.42 1.84 5.23
C GLU A 35 -12.81 2.90 4.33
N VAL A 36 -11.78 2.49 3.60
CA VAL A 36 -11.03 3.38 2.76
C VAL A 36 -11.80 3.68 1.47
N LEU A 37 -12.69 2.78 1.10
CA LEU A 37 -13.48 2.95 -0.10
C LEU A 37 -14.50 4.05 0.09
N GLU A 38 -14.76 4.41 1.33
CA GLU A 38 -15.68 5.44 1.63
C GLU A 38 -14.94 6.73 1.98
N SER A 39 -13.72 6.59 2.45
CA SER A 39 -12.91 7.74 2.82
C SER A 39 -11.41 7.44 2.62
N PRO A 40 -10.89 7.67 1.40
CA PRO A 40 -9.48 7.46 1.10
C PRO A 40 -8.62 8.73 1.22
N ARG A 41 -9.25 9.87 1.46
CA ARG A 41 -8.53 11.12 1.57
C ARG A 41 -7.98 11.32 2.98
N ILE A 42 -6.87 10.68 3.25
CA ILE A 42 -6.24 10.81 4.54
C ILE A 42 -4.78 11.23 4.34
N GLU A 43 -4.52 12.49 4.61
CA GLU A 43 -3.19 13.10 4.46
C GLU A 43 -2.13 12.34 5.25
N ALA A 44 -2.51 11.81 6.39
CA ALA A 44 -1.62 11.06 7.26
C ALA A 44 -1.12 9.78 6.60
N ASN A 45 -1.87 9.26 5.64
CA ASN A 45 -1.48 8.05 4.97
C ASN A 45 -0.70 8.34 3.70
N LYS A 46 -0.69 9.59 3.26
CA LYS A 46 0.02 10.00 2.03
C LYS A 46 1.52 9.68 2.11
N LEU A 47 2.12 9.38 0.96
CA LEU A 47 3.54 9.10 0.88
C LEU A 47 4.35 10.38 0.68
N ARG A 48 5.69 10.24 0.65
CA ARG A 48 6.63 11.38 0.57
C ARG A 48 6.39 12.24 -0.67
N GLY A 49 6.43 11.65 -1.83
CA GLY A 49 6.26 12.41 -3.06
C GLY A 49 5.21 11.83 -3.94
N MET A 50 4.21 11.25 -3.34
CA MET A 50 3.11 10.67 -4.07
C MET A 50 1.83 11.10 -3.37
N PRO A 51 1.19 12.17 -3.85
CA PRO A 51 -0.01 12.74 -3.22
C PRO A 51 -1.20 11.80 -3.26
N ASP A 52 -1.29 10.99 -4.29
CA ASP A 52 -2.42 10.07 -4.48
C ASP A 52 -2.10 8.67 -4.03
N CYS A 53 -0.93 8.47 -3.51
CA CYS A 53 -0.55 7.17 -3.05
C CYS A 53 -0.44 7.21 -1.54
N TYR A 54 -1.14 6.32 -0.93
CA TYR A 54 -1.26 6.24 0.49
C TYR A 54 -0.79 4.88 0.95
N LYS A 55 -0.63 4.74 2.23
CA LYS A 55 -0.19 3.55 2.86
C LYS A 55 -0.97 3.32 4.14
N ILE A 56 -1.15 2.09 4.48
CA ILE A 56 -1.78 1.71 5.72
C ILE A 56 -0.91 0.61 6.30
N LYS A 57 -0.95 0.45 7.57
CA LYS A 57 -0.14 -0.52 8.24
C LYS A 57 -0.94 -1.22 9.32
N LEU A 58 -0.83 -2.50 9.36
CA LEU A 58 -1.44 -3.28 10.39
C LEU A 58 -0.52 -3.25 11.56
N ARG A 59 -0.79 -2.35 12.46
CA ARG A 59 0.01 -2.16 13.67
C ARG A 59 0.04 -3.41 14.56
N SER A 60 -0.91 -4.28 14.34
CA SER A 60 -1.06 -5.49 15.07
C SER A 60 -0.29 -6.65 14.43
N SER A 61 0.39 -6.39 13.31
CA SER A 61 1.10 -7.46 12.61
C SER A 61 2.44 -6.99 11.99
N GLY A 62 2.47 -5.78 11.47
CA GLY A 62 3.69 -5.27 10.83
C GLY A 62 3.66 -5.47 9.34
N TYR A 63 2.48 -5.65 8.80
CA TYR A 63 2.27 -5.79 7.37
C TYR A 63 1.77 -4.47 6.83
N ARG A 64 2.27 -4.05 5.71
CA ARG A 64 1.87 -2.78 5.13
C ARG A 64 1.14 -3.00 3.81
N LEU A 65 0.38 -2.02 3.41
CA LEU A 65 -0.35 -2.05 2.17
C LEU A 65 -0.26 -0.67 1.55
N VAL A 66 0.02 -0.63 0.27
CA VAL A 66 0.15 0.62 -0.45
C VAL A 66 -0.92 0.64 -1.51
N TYR A 67 -1.57 1.76 -1.70
CA TYR A 67 -2.61 1.86 -2.71
C TYR A 67 -2.65 3.26 -3.27
N GLN A 68 -3.06 3.40 -4.49
CA GLN A 68 -3.25 4.69 -5.07
C GLN A 68 -4.72 4.95 -5.19
N VAL A 69 -5.12 6.14 -4.91
CA VAL A 69 -6.50 6.51 -5.06
C VAL A 69 -6.69 7.03 -6.47
N ILE A 70 -7.11 6.17 -7.33
CA ILE A 70 -7.28 6.53 -8.70
C ILE A 70 -8.70 7.01 -8.87
N ASP A 71 -8.84 8.27 -9.09
CA ASP A 71 -10.15 8.87 -9.22
C ASP A 71 -10.77 8.55 -10.58
N GLU A 72 -9.94 8.45 -11.61
CA GLU A 72 -10.44 8.18 -12.96
C GLU A 72 -10.99 6.75 -13.10
N LYS A 73 -10.39 5.79 -12.40
CA LYS A 73 -10.85 4.39 -12.46
C LYS A 73 -11.76 4.12 -11.28
N VAL A 74 -11.87 5.14 -10.42
CA VAL A 74 -12.63 5.14 -9.16
C VAL A 74 -12.29 3.90 -8.35
N VAL A 75 -11.08 3.83 -7.86
CA VAL A 75 -10.66 2.62 -7.24
C VAL A 75 -9.44 2.82 -6.37
N VAL A 76 -9.23 1.91 -5.45
CA VAL A 76 -8.00 1.85 -4.72
C VAL A 76 -7.13 0.77 -5.33
N PHE A 77 -6.10 1.18 -5.99
CA PHE A 77 -5.22 0.28 -6.66
C PHE A 77 -4.07 -0.09 -5.75
N VAL A 78 -4.18 -1.23 -5.14
CA VAL A 78 -3.19 -1.72 -4.24
C VAL A 78 -1.96 -2.17 -5.03
N ILE A 79 -0.90 -1.45 -4.81
CA ILE A 79 0.35 -1.60 -5.48
C ILE A 79 1.16 -2.72 -4.83
N SER A 80 1.23 -2.72 -3.51
CA SER A 80 2.07 -3.66 -2.79
C SER A 80 1.41 -4.09 -1.47
N VAL A 81 1.63 -5.34 -1.09
CA VAL A 81 1.10 -5.89 0.15
C VAL A 81 2.19 -6.75 0.81
N GLY A 82 2.39 -6.60 2.09
CA GLY A 82 3.27 -7.52 2.77
C GLY A 82 4.23 -6.84 3.67
N LYS A 83 5.18 -7.59 4.16
CA LYS A 83 6.21 -7.02 4.98
C LYS A 83 7.37 -6.63 4.10
N ALA A 84 7.66 -5.38 4.08
CA ALA A 84 8.70 -4.86 3.27
C ALA A 84 9.82 -4.37 4.16
N GLU A 85 10.80 -3.73 3.58
CA GLU A 85 11.98 -3.32 4.29
C GLU A 85 11.72 -2.29 5.38
N ALA A 86 12.41 -2.49 6.47
CA ALA A 86 12.44 -1.57 7.59
C ALA A 86 13.84 -1.57 8.19
N SER A 87 14.50 -2.73 8.08
CA SER A 87 15.84 -3.00 8.63
C SER A 87 16.86 -1.88 8.34
N GLU A 88 17.18 -1.65 7.07
CA GLU A 88 18.21 -0.69 6.73
C GLU A 88 17.61 0.70 6.67
N VAL A 89 16.28 0.75 6.53
CA VAL A 89 15.53 2.00 6.50
C VAL A 89 15.76 2.74 7.81
N TYR A 90 15.83 1.96 8.88
CA TYR A 90 16.04 2.44 10.24
C TYR A 90 17.42 3.12 10.39
N SER A 91 18.36 2.69 9.56
CA SER A 91 19.70 3.24 9.61
C SER A 91 19.76 4.56 8.86
N GLU A 92 18.99 4.66 7.76
CA GLU A 92 18.95 5.88 6.98
C GLU A 92 18.09 6.91 7.67
N ALA A 93 17.18 6.42 8.48
CA ALA A 93 16.41 7.23 9.36
C ALA A 93 17.34 7.69 10.45
N VAL A 94 17.66 8.95 10.46
CA VAL A 94 18.63 9.46 11.42
C VAL A 94 18.11 9.37 12.85
N LYS A 95 18.96 8.93 13.74
CA LYS A 95 18.62 8.80 15.14
C LYS A 95 18.91 10.10 15.86
N ARG A 96 19.33 11.08 15.10
CA ARG A 96 19.66 12.39 15.63
C ARG A 96 18.50 13.36 15.49
N ILE A 97 17.43 12.93 14.86
CA ILE A 97 16.29 13.80 14.66
C ILE A 97 15.41 13.84 15.91
N LEU A 98 15.21 15.01 16.42
CA LEU A 98 14.38 15.24 17.57
C LEU A 98 13.96 16.68 17.53
N LYS B 4 10.59 22.19 12.31
CA LYS B 4 9.45 21.54 11.69
C LYS B 4 9.90 20.25 11.04
N GLN B 5 9.19 19.20 11.30
CA GLN B 5 9.47 17.94 10.70
C GLN B 5 8.24 17.51 9.94
N THR B 6 8.42 16.71 8.97
CA THR B 6 7.34 16.19 8.25
C THR B 6 6.86 14.92 8.99
N LEU B 7 5.57 14.66 8.97
CA LEU B 7 5.03 13.52 9.67
C LEU B 7 5.21 12.23 8.91
N LEU B 8 5.59 12.35 7.67
CA LEU B 8 5.97 11.21 6.87
C LEU B 8 7.50 11.15 6.90
N SER B 9 8.11 10.03 6.63
CA SER B 9 9.53 9.95 6.85
C SER B 9 10.21 8.88 5.96
N ASP B 10 11.31 8.36 6.46
CA ASP B 10 12.18 7.33 5.89
C ASP B 10 11.42 6.19 5.22
N GLU B 11 10.41 5.67 5.87
CA GLU B 11 9.62 4.59 5.31
C GLU B 11 8.93 5.03 4.01
N ASP B 12 8.42 6.23 3.99
CA ASP B 12 7.73 6.79 2.81
C ASP B 12 8.67 6.89 1.65
N ALA B 13 9.92 7.19 1.95
CA ALA B 13 10.96 7.33 0.96
C ALA B 13 11.22 6.02 0.24
N GLU B 14 10.97 4.93 0.92
CA GLU B 14 11.18 3.63 0.37
C GLU B 14 9.99 3.23 -0.46
N LEU B 15 8.82 3.46 0.09
CA LEU B 15 7.60 3.09 -0.58
C LEU B 15 7.38 3.85 -1.89
N VAL B 16 7.86 5.10 -1.97
CA VAL B 16 7.70 5.88 -3.21
C VAL B 16 8.50 5.27 -4.37
N GLU B 17 9.63 4.65 -4.08
CA GLU B 17 10.44 4.08 -5.12
C GLU B 17 9.95 2.70 -5.51
N ILE B 18 9.23 2.06 -4.61
CA ILE B 18 8.66 0.77 -4.87
C ILE B 18 7.41 0.92 -5.76
N VAL B 19 6.60 1.92 -5.45
CA VAL B 19 5.38 2.17 -6.22
C VAL B 19 5.70 2.60 -7.65
N LYS B 20 6.65 3.54 -7.80
CA LYS B 20 7.05 4.06 -9.12
C LYS B 20 7.57 2.92 -10.00
N GLU B 21 8.17 1.93 -9.37
CA GLU B 21 8.68 0.77 -10.04
C GLU B 21 7.54 -0.05 -10.60
N ARG B 22 6.61 -0.44 -9.75
CA ARG B 22 5.48 -1.24 -10.18
C ARG B 22 4.55 -0.43 -11.08
N LEU B 23 4.70 0.88 -11.06
CA LEU B 23 3.89 1.76 -11.91
C LEU B 23 4.46 1.89 -13.32
N ARG B 24 5.63 1.29 -13.57
CA ARG B 24 6.23 1.37 -14.90
C ARG B 24 5.48 0.41 -15.84
N ASN B 25 4.85 -0.59 -15.23
CA ASN B 25 4.08 -1.59 -15.89
C ASN B 25 3.32 -2.37 -14.81
N PRO B 26 2.13 -1.92 -14.44
CA PRO B 26 1.38 -2.51 -13.34
C PRO B 26 0.57 -3.77 -13.74
N LYS B 27 -0.51 -3.55 -14.51
CA LYS B 27 -1.50 -4.59 -14.85
C LYS B 27 -2.42 -4.92 -13.68
N PRO B 28 -3.42 -4.05 -13.45
CA PRO B 28 -4.38 -4.24 -12.37
C PRO B 28 -5.53 -5.17 -12.73
N VAL B 29 -6.00 -5.87 -11.75
CA VAL B 29 -7.14 -6.73 -11.88
C VAL B 29 -8.25 -6.14 -11.01
N ARG B 30 -9.37 -5.81 -11.63
CA ARG B 30 -10.53 -5.28 -10.92
C ARG B 30 -11.11 -6.38 -10.05
N VAL B 31 -11.08 -6.18 -8.76
CA VAL B 31 -11.57 -7.17 -7.83
C VAL B 31 -12.53 -6.54 -6.82
N THR B 32 -13.04 -7.39 -5.96
CA THR B 32 -13.94 -7.00 -4.91
C THR B 32 -13.48 -7.61 -3.59
N LEU B 33 -13.92 -7.05 -2.49
CA LEU B 33 -13.63 -7.61 -1.17
C LEU B 33 -14.36 -8.92 -1.03
N ASP B 34 -15.46 -9.03 -1.75
CA ASP B 34 -16.30 -10.22 -1.80
C ASP B 34 -15.48 -11.46 -2.19
N GLU B 35 -14.59 -11.30 -3.14
CA GLU B 35 -13.82 -12.44 -3.62
C GLU B 35 -12.52 -12.65 -2.84
N LEU B 36 -12.17 -11.73 -1.96
CA LEU B 36 -10.93 -11.88 -1.19
C LEU B 36 -11.13 -12.85 -0.05
N MET A 4 -19.43 -0.60 -3.99
CA MET A 4 -19.04 0.49 -3.09
C MET A 4 -18.85 1.72 -3.94
N ALA A 5 -18.44 2.82 -3.33
CA ALA A 5 -18.17 4.03 -4.07
C ALA A 5 -16.97 3.82 -4.96
N TYR A 6 -15.87 3.43 -4.37
CA TYR A 6 -14.68 3.14 -5.12
C TYR A 6 -14.62 1.66 -5.40
N PHE A 7 -14.27 1.32 -6.62
CA PHE A 7 -14.11 -0.07 -7.00
C PHE A 7 -12.70 -0.50 -6.62
N LEU A 8 -12.40 -1.76 -6.72
CA LEU A 8 -11.12 -2.22 -6.24
C LEU A 8 -10.26 -2.72 -7.40
N ASP A 9 -8.99 -2.37 -7.36
CA ASP A 9 -8.00 -2.84 -8.34
C ASP A 9 -6.81 -3.39 -7.64
N PHE A 10 -6.21 -4.39 -8.19
CA PHE A 10 -5.00 -4.97 -7.66
C PHE A 10 -4.02 -5.23 -8.76
N ASP A 11 -2.78 -4.91 -8.50
CA ASP A 11 -1.67 -5.26 -9.38
C ASP A 11 -1.53 -6.79 -9.45
N GLU A 12 -1.12 -7.33 -10.60
CA GLU A 12 -0.98 -8.79 -10.78
C GLU A 12 -0.10 -9.46 -9.70
N ARG A 13 1.01 -8.85 -9.34
CA ARG A 13 1.86 -9.45 -8.34
C ARG A 13 1.41 -9.13 -6.93
N ALA A 14 0.68 -8.04 -6.79
CA ALA A 14 0.03 -7.66 -5.54
C ALA A 14 -1.06 -8.70 -5.15
N LEU A 15 -1.68 -9.30 -6.16
CA LEU A 15 -2.65 -10.39 -5.97
C LEU A 15 -1.98 -11.50 -5.18
N LYS A 16 -0.78 -11.79 -5.59
CA LYS A 16 -0.02 -12.88 -5.08
C LYS A 16 0.50 -12.54 -3.68
N GLU A 17 0.55 -11.24 -3.39
CA GLU A 17 1.02 -10.73 -2.10
C GLU A 17 0.10 -11.09 -0.96
N TRP A 18 -1.23 -10.98 -1.14
CA TRP A 18 -2.11 -11.31 -0.02
C TRP A 18 -2.14 -12.81 0.13
N ARG A 19 -1.85 -13.47 -0.96
CA ARG A 19 -1.87 -14.90 -1.02
C ARG A 19 -0.64 -15.53 -0.35
N LYS A 20 0.44 -14.77 -0.22
CA LYS A 20 1.66 -15.29 0.39
C LYS A 20 1.75 -14.93 1.88
N LEU A 21 0.85 -14.11 2.35
CA LEU A 21 0.89 -13.69 3.75
C LEU A 21 -0.19 -14.38 4.58
N GLY A 22 -0.06 -14.27 5.90
CA GLY A 22 -0.95 -14.92 6.83
C GLY A 22 -2.40 -14.47 6.75
N SER A 23 -3.28 -15.38 7.10
CA SER A 23 -4.72 -15.16 7.05
C SER A 23 -5.16 -14.03 7.99
N THR A 24 -4.57 -13.99 9.18
CA THR A 24 -4.91 -12.98 10.16
C THR A 24 -4.57 -11.59 9.65
N VAL A 25 -3.52 -11.51 8.89
CA VAL A 25 -3.07 -10.28 8.30
C VAL A 25 -4.07 -9.80 7.23
N ARG A 26 -4.45 -10.70 6.33
CA ARG A 26 -5.33 -10.33 5.24
C ARG A 26 -6.76 -10.03 5.69
N GLU A 27 -7.21 -10.62 6.79
CA GLU A 27 -8.53 -10.33 7.28
C GLU A 27 -8.60 -8.91 7.81
N GLN A 28 -7.52 -8.50 8.49
CA GLN A 28 -7.41 -7.14 9.02
C GLN A 28 -7.37 -6.15 7.86
N LEU A 29 -6.60 -6.50 6.84
CA LEU A 29 -6.46 -5.69 5.65
C LEU A 29 -7.80 -5.49 4.96
N LYS A 30 -8.59 -6.54 4.85
CA LYS A 30 -9.88 -6.46 4.17
C LYS A 30 -10.87 -5.55 4.89
N LYS A 31 -10.76 -5.44 6.21
CA LYS A 31 -11.62 -4.54 6.98
C LYS A 31 -11.30 -3.09 6.63
N LYS A 32 -10.04 -2.81 6.49
CA LYS A 32 -9.59 -1.48 6.16
C LYS A 32 -9.86 -1.16 4.71
N LEU A 33 -9.87 -2.18 3.90
CA LEU A 33 -10.17 -2.02 2.50
C LEU A 33 -11.65 -1.74 2.29
N VAL A 34 -12.50 -2.26 3.15
CA VAL A 34 -13.91 -2.03 2.98
C VAL A 34 -14.30 -0.62 3.45
N GLU A 35 -13.44 0.02 4.26
CA GLU A 35 -13.73 1.36 4.69
C GLU A 35 -13.04 2.35 3.75
N VAL A 36 -12.00 1.85 3.08
CA VAL A 36 -11.19 2.64 2.20
C VAL A 36 -11.93 2.89 0.89
N LEU A 37 -12.85 2.01 0.55
CA LEU A 37 -13.62 2.15 -0.68
C LEU A 37 -14.70 3.22 -0.54
N GLU A 38 -14.82 3.73 0.66
CA GLU A 38 -15.72 4.81 0.96
C GLU A 38 -14.92 6.12 0.91
N SER A 39 -13.71 6.07 1.44
CA SER A 39 -12.83 7.22 1.48
C SER A 39 -11.39 6.77 1.60
N PRO A 40 -10.66 6.71 0.49
CA PRO A 40 -9.30 6.23 0.47
C PRO A 40 -8.24 7.31 0.64
N ARG A 41 -8.64 8.55 0.78
CA ARG A 41 -7.69 9.62 0.90
C ARG A 41 -7.44 9.94 2.35
N ILE A 42 -6.43 9.31 2.87
CA ILE A 42 -6.03 9.52 4.22
C ILE A 42 -4.74 10.31 4.20
N GLU A 43 -4.88 11.62 4.17
CA GLU A 43 -3.77 12.58 4.01
C GLU A 43 -2.70 12.54 5.12
N ALA A 44 -2.92 11.70 6.08
CA ALA A 44 -1.97 11.53 7.16
C ALA A 44 -0.96 10.44 6.81
N ASN A 45 -1.37 9.57 5.90
CA ASN A 45 -0.56 8.42 5.50
C ASN A 45 -0.12 8.53 4.05
N LYS A 46 -0.16 9.72 3.50
CA LYS A 46 0.30 9.90 2.14
C LYS A 46 1.81 9.92 2.06
N LEU A 47 2.34 9.09 1.19
CA LEU A 47 3.76 8.82 1.07
C LEU A 47 4.57 10.08 0.80
N ARG A 48 5.80 10.07 1.28
CA ARG A 48 6.69 11.18 1.15
C ARG A 48 7.29 11.20 -0.27
N GLY A 49 6.57 11.84 -1.16
CA GLY A 49 6.96 11.91 -2.53
C GLY A 49 5.78 11.60 -3.45
N MET A 50 4.84 10.83 -2.94
CA MET A 50 3.65 10.44 -3.68
C MET A 50 2.41 10.90 -2.95
N PRO A 51 1.80 12.01 -3.37
CA PRO A 51 0.61 12.58 -2.70
C PRO A 51 -0.66 11.75 -2.95
N ASP A 52 -0.67 11.02 -4.05
CA ASP A 52 -1.83 10.22 -4.45
C ASP A 52 -1.67 8.77 -4.08
N CYS A 53 -0.61 8.47 -3.37
CA CYS A 53 -0.35 7.13 -2.92
C CYS A 53 -0.32 7.13 -1.40
N TYR A 54 -1.10 6.28 -0.82
CA TYR A 54 -1.26 6.25 0.60
C TYR A 54 -0.93 4.86 1.10
N LYS A 55 -0.83 4.72 2.39
CA LYS A 55 -0.50 3.48 3.02
C LYS A 55 -1.37 3.28 4.23
N ILE A 56 -1.58 2.05 4.60
CA ILE A 56 -2.22 1.73 5.85
C ILE A 56 -1.42 0.62 6.45
N LYS A 57 -1.24 0.62 7.74
CA LYS A 57 -0.40 -0.35 8.36
C LYS A 57 -1.05 -0.99 9.57
N LEU A 58 -0.82 -2.26 9.71
CA LEU A 58 -1.33 -3.07 10.77
C LEU A 58 -0.38 -2.98 11.93
N ARG A 59 -0.80 -2.28 12.95
CA ARG A 59 0.04 -2.03 14.12
C ARG A 59 0.33 -3.28 14.95
N SER A 60 -0.50 -4.28 14.84
CA SER A 60 -0.29 -5.50 15.57
C SER A 60 0.53 -6.51 14.76
N SER A 61 0.51 -6.40 13.45
CA SER A 61 1.19 -7.37 12.61
C SER A 61 2.53 -6.83 12.04
N GLY A 62 2.61 -5.53 11.79
CA GLY A 62 3.82 -4.95 11.23
C GLY A 62 3.80 -4.93 9.72
N TYR A 63 2.64 -5.15 9.18
CA TYR A 63 2.44 -5.15 7.76
C TYR A 63 1.88 -3.82 7.31
N ARG A 64 1.83 -3.63 6.03
CA ARG A 64 1.30 -2.44 5.42
C ARG A 64 0.78 -2.79 4.05
N LEU A 65 0.02 -1.91 3.51
CA LEU A 65 -0.56 -2.03 2.22
C LEU A 65 -0.43 -0.68 1.55
N VAL A 66 0.10 -0.69 0.35
CA VAL A 66 0.37 0.53 -0.40
C VAL A 66 -0.59 0.59 -1.56
N TYR A 67 -1.25 1.69 -1.75
CA TYR A 67 -2.21 1.82 -2.81
C TYR A 67 -2.21 3.23 -3.37
N GLN A 68 -2.77 3.40 -4.52
CA GLN A 68 -2.93 4.67 -5.13
C GLN A 68 -4.40 4.98 -5.17
N VAL A 69 -4.72 6.21 -5.04
CA VAL A 69 -6.09 6.62 -5.11
C VAL A 69 -6.33 7.20 -6.46
N ILE A 70 -7.12 6.53 -7.23
CA ILE A 70 -7.44 7.00 -8.53
C ILE A 70 -8.86 7.48 -8.49
N ASP A 71 -9.05 8.75 -8.49
CA ASP A 71 -10.40 9.30 -8.36
C ASP A 71 -11.05 9.43 -9.72
N GLU A 72 -10.22 9.50 -10.75
CA GLU A 72 -10.70 9.59 -12.13
C GLU A 72 -11.45 8.30 -12.55
N LYS A 73 -10.96 7.16 -12.08
CA LYS A 73 -11.61 5.87 -12.35
C LYS A 73 -12.47 5.47 -11.17
N VAL A 74 -12.21 6.12 -10.04
CA VAL A 74 -12.87 5.87 -8.76
C VAL A 74 -12.54 4.47 -8.31
N VAL A 75 -11.29 4.21 -8.08
CA VAL A 75 -10.79 2.91 -7.72
C VAL A 75 -9.63 3.05 -6.73
N VAL A 76 -9.47 2.05 -5.91
CA VAL A 76 -8.37 1.93 -5.02
C VAL A 76 -7.47 0.87 -5.59
N PHE A 77 -6.40 1.31 -6.19
CA PHE A 77 -5.50 0.41 -6.87
C PHE A 77 -4.33 0.05 -5.98
N VAL A 78 -4.37 -1.13 -5.43
CA VAL A 78 -3.33 -1.61 -4.56
C VAL A 78 -2.10 -2.01 -5.37
N ILE A 79 -0.99 -1.43 -5.02
CA ILE A 79 0.28 -1.62 -5.69
C ILE A 79 1.00 -2.83 -5.10
N SER A 80 1.05 -2.90 -3.78
CA SER A 80 1.75 -3.97 -3.15
C SER A 80 1.22 -4.14 -1.73
N VAL A 81 1.39 -5.33 -1.18
CA VAL A 81 0.93 -5.66 0.15
C VAL A 81 2.05 -6.44 0.82
N GLY A 82 2.27 -6.25 2.09
CA GLY A 82 3.28 -7.02 2.76
C GLY A 82 4.06 -6.21 3.75
N LYS A 83 5.30 -6.54 3.93
CA LYS A 83 6.14 -5.82 4.85
C LYS A 83 7.15 -4.98 4.08
N ALA A 84 7.46 -3.84 4.61
CA ALA A 84 8.33 -2.91 3.98
C ALA A 84 9.17 -2.21 5.03
N GLU A 85 10.06 -1.32 4.60
CA GLU A 85 11.00 -0.57 5.45
C GLU A 85 12.08 -1.57 5.91
N ALA A 86 12.23 -2.62 5.11
CA ALA A 86 13.11 -3.71 5.44
C ALA A 86 13.71 -4.34 4.19
N SER A 87 13.46 -3.74 3.05
CA SER A 87 14.00 -4.23 1.81
C SER A 87 15.36 -3.53 1.68
N GLU A 88 15.30 -2.21 1.84
CA GLU A 88 16.45 -1.31 1.92
C GLU A 88 15.94 0.12 1.94
N VAL A 89 15.86 0.66 3.13
CA VAL A 89 15.27 1.97 3.39
C VAL A 89 16.37 3.06 3.47
N TYR A 90 17.61 2.63 3.54
CA TYR A 90 18.74 3.55 3.67
C TYR A 90 19.17 4.05 2.29
N SER A 91 18.73 3.38 1.27
CA SER A 91 19.18 3.55 -0.09
C SER A 91 18.94 4.94 -0.68
N GLU A 92 17.97 5.68 -0.16
CA GLU A 92 17.73 7.03 -0.68
C GLU A 92 18.79 8.01 -0.18
N ALA A 93 19.45 7.66 0.89
CA ALA A 93 20.44 8.53 1.48
C ALA A 93 21.76 7.81 1.56
N VAL A 94 22.59 8.04 0.57
CA VAL A 94 23.89 7.40 0.55
C VAL A 94 24.77 7.94 1.68
N LYS A 95 25.58 7.07 2.26
CA LYS A 95 26.45 7.44 3.38
C LYS A 95 27.49 8.50 2.98
N ARG A 96 27.76 8.58 1.69
CA ARG A 96 28.71 9.55 1.18
C ARG A 96 28.03 10.92 1.09
N ILE A 97 26.69 10.91 1.18
CA ILE A 97 25.80 12.09 1.08
C ILE A 97 25.75 12.60 -0.36
N LEU A 98 26.86 13.01 -0.87
CA LEU A 98 26.95 13.51 -2.22
C LEU A 98 27.53 12.40 -3.08
N LYS B 4 -0.52 17.89 13.68
CA LYS B 4 0.86 18.08 13.21
C LYS B 4 1.74 16.97 13.74
N GLN B 5 1.95 15.95 12.93
CA GLN B 5 2.80 14.84 13.28
C GLN B 5 3.24 14.15 12.02
N THR B 6 4.35 13.50 12.07
CA THR B 6 4.81 12.75 10.97
C THR B 6 4.41 11.29 11.17
N LEU B 7 3.30 10.92 10.54
CA LEU B 7 2.79 9.56 10.59
C LEU B 7 3.38 8.79 9.39
N LEU B 8 4.38 9.41 8.86
CA LEU B 8 5.15 8.99 7.76
C LEU B 8 6.55 9.45 8.06
N SER B 9 7.52 8.81 7.50
CA SER B 9 8.89 9.19 7.75
C SER B 9 9.80 8.57 6.71
N ASP B 10 10.25 7.37 7.00
CA ASP B 10 11.23 6.76 6.17
C ASP B 10 10.77 5.47 5.58
N GLU B 11 9.68 4.89 6.08
CA GLU B 11 9.17 3.66 5.46
C GLU B 11 8.70 4.03 4.07
N ASP B 12 8.16 5.23 4.04
CA ASP B 12 7.59 5.88 2.89
C ASP B 12 8.64 6.06 1.83
N ALA B 13 9.89 6.13 2.26
CA ALA B 13 11.02 6.27 1.36
C ALA B 13 11.21 5.01 0.53
N GLU B 14 10.92 3.88 1.14
CA GLU B 14 11.05 2.61 0.46
C GLU B 14 9.79 2.41 -0.38
N LEU B 15 8.66 2.78 0.20
CA LEU B 15 7.37 2.66 -0.47
C LEU B 15 7.28 3.48 -1.77
N VAL B 16 7.93 4.64 -1.82
CA VAL B 16 7.88 5.47 -3.03
C VAL B 16 8.69 4.86 -4.17
N GLU B 17 9.78 4.16 -3.85
CA GLU B 17 10.56 3.55 -4.90
C GLU B 17 9.89 2.25 -5.35
N ILE B 18 9.29 1.55 -4.39
CA ILE B 18 8.55 0.33 -4.66
C ILE B 18 7.35 0.61 -5.59
N VAL B 19 6.64 1.69 -5.32
CA VAL B 19 5.49 2.03 -6.11
C VAL B 19 5.88 2.45 -7.52
N LYS B 20 6.94 3.26 -7.66
CA LYS B 20 7.37 3.69 -8.98
C LYS B 20 7.96 2.52 -9.79
N GLU B 21 8.50 1.55 -9.07
CA GLU B 21 8.99 0.30 -9.66
C GLU B 21 7.86 -0.47 -10.31
N ARG B 22 6.78 -0.59 -9.60
CA ARG B 22 5.69 -1.41 -10.03
C ARG B 22 4.65 -0.62 -10.83
N LEU B 23 4.79 0.71 -10.80
CA LEU B 23 3.91 1.64 -11.52
C LEU B 23 4.22 1.53 -13.02
N ARG B 24 5.46 1.17 -13.33
CA ARG B 24 5.93 1.11 -14.72
C ARG B 24 5.44 -0.15 -15.43
N ASN B 25 4.85 -1.08 -14.69
CA ASN B 25 4.29 -2.30 -15.27
C ASN B 25 3.46 -3.02 -14.22
N PRO B 26 2.25 -2.53 -13.97
CA PRO B 26 1.36 -3.13 -13.00
C PRO B 26 0.41 -4.17 -13.61
N LYS B 27 -0.51 -3.70 -14.47
CA LYS B 27 -1.61 -4.50 -15.02
C LYS B 27 -2.64 -4.77 -13.93
N PRO B 28 -3.55 -3.82 -13.74
CA PRO B 28 -4.57 -3.91 -12.71
C PRO B 28 -5.77 -4.75 -13.11
N VAL B 29 -6.11 -5.64 -12.23
CA VAL B 29 -7.26 -6.47 -12.33
C VAL B 29 -8.31 -5.84 -11.43
N ARG B 30 -9.47 -5.54 -11.97
CA ARG B 30 -10.49 -4.92 -11.17
C ARG B 30 -11.20 -6.02 -10.42
N VAL B 31 -11.12 -5.94 -9.14
CA VAL B 31 -11.67 -6.94 -8.28
C VAL B 31 -12.64 -6.33 -7.28
N THR B 32 -13.12 -7.15 -6.41
CA THR B 32 -14.02 -6.80 -5.36
C THR B 32 -13.49 -7.43 -4.07
N LEU B 33 -13.97 -7.00 -2.94
CA LEU B 33 -13.51 -7.54 -1.67
C LEU B 33 -14.15 -8.88 -1.42
N ASP B 34 -15.33 -9.04 -1.96
CA ASP B 34 -16.09 -10.26 -1.81
C ASP B 34 -15.38 -11.44 -2.46
N GLU B 35 -14.61 -11.18 -3.51
CA GLU B 35 -13.93 -12.24 -4.20
C GLU B 35 -12.52 -12.49 -3.65
N LEU B 36 -12.02 -11.58 -2.82
CA LEU B 36 -10.67 -11.74 -2.25
C LEU B 36 -10.67 -12.88 -1.26
N MET A 4 -19.71 3.31 0.13
CA MET A 4 -18.63 2.76 -0.68
C MET A 4 -18.66 3.43 -2.04
N ALA A 5 -17.73 4.31 -2.27
CA ALA A 5 -17.69 5.08 -3.50
C ALA A 5 -16.68 4.52 -4.47
N TYR A 6 -15.63 3.93 -3.97
CA TYR A 6 -14.56 3.44 -4.81
C TYR A 6 -14.62 1.94 -5.05
N PHE A 7 -14.16 1.52 -6.20
CA PHE A 7 -14.03 0.09 -6.52
C PHE A 7 -12.68 -0.41 -5.98
N LEU A 8 -12.41 -1.69 -6.11
CA LEU A 8 -11.15 -2.23 -5.60
C LEU A 8 -10.31 -2.74 -6.77
N ASP A 9 -9.02 -2.55 -6.71
CA ASP A 9 -8.09 -3.01 -7.77
C ASP A 9 -6.80 -3.49 -7.15
N PHE A 10 -6.13 -4.38 -7.81
CA PHE A 10 -4.83 -4.91 -7.34
C PHE A 10 -3.89 -5.20 -8.49
N ASP A 11 -2.62 -4.92 -8.27
CA ASP A 11 -1.52 -5.32 -9.17
C ASP A 11 -1.42 -6.86 -9.17
N GLU A 12 -1.07 -7.46 -10.31
CA GLU A 12 -1.01 -8.93 -10.44
C GLU A 12 -0.08 -9.60 -9.43
N ARG A 13 0.95 -8.91 -9.03
CA ARG A 13 1.92 -9.46 -8.12
C ARG A 13 1.43 -9.27 -6.71
N ALA A 14 0.78 -8.12 -6.49
CA ALA A 14 0.18 -7.77 -5.20
C ALA A 14 -0.89 -8.80 -4.82
N LEU A 15 -1.52 -9.38 -5.83
CA LEU A 15 -2.50 -10.46 -5.65
C LEU A 15 -1.84 -11.61 -4.88
N LYS A 16 -0.66 -11.97 -5.32
CA LYS A 16 0.06 -13.13 -4.79
C LYS A 16 0.61 -12.80 -3.43
N GLU A 17 0.88 -11.52 -3.24
CA GLU A 17 1.42 -11.02 -2.02
C GLU A 17 0.49 -11.28 -0.85
N TRP A 18 -0.81 -11.06 -1.03
CA TRP A 18 -1.72 -11.33 0.07
C TRP A 18 -1.90 -12.83 0.29
N ARG A 19 -1.70 -13.60 -0.77
CA ARG A 19 -1.90 -15.05 -0.70
C ARG A 19 -0.81 -15.70 0.15
N LYS A 20 0.41 -15.20 0.01
CA LYS A 20 1.56 -15.78 0.69
C LYS A 20 1.72 -15.32 2.14
N LEU A 21 0.91 -14.38 2.56
CA LEU A 21 0.97 -13.93 3.94
C LEU A 21 -0.16 -14.53 4.76
N GLY A 22 -0.15 -14.29 6.05
CA GLY A 22 -1.14 -14.84 6.95
C GLY A 22 -2.57 -14.48 6.60
N SER A 23 -3.46 -15.46 6.73
CA SER A 23 -4.85 -15.29 6.42
C SER A 23 -5.47 -14.16 7.25
N THR A 24 -5.15 -14.11 8.54
CA THR A 24 -5.70 -13.10 9.42
C THR A 24 -5.14 -11.72 9.03
N VAL A 25 -3.93 -11.71 8.48
CA VAL A 25 -3.32 -10.47 8.04
C VAL A 25 -4.07 -9.91 6.83
N ARG A 26 -4.38 -10.77 5.86
CA ARG A 26 -5.06 -10.31 4.66
C ARG A 26 -6.50 -9.87 4.98
N GLU A 27 -7.11 -10.53 5.95
CA GLU A 27 -8.47 -10.22 6.33
C GLU A 27 -8.55 -8.87 7.01
N GLN A 28 -7.53 -8.52 7.79
CA GLN A 28 -7.44 -7.19 8.39
C GLN A 28 -7.32 -6.14 7.32
N LEU A 29 -6.54 -6.46 6.30
CA LEU A 29 -6.37 -5.58 5.15
C LEU A 29 -7.70 -5.35 4.46
N LYS A 30 -8.53 -6.39 4.43
CA LYS A 30 -9.87 -6.31 3.85
C LYS A 30 -10.78 -5.40 4.68
N LYS A 31 -10.56 -5.32 5.98
CA LYS A 31 -11.31 -4.41 6.84
C LYS A 31 -10.88 -2.98 6.58
N LYS A 32 -9.60 -2.79 6.41
CA LYS A 32 -9.07 -1.51 6.14
C LYS A 32 -9.54 -1.01 4.76
N LEU A 33 -9.67 -1.91 3.84
CA LEU A 33 -10.12 -1.60 2.52
C LEU A 33 -11.61 -1.24 2.52
N VAL A 34 -12.38 -1.82 3.44
CA VAL A 34 -13.80 -1.51 3.46
C VAL A 34 -14.05 -0.08 3.96
N GLU A 35 -13.09 0.50 4.71
CA GLU A 35 -13.26 1.87 5.15
C GLU A 35 -12.66 2.81 4.11
N VAL A 36 -11.67 2.28 3.40
CA VAL A 36 -10.93 3.06 2.44
C VAL A 36 -11.77 3.30 1.17
N LEU A 37 -12.63 2.34 0.85
CA LEU A 37 -13.48 2.44 -0.34
C LEU A 37 -14.56 3.48 -0.16
N GLU A 38 -14.67 4.01 1.04
CA GLU A 38 -15.61 5.05 1.31
C GLU A 38 -14.91 6.39 1.11
N SER A 39 -13.72 6.50 1.66
CA SER A 39 -12.93 7.71 1.56
C SER A 39 -11.46 7.35 1.76
N PRO A 40 -10.69 7.26 0.67
CA PRO A 40 -9.28 6.87 0.72
C PRO A 40 -8.33 8.06 0.87
N ARG A 41 -8.88 9.23 1.16
CA ARG A 41 -8.06 10.39 1.27
C ARG A 41 -7.69 10.66 2.72
N ILE A 42 -6.74 9.90 3.20
CA ILE A 42 -6.26 10.01 4.56
C ILE A 42 -4.91 10.71 4.54
N GLU A 43 -4.89 11.98 4.92
CA GLU A 43 -3.68 12.82 4.90
C GLU A 43 -2.54 12.19 5.68
N ALA A 44 -2.88 11.59 6.78
CA ALA A 44 -1.93 10.97 7.71
C ALA A 44 -1.33 9.70 7.14
N ASN A 45 -1.84 9.25 6.02
CA ASN A 45 -1.36 8.05 5.36
C ASN A 45 -0.74 8.39 4.02
N LYS A 46 -0.66 9.66 3.69
CA LYS A 46 -0.07 10.11 2.43
C LYS A 46 1.43 9.75 2.34
N LEU A 47 1.91 9.48 1.15
CA LEU A 47 3.30 9.07 0.94
C LEU A 47 4.15 10.28 0.46
N ARG A 48 5.46 10.22 0.72
CA ARG A 48 6.40 11.31 0.39
C ARG A 48 6.60 11.46 -1.12
N GLY A 49 5.99 12.46 -1.69
CA GLY A 49 6.16 12.68 -3.11
C GLY A 49 5.05 12.10 -3.92
N MET A 50 4.24 11.31 -3.29
CA MET A 50 3.12 10.69 -3.94
C MET A 50 1.86 11.08 -3.18
N PRO A 51 1.22 12.19 -3.56
CA PRO A 51 0.01 12.68 -2.88
C PRO A 51 -1.19 11.76 -3.06
N ASP A 52 -1.14 10.95 -4.10
CA ASP A 52 -2.25 10.06 -4.44
C ASP A 52 -1.95 8.65 -3.97
N CYS A 53 -0.79 8.46 -3.39
CA CYS A 53 -0.41 7.17 -2.91
C CYS A 53 -0.41 7.21 -1.41
N TYR A 54 -0.93 6.17 -0.81
CA TYR A 54 -1.08 6.09 0.61
C TYR A 54 -0.53 4.78 1.10
N LYS A 55 -0.15 4.77 2.33
CA LYS A 55 0.40 3.64 2.99
C LYS A 55 -0.38 3.40 4.27
N ILE A 56 -0.82 2.22 4.46
CA ILE A 56 -1.54 1.88 5.67
C ILE A 56 -0.82 0.73 6.33
N LYS A 57 -0.85 0.68 7.63
CA LYS A 57 -0.15 -0.34 8.34
C LYS A 57 -0.95 -0.92 9.50
N LEU A 58 -0.86 -2.21 9.62
CA LEU A 58 -1.54 -2.97 10.65
C LEU A 58 -0.64 -3.02 11.86
N ARG A 59 -1.13 -2.51 12.95
CA ARG A 59 -0.35 -2.40 14.18
C ARG A 59 -0.08 -3.77 14.80
N SER A 60 -1.04 -4.65 14.66
CA SER A 60 -0.94 -5.99 15.22
C SER A 60 0.02 -6.89 14.41
N SER A 61 0.07 -6.68 13.12
CA SER A 61 0.81 -7.55 12.25
C SER A 61 2.19 -7.00 11.87
N GLY A 62 2.30 -5.68 11.70
CA GLY A 62 3.56 -5.10 11.27
C GLY A 62 3.66 -5.06 9.76
N TYR A 63 2.58 -5.40 9.12
CA TYR A 63 2.48 -5.40 7.68
C TYR A 63 1.91 -4.09 7.21
N ARG A 64 2.09 -3.81 5.95
CA ARG A 64 1.57 -2.61 5.36
C ARG A 64 0.97 -2.91 4.00
N LEU A 65 0.31 -1.95 3.46
CA LEU A 65 -0.29 -2.02 2.18
C LEU A 65 -0.13 -0.67 1.52
N VAL A 66 0.41 -0.68 0.35
CA VAL A 66 0.69 0.53 -0.40
C VAL A 66 -0.30 0.57 -1.54
N TYR A 67 -1.02 1.66 -1.69
CA TYR A 67 -1.99 1.75 -2.76
C TYR A 67 -2.00 3.16 -3.34
N GLN A 68 -2.78 3.33 -4.37
CA GLN A 68 -2.94 4.59 -5.03
C GLN A 68 -4.42 4.85 -5.22
N VAL A 69 -4.80 6.07 -5.05
CA VAL A 69 -6.16 6.51 -5.21
C VAL A 69 -6.35 7.04 -6.60
N ILE A 70 -7.05 6.30 -7.40
CA ILE A 70 -7.32 6.71 -8.75
C ILE A 70 -8.73 7.28 -8.79
N ASP A 71 -8.84 8.58 -8.87
CA ASP A 71 -10.16 9.19 -8.83
C ASP A 71 -10.83 9.20 -10.19
N GLU A 72 -10.03 9.08 -11.24
CA GLU A 72 -10.55 9.05 -12.62
C GLU A 72 -11.33 7.76 -12.89
N LYS A 73 -10.81 6.66 -12.42
CA LYS A 73 -11.45 5.36 -12.62
C LYS A 73 -12.26 4.98 -11.39
N VAL A 74 -12.12 5.82 -10.36
CA VAL A 74 -12.75 5.67 -9.04
C VAL A 74 -12.43 4.30 -8.45
N VAL A 75 -11.20 4.09 -8.13
CA VAL A 75 -10.78 2.81 -7.68
C VAL A 75 -9.54 2.92 -6.78
N VAL A 76 -9.43 2.03 -5.84
CA VAL A 76 -8.30 1.93 -4.96
C VAL A 76 -7.40 0.83 -5.49
N PHE A 77 -6.38 1.24 -6.19
CA PHE A 77 -5.47 0.31 -6.83
C PHE A 77 -4.28 0.03 -5.94
N VAL A 78 -4.28 -1.13 -5.36
CA VAL A 78 -3.21 -1.54 -4.50
C VAL A 78 -1.99 -1.96 -5.32
N ILE A 79 -0.89 -1.36 -4.98
CA ILE A 79 0.36 -1.54 -5.66
C ILE A 79 1.15 -2.69 -5.03
N SER A 80 1.22 -2.73 -3.72
CA SER A 80 2.02 -3.72 -3.02
C SER A 80 1.36 -4.13 -1.71
N VAL A 81 1.47 -5.39 -1.36
CA VAL A 81 0.92 -5.91 -0.11
C VAL A 81 2.01 -6.66 0.66
N GLY A 82 2.23 -6.32 1.90
CA GLY A 82 3.18 -7.06 2.69
C GLY A 82 4.06 -6.16 3.48
N LYS A 83 5.21 -6.63 3.82
CA LYS A 83 6.14 -5.82 4.56
C LYS A 83 7.14 -5.22 3.61
N ALA A 84 7.72 -4.14 4.00
CA ALA A 84 8.70 -3.47 3.22
C ALA A 84 9.80 -3.02 4.12
N GLU A 85 10.86 -2.53 3.53
CA GLU A 85 11.94 -2.00 4.30
C GLU A 85 11.53 -0.68 4.93
N ALA A 86 11.31 -0.73 6.20
CA ALA A 86 10.90 0.42 6.96
C ALA A 86 11.60 0.44 8.28
N SER A 87 12.58 -0.39 8.40
CA SER A 87 13.23 -0.55 9.65
C SER A 87 14.59 0.14 9.66
N GLU A 88 15.37 -0.02 8.60
CA GLU A 88 16.72 0.53 8.63
C GLU A 88 17.25 1.02 7.28
N VAL A 89 16.38 1.28 6.32
CA VAL A 89 16.80 1.84 5.01
C VAL A 89 17.56 3.18 5.19
N TYR A 90 17.13 3.95 6.16
CA TYR A 90 17.70 5.26 6.39
C TYR A 90 19.00 5.21 7.17
N SER A 91 19.45 4.03 7.51
CA SER A 91 20.70 3.89 8.19
C SER A 91 21.82 3.80 7.14
N GLU A 92 21.42 3.54 5.90
CA GLU A 92 22.34 3.50 4.77
C GLU A 92 22.54 4.91 4.24
N ALA A 93 21.45 5.65 4.19
CA ALA A 93 21.42 6.96 3.60
C ALA A 93 22.06 8.02 4.49
N VAL A 94 23.34 8.17 4.34
CA VAL A 94 24.09 9.18 5.05
C VAL A 94 24.11 10.47 4.26
N LYS A 95 24.00 11.55 4.94
CA LYS A 95 23.92 12.85 4.32
C LYS A 95 25.15 13.68 4.68
N ARG A 96 26.18 12.98 5.15
CA ARG A 96 27.46 13.60 5.47
C ARG A 96 28.41 13.51 4.28
N ILE A 97 27.98 12.84 3.24
CA ILE A 97 28.79 12.64 2.07
C ILE A 97 28.26 13.47 0.91
N LEU A 98 28.86 13.35 -0.25
CA LEU A 98 28.40 14.05 -1.42
C LEU A 98 28.03 13.03 -2.49
N LYS B 4 2.40 19.62 9.47
CA LYS B 4 2.18 18.18 9.40
C LYS B 4 1.61 17.81 8.07
N GLN B 5 2.14 16.77 7.50
CA GLN B 5 1.69 16.28 6.24
C GLN B 5 1.16 14.88 6.40
N THR B 6 1.95 14.05 7.03
CA THR B 6 1.65 12.64 7.16
C THR B 6 2.60 12.01 8.18
N LEU B 7 2.31 10.79 8.61
CA LEU B 7 3.18 10.08 9.52
C LEU B 7 4.29 9.43 8.73
N LEU B 8 5.23 10.24 8.32
CA LEU B 8 6.32 9.81 7.50
C LEU B 8 7.58 9.48 8.28
N SER B 9 8.44 8.79 7.62
CA SER B 9 9.72 8.40 8.08
C SER B 9 10.51 8.15 6.81
N ASP B 10 11.52 7.36 6.85
CA ASP B 10 12.22 7.05 5.65
C ASP B 10 11.76 5.75 5.06
N GLU B 11 10.70 5.21 5.63
CA GLU B 11 10.05 4.04 5.07
C GLU B 11 9.44 4.47 3.73
N ASP B 12 8.99 5.72 3.73
CA ASP B 12 8.39 6.39 2.61
C ASP B 12 9.35 6.39 1.46
N ALA B 13 10.61 6.56 1.78
CA ALA B 13 11.68 6.59 0.78
C ALA B 13 11.83 5.24 0.05
N GLU B 14 11.40 4.17 0.70
CA GLU B 14 11.47 2.84 0.11
C GLU B 14 10.20 2.61 -0.70
N LEU B 15 9.06 2.94 -0.11
CA LEU B 15 7.77 2.75 -0.76
C LEU B 15 7.63 3.54 -2.06
N VAL B 16 8.24 4.72 -2.12
CA VAL B 16 8.16 5.54 -3.32
C VAL B 16 8.88 4.89 -4.50
N GLU B 17 9.98 4.19 -4.23
CA GLU B 17 10.68 3.54 -5.30
C GLU B 17 9.99 2.25 -5.70
N ILE B 18 9.33 1.61 -4.75
CA ILE B 18 8.58 0.37 -5.02
C ILE B 18 7.35 0.66 -5.92
N VAL B 19 6.66 1.75 -5.64
CA VAL B 19 5.48 2.11 -6.39
C VAL B 19 5.84 2.53 -7.82
N LYS B 20 6.79 3.46 -7.96
CA LYS B 20 7.22 3.95 -9.27
C LYS B 20 7.77 2.80 -10.12
N GLU B 21 8.33 1.82 -9.44
CA GLU B 21 8.86 0.62 -10.05
C GLU B 21 7.72 -0.18 -10.66
N ARG B 22 6.78 -0.60 -9.83
CA ARG B 22 5.67 -1.41 -10.30
C ARG B 22 4.78 -0.66 -11.26
N LEU B 23 4.90 0.66 -11.24
CA LEU B 23 4.11 1.48 -12.16
C LEU B 23 4.57 1.37 -13.62
N ARG B 24 5.67 0.68 -13.90
CA ARG B 24 6.10 0.50 -15.28
C ARG B 24 5.45 -0.72 -15.91
N ASN B 25 4.95 -1.62 -15.08
CA ASN B 25 4.19 -2.80 -15.54
C ASN B 25 3.40 -3.45 -14.39
N PRO B 26 2.28 -2.83 -14.03
CA PRO B 26 1.44 -3.33 -12.94
C PRO B 26 0.43 -4.40 -13.39
N LYS B 27 -0.50 -3.99 -14.30
CA LYS B 27 -1.62 -4.82 -14.76
C LYS B 27 -2.62 -5.02 -13.63
N PRO B 28 -3.58 -4.09 -13.48
CA PRO B 28 -4.57 -4.18 -12.43
C PRO B 28 -5.75 -5.11 -12.76
N VAL B 29 -6.26 -5.72 -11.73
CA VAL B 29 -7.39 -6.61 -11.77
C VAL B 29 -8.45 -6.03 -10.84
N ARG B 30 -9.53 -5.54 -11.42
CA ARG B 30 -10.59 -4.88 -10.66
C ARG B 30 -11.36 -5.94 -9.88
N VAL B 31 -11.30 -5.86 -8.59
CA VAL B 31 -11.89 -6.84 -7.73
C VAL B 31 -12.82 -6.20 -6.70
N THR B 32 -13.30 -7.04 -5.82
CA THR B 32 -14.14 -6.69 -4.71
C THR B 32 -13.60 -7.38 -3.46
N LEU B 33 -14.09 -7.02 -2.29
CA LEU B 33 -13.62 -7.61 -1.04
C LEU B 33 -14.28 -8.94 -0.83
N ASP B 34 -15.50 -9.04 -1.33
CA ASP B 34 -16.31 -10.24 -1.22
C ASP B 34 -15.64 -11.42 -1.93
N GLU B 35 -14.94 -11.14 -3.00
CA GLU B 35 -14.31 -12.20 -3.78
C GLU B 35 -12.92 -12.54 -3.25
N LEU B 36 -12.43 -11.75 -2.30
CA LEU B 36 -11.14 -12.01 -1.72
C LEU B 36 -11.24 -13.14 -0.71
N MET A 4 -19.54 1.55 0.02
CA MET A 4 -18.43 1.26 -0.89
C MET A 4 -18.57 2.08 -2.14
N ALA A 5 -17.90 3.20 -2.18
CA ALA A 5 -17.97 4.06 -3.35
C ALA A 5 -16.93 3.64 -4.36
N TYR A 6 -15.80 3.25 -3.87
CA TYR A 6 -14.68 2.91 -4.71
C TYR A 6 -14.62 1.43 -4.99
N PHE A 7 -14.20 1.11 -6.20
CA PHE A 7 -13.96 -0.27 -6.60
C PHE A 7 -12.59 -0.69 -6.08
N LEU A 8 -12.25 -1.95 -6.21
CA LEU A 8 -11.00 -2.43 -5.70
C LEU A 8 -10.12 -2.92 -6.86
N ASP A 9 -8.87 -2.54 -6.86
CA ASP A 9 -7.91 -2.94 -7.91
C ASP A 9 -6.62 -3.43 -7.27
N PHE A 10 -5.97 -4.37 -7.91
CA PHE A 10 -4.70 -4.90 -7.42
C PHE A 10 -3.71 -5.10 -8.54
N ASP A 11 -2.47 -4.80 -8.26
CA ASP A 11 -1.33 -5.07 -9.15
C ASP A 11 -1.10 -6.58 -9.24
N GLU A 12 -0.61 -7.06 -10.40
CA GLU A 12 -0.37 -8.49 -10.63
C GLU A 12 0.54 -9.09 -9.55
N ARG A 13 1.50 -8.33 -9.06
CA ARG A 13 2.41 -8.83 -8.04
C ARG A 13 1.68 -8.82 -6.68
N ALA A 14 0.92 -7.74 -6.45
CA ALA A 14 0.12 -7.54 -5.23
C ALA A 14 -0.91 -8.65 -5.01
N LEU A 15 -1.38 -9.23 -6.11
CA LEU A 15 -2.30 -10.36 -6.07
C LEU A 15 -1.66 -11.49 -5.30
N LYS A 16 -0.44 -11.78 -5.69
CA LYS A 16 0.30 -12.88 -5.17
C LYS A 16 0.68 -12.56 -3.73
N GLU A 17 0.81 -11.26 -3.44
CA GLU A 17 1.20 -10.77 -2.12
C GLU A 17 0.23 -11.18 -1.02
N TRP A 18 -1.08 -11.02 -1.23
CA TRP A 18 -2.00 -11.40 -0.16
C TRP A 18 -2.10 -12.92 -0.08
N ARG A 19 -1.76 -13.57 -1.17
CA ARG A 19 -1.85 -15.01 -1.24
C ARG A 19 -0.63 -15.70 -0.64
N LYS A 20 0.43 -14.94 -0.42
CA LYS A 20 1.64 -15.48 0.19
C LYS A 20 1.73 -15.13 1.67
N LEU A 21 0.74 -14.41 2.16
CA LEU A 21 0.71 -14.04 3.55
C LEU A 21 -0.44 -14.72 4.29
N GLY A 22 -0.46 -14.56 5.59
CA GLY A 22 -1.44 -15.21 6.43
C GLY A 22 -2.88 -14.79 6.20
N SER A 23 -3.78 -15.70 6.51
CA SER A 23 -5.19 -15.52 6.37
C SER A 23 -5.71 -14.34 7.20
N THR A 24 -5.34 -14.29 8.46
CA THR A 24 -5.78 -13.24 9.34
C THR A 24 -5.18 -11.90 8.90
N VAL A 25 -3.96 -11.94 8.38
CA VAL A 25 -3.30 -10.75 7.86
C VAL A 25 -4.08 -10.20 6.67
N ARG A 26 -4.46 -11.08 5.72
CA ARG A 26 -5.17 -10.63 4.53
C ARG A 26 -6.52 -10.05 4.91
N GLU A 27 -7.15 -10.64 5.92
CA GLU A 27 -8.45 -10.19 6.35
C GLU A 27 -8.39 -8.83 7.00
N GLN A 28 -7.36 -8.59 7.79
CA GLN A 28 -7.16 -7.29 8.40
C GLN A 28 -6.96 -6.23 7.34
N LEU A 29 -6.25 -6.59 6.29
CA LEU A 29 -6.00 -5.70 5.17
C LEU A 29 -7.31 -5.39 4.45
N LYS A 30 -8.16 -6.39 4.33
CA LYS A 30 -9.48 -6.26 3.73
C LYS A 30 -10.37 -5.36 4.57
N LYS A 31 -10.15 -5.36 5.87
CA LYS A 31 -10.86 -4.47 6.76
C LYS A 31 -10.41 -3.02 6.53
N LYS A 32 -9.14 -2.84 6.25
CA LYS A 32 -8.60 -1.51 6.00
C LYS A 32 -9.08 -1.02 4.63
N LEU A 33 -9.38 -1.96 3.77
CA LEU A 33 -9.90 -1.65 2.47
C LEU A 33 -11.38 -1.32 2.53
N VAL A 34 -12.12 -1.94 3.44
CA VAL A 34 -13.56 -1.67 3.55
C VAL A 34 -13.82 -0.25 4.09
N GLU A 35 -12.82 0.33 4.75
CA GLU A 35 -12.96 1.69 5.23
C GLU A 35 -12.41 2.65 4.19
N VAL A 36 -11.51 2.14 3.38
CA VAL A 36 -10.84 2.95 2.40
C VAL A 36 -11.75 3.20 1.20
N LEU A 37 -12.64 2.25 0.94
CA LEU A 37 -13.58 2.34 -0.18
C LEU A 37 -14.68 3.34 0.15
N GLU A 38 -14.69 3.80 1.37
CA GLU A 38 -15.61 4.79 1.85
C GLU A 38 -14.93 6.15 1.81
N SER A 39 -13.68 6.16 2.22
CA SER A 39 -12.93 7.38 2.33
C SER A 39 -11.43 7.06 2.18
N PRO A 40 -10.88 7.17 0.95
CA PRO A 40 -9.49 6.89 0.70
C PRO A 40 -8.58 8.12 0.78
N ARG A 41 -9.18 9.29 0.94
CA ARG A 41 -8.38 10.50 1.01
C ARG A 41 -8.01 10.72 2.46
N ILE A 42 -6.86 10.23 2.84
CA ILE A 42 -6.37 10.38 4.19
C ILE A 42 -4.96 10.91 4.10
N GLU A 43 -4.83 12.25 4.12
CA GLU A 43 -3.52 12.92 3.92
C GLU A 43 -2.45 12.47 4.91
N ALA A 44 -2.91 12.03 6.06
CA ALA A 44 -2.03 11.59 7.11
C ALA A 44 -1.21 10.37 6.70
N ASN A 45 -1.80 9.53 5.87
CA ASN A 45 -1.16 8.29 5.47
C ASN A 45 -0.40 8.42 4.14
N LYS A 46 -0.28 9.64 3.62
CA LYS A 46 0.36 9.84 2.30
C LYS A 46 1.82 9.35 2.28
N LEU A 47 2.24 8.91 1.12
CA LEU A 47 3.56 8.38 0.92
C LEU A 47 4.51 9.54 0.61
N ARG A 48 5.72 9.42 1.06
CA ARG A 48 6.67 10.51 0.98
C ARG A 48 7.32 10.60 -0.38
N GLY A 49 6.68 11.33 -1.26
CA GLY A 49 7.17 11.51 -2.59
C GLY A 49 6.18 11.03 -3.61
N MET A 50 5.11 10.44 -3.15
CA MET A 50 4.07 9.94 -4.04
C MET A 50 2.70 10.41 -3.57
N PRO A 51 2.20 11.50 -4.16
CA PRO A 51 0.86 12.01 -3.87
C PRO A 51 -0.22 11.03 -4.38
N ASP A 52 -1.36 11.00 -3.69
CA ASP A 52 -2.49 10.10 -4.02
C ASP A 52 -2.17 8.65 -3.74
N CYS A 53 -1.06 8.42 -3.09
CA CYS A 53 -0.65 7.11 -2.70
C CYS A 53 -0.53 7.13 -1.20
N TYR A 54 -1.19 6.20 -0.55
CA TYR A 54 -1.22 6.18 0.89
C TYR A 54 -0.91 4.79 1.37
N LYS A 55 -0.49 4.67 2.62
CA LYS A 55 -0.23 3.38 3.20
C LYS A 55 -1.01 3.25 4.49
N ILE A 56 -1.58 2.10 4.71
CA ILE A 56 -2.24 1.83 5.96
C ILE A 56 -1.58 0.64 6.58
N LYS A 57 -1.42 0.65 7.86
CA LYS A 57 -0.76 -0.40 8.57
C LYS A 57 -1.70 -1.16 9.45
N LEU A 58 -1.28 -2.33 9.79
CA LEU A 58 -1.91 -3.15 10.76
C LEU A 58 -1.07 -2.93 11.98
N ARG A 59 -1.57 -2.14 12.89
CA ARG A 59 -0.80 -1.57 13.99
C ARG A 59 -0.10 -2.62 14.87
N SER A 60 -0.80 -3.68 15.19
CA SER A 60 -0.28 -4.68 16.09
C SER A 60 0.53 -5.73 15.29
N SER A 61 0.16 -5.95 14.06
CA SER A 61 0.80 -6.91 13.21
C SER A 61 2.14 -6.37 12.68
N GLY A 62 2.10 -5.22 12.03
CA GLY A 62 3.29 -4.64 11.47
C GLY A 62 3.34 -4.76 9.97
N TYR A 63 2.25 -5.20 9.38
CA TYR A 63 2.12 -5.24 7.93
C TYR A 63 1.56 -3.92 7.41
N ARG A 64 1.57 -3.73 6.12
CA ARG A 64 1.11 -2.51 5.51
C ARG A 64 0.55 -2.81 4.12
N LEU A 65 -0.19 -1.88 3.60
CA LEU A 65 -0.74 -1.96 2.27
C LEU A 65 -0.66 -0.56 1.66
N VAL A 66 -0.22 -0.50 0.42
CA VAL A 66 -0.02 0.76 -0.28
C VAL A 66 -0.93 0.79 -1.48
N TYR A 67 -1.70 1.83 -1.60
CA TYR A 67 -2.65 1.95 -2.69
C TYR A 67 -2.58 3.36 -3.26
N GLN A 68 -2.99 3.49 -4.47
CA GLN A 68 -3.12 4.77 -5.11
C GLN A 68 -4.58 5.06 -5.30
N VAL A 69 -4.95 6.27 -5.15
CA VAL A 69 -6.33 6.65 -5.30
C VAL A 69 -6.58 7.11 -6.70
N ILE A 70 -7.37 6.38 -7.41
CA ILE A 70 -7.73 6.77 -8.73
C ILE A 70 -9.14 7.29 -8.65
N ASP A 71 -9.30 8.57 -8.69
CA ASP A 71 -10.61 9.17 -8.57
C ASP A 71 -11.32 9.18 -9.89
N GLU A 72 -10.56 9.18 -10.97
CA GLU A 72 -11.14 9.20 -12.32
C GLU A 72 -11.83 7.89 -12.69
N LYS A 73 -11.46 6.80 -12.04
CA LYS A 73 -12.14 5.52 -12.28
C LYS A 73 -12.86 5.07 -11.03
N VAL A 74 -12.67 5.85 -9.97
CA VAL A 74 -13.19 5.59 -8.63
C VAL A 74 -12.77 4.19 -8.15
N VAL A 75 -11.51 4.04 -7.81
CA VAL A 75 -10.98 2.75 -7.45
C VAL A 75 -9.68 2.92 -6.67
N VAL A 76 -9.38 1.99 -5.79
CA VAL A 76 -8.12 1.99 -5.09
C VAL A 76 -7.20 0.94 -5.70
N PHE A 77 -6.13 1.38 -6.26
CA PHE A 77 -5.22 0.51 -6.93
C PHE A 77 -4.07 0.14 -6.01
N VAL A 78 -4.18 -0.99 -5.39
CA VAL A 78 -3.18 -1.48 -4.48
C VAL A 78 -1.96 -1.95 -5.25
N ILE A 79 -0.85 -1.32 -4.97
CA ILE A 79 0.39 -1.61 -5.66
C ILE A 79 1.18 -2.68 -4.94
N SER A 80 1.27 -2.57 -3.63
CA SER A 80 2.05 -3.52 -2.89
C SER A 80 1.40 -3.83 -1.56
N VAL A 81 1.63 -5.03 -1.10
CA VAL A 81 1.05 -5.57 0.11
C VAL A 81 2.15 -6.37 0.80
N GLY A 82 2.22 -6.30 2.09
CA GLY A 82 3.21 -7.07 2.80
C GLY A 82 3.89 -6.22 3.81
N LYS A 83 5.13 -6.49 4.08
CA LYS A 83 5.86 -5.69 5.01
C LYS A 83 6.75 -4.72 4.29
N ALA A 84 7.09 -3.64 4.93
CA ALA A 84 7.86 -2.61 4.32
C ALA A 84 9.32 -2.80 4.57
N GLU A 85 10.10 -2.42 3.61
CA GLU A 85 11.51 -2.42 3.74
C GLU A 85 11.95 -1.22 4.56
N ALA A 86 12.55 -1.54 5.65
CA ALA A 86 13.14 -0.62 6.58
C ALA A 86 13.89 -1.50 7.53
N SER A 87 14.31 -2.63 7.01
CA SER A 87 14.87 -3.68 7.80
C SER A 87 16.37 -3.81 7.54
N GLU A 88 16.76 -3.64 6.30
CA GLU A 88 18.16 -3.81 5.93
C GLU A 88 18.71 -2.60 5.19
N VAL A 89 17.83 -1.78 4.64
CA VAL A 89 18.25 -0.59 3.89
C VAL A 89 19.15 0.36 4.72
N TYR A 90 18.78 0.59 5.97
CA TYR A 90 19.52 1.51 6.83
C TYR A 90 20.84 0.90 7.31
N SER A 91 20.99 -0.41 7.12
CA SER A 91 22.19 -1.09 7.51
C SER A 91 23.28 -0.81 6.47
N GLU A 92 22.86 -0.60 5.23
CA GLU A 92 23.79 -0.32 4.16
C GLU A 92 23.90 1.18 3.92
N ALA A 93 22.73 1.85 3.91
CA ALA A 93 22.60 3.27 3.57
C ALA A 93 22.89 3.44 2.08
N VAL A 94 23.02 4.63 1.59
CA VAL A 94 23.32 4.79 0.19
C VAL A 94 24.72 5.30 -0.07
N LYS A 95 25.41 4.57 -0.90
CA LYS A 95 26.76 4.91 -1.32
C LYS A 95 26.88 4.83 -2.83
N ARG A 96 25.83 4.37 -3.47
CA ARG A 96 25.84 4.25 -4.91
C ARG A 96 25.11 5.42 -5.51
N ILE A 97 23.85 5.58 -5.13
CA ILE A 97 23.01 6.63 -5.68
C ILE A 97 22.32 7.37 -4.56
N LEU A 98 21.58 8.41 -4.94
CA LEU A 98 20.81 9.26 -4.04
C LEU A 98 21.70 10.01 -3.07
N LYS B 4 -2.63 17.74 12.65
CA LYS B 4 -2.25 17.28 11.31
C LYS B 4 -0.87 16.68 11.43
N GLN B 5 -0.63 15.60 10.73
CA GLN B 5 0.66 14.93 10.83
C GLN B 5 0.78 13.96 9.68
N THR B 6 1.92 13.94 9.10
CA THR B 6 2.23 13.04 8.05
C THR B 6 2.87 11.78 8.63
N LEU B 7 2.17 10.68 8.58
CA LEU B 7 2.68 9.45 9.05
C LEU B 7 3.55 8.82 7.97
N LEU B 8 4.77 9.22 7.99
CA LEU B 8 5.75 8.76 7.10
C LEU B 8 6.94 8.28 7.89
N SER B 9 7.75 7.46 7.30
CA SER B 9 8.89 6.92 7.96
C SER B 9 9.96 6.57 6.91
N ASP B 10 10.94 5.80 7.31
CA ASP B 10 12.08 5.42 6.46
C ASP B 10 11.63 4.43 5.42
N GLU B 11 10.54 3.76 5.74
CA GLU B 11 9.92 2.81 4.84
C GLU B 11 9.40 3.52 3.59
N ASP B 12 8.94 4.76 3.75
CA ASP B 12 8.41 5.57 2.63
C ASP B 12 9.39 5.68 1.53
N ALA B 13 10.64 5.84 1.88
CA ALA B 13 11.69 6.01 0.89
C ALA B 13 11.90 4.73 0.09
N GLU B 14 11.53 3.64 0.68
CA GLU B 14 11.69 2.35 0.08
C GLU B 14 10.43 1.98 -0.68
N LEU B 15 9.31 2.37 -0.16
CA LEU B 15 8.04 2.13 -0.79
C LEU B 15 7.87 2.95 -2.05
N VAL B 16 8.51 4.12 -2.10
CA VAL B 16 8.42 4.95 -3.28
C VAL B 16 9.18 4.32 -4.46
N GLU B 17 10.26 3.58 -4.16
CA GLU B 17 10.98 2.89 -5.22
C GLU B 17 10.24 1.61 -5.62
N ILE B 18 9.54 1.00 -4.69
CA ILE B 18 8.76 -0.20 -4.95
C ILE B 18 7.54 0.11 -5.83
N VAL B 19 6.89 1.24 -5.59
CA VAL B 19 5.73 1.63 -6.37
C VAL B 19 6.12 1.99 -7.81
N LYS B 20 7.18 2.81 -7.95
CA LYS B 20 7.67 3.22 -9.27
C LYS B 20 8.22 2.02 -10.04
N GLU B 21 8.58 0.98 -9.29
CA GLU B 21 9.00 -0.29 -9.83
C GLU B 21 7.83 -1.00 -10.45
N ARG B 22 6.85 -1.32 -9.63
CA ARG B 22 5.69 -2.08 -10.07
C ARG B 22 4.86 -1.33 -11.09
N LEU B 23 5.03 -0.01 -11.12
CA LEU B 23 4.37 0.79 -12.14
C LEU B 23 5.00 0.63 -13.53
N ARG B 24 6.10 -0.14 -13.63
CA ARG B 24 6.75 -0.37 -14.93
C ARG B 24 5.82 -1.20 -15.83
N ASN B 25 5.21 -2.22 -15.24
CA ASN B 25 4.26 -3.11 -15.88
C ASN B 25 3.41 -3.68 -14.78
N PRO B 26 2.36 -2.95 -14.37
CA PRO B 26 1.54 -3.36 -13.23
C PRO B 26 0.64 -4.55 -13.54
N LYS B 27 -0.21 -4.36 -14.56
CA LYS B 27 -1.23 -5.33 -14.95
C LYS B 27 -2.23 -5.56 -13.82
N PRO B 28 -3.12 -4.58 -13.61
CA PRO B 28 -4.10 -4.63 -12.56
C PRO B 28 -5.30 -5.51 -12.87
N VAL B 29 -5.94 -5.94 -11.83
CA VAL B 29 -7.11 -6.75 -11.89
C VAL B 29 -8.15 -6.10 -11.00
N ARG B 30 -9.32 -5.87 -11.53
CA ARG B 30 -10.40 -5.30 -10.76
C ARG B 30 -10.97 -6.42 -9.92
N VAL B 31 -11.04 -6.21 -8.63
CA VAL B 31 -11.55 -7.18 -7.70
C VAL B 31 -12.49 -6.51 -6.69
N THR B 32 -13.03 -7.31 -5.83
CA THR B 32 -13.86 -6.88 -4.73
C THR B 32 -13.37 -7.60 -3.50
N LEU B 33 -13.69 -7.12 -2.33
CA LEU B 33 -13.27 -7.76 -1.08
C LEU B 33 -13.96 -9.10 -0.91
N ASP B 34 -15.14 -9.19 -1.48
CA ASP B 34 -15.97 -10.40 -1.48
C ASP B 34 -15.25 -11.57 -2.15
N GLU B 35 -14.52 -11.28 -3.20
CA GLU B 35 -13.88 -12.32 -3.98
C GLU B 35 -12.43 -12.55 -3.54
N LEU B 36 -11.95 -11.76 -2.59
CA LEU B 36 -10.59 -11.98 -2.09
C LEU B 36 -10.60 -13.09 -1.05
N MET A 4 -19.59 -1.01 -4.78
CA MET A 4 -19.31 -0.34 -3.52
C MET A 4 -19.47 1.16 -3.69
N ALA A 5 -18.48 1.79 -4.29
CA ALA A 5 -18.44 3.21 -4.58
C ALA A 5 -17.23 3.40 -5.44
N TYR A 6 -16.10 3.09 -4.88
CA TYR A 6 -14.89 2.99 -5.64
C TYR A 6 -14.71 1.56 -6.04
N PHE A 7 -14.15 1.33 -7.21
CA PHE A 7 -13.87 -0.03 -7.64
C PHE A 7 -12.63 -0.53 -6.91
N LEU A 8 -12.40 -1.82 -6.93
CA LEU A 8 -11.27 -2.33 -6.23
C LEU A 8 -10.36 -3.00 -7.22
N ASP A 9 -9.10 -2.67 -7.15
CA ASP A 9 -8.11 -3.22 -8.06
C ASP A 9 -6.86 -3.54 -7.33
N PHE A 10 -6.19 -4.54 -7.79
CA PHE A 10 -4.92 -4.93 -7.21
C PHE A 10 -3.92 -5.19 -8.31
N ASP A 11 -2.70 -4.82 -8.05
CA ASP A 11 -1.56 -5.14 -8.91
C ASP A 11 -1.43 -6.65 -8.99
N GLU A 12 -1.07 -7.16 -10.15
CA GLU A 12 -0.99 -8.60 -10.40
C GLU A 12 -0.12 -9.30 -9.35
N ARG A 13 1.00 -8.70 -8.98
CA ARG A 13 1.86 -9.29 -7.96
C ARG A 13 1.19 -9.20 -6.59
N ALA A 14 0.49 -8.10 -6.34
CA ALA A 14 -0.24 -7.87 -5.09
C ALA A 14 -1.28 -8.95 -4.79
N LEU A 15 -1.86 -9.53 -5.85
CA LEU A 15 -2.79 -10.66 -5.67
C LEU A 15 -2.11 -11.82 -4.98
N LYS A 16 -0.91 -12.09 -5.43
CA LYS A 16 -0.15 -13.23 -4.97
C LYS A 16 0.31 -12.92 -3.55
N GLU A 17 0.54 -11.64 -3.29
CA GLU A 17 1.02 -11.16 -2.01
C GLU A 17 0.12 -11.53 -0.85
N TRP A 18 -1.19 -11.31 -0.95
CA TRP A 18 -2.03 -11.61 0.20
C TRP A 18 -2.16 -13.12 0.36
N ARG A 19 -2.00 -13.82 -0.75
CA ARG A 19 -2.15 -15.25 -0.76
C ARG A 19 -0.94 -15.97 -0.14
N LYS A 20 0.22 -15.32 -0.15
CA LYS A 20 1.44 -15.91 0.39
C LYS A 20 1.68 -15.52 1.86
N LEU A 21 0.89 -14.59 2.38
CA LEU A 21 1.07 -14.14 3.75
C LEU A 21 0.01 -14.70 4.70
N GLY A 22 0.09 -14.33 5.96
CA GLY A 22 -0.81 -14.82 6.96
C GLY A 22 -2.23 -14.30 6.81
N SER A 23 -3.18 -15.15 7.14
CA SER A 23 -4.58 -14.86 7.01
C SER A 23 -5.04 -13.65 7.85
N THR A 24 -4.59 -13.59 9.11
CA THR A 24 -5.00 -12.52 10.02
C THR A 24 -4.63 -11.14 9.43
N VAL A 25 -3.50 -11.08 8.78
CA VAL A 25 -3.03 -9.87 8.15
C VAL A 25 -3.98 -9.42 7.04
N ARG A 26 -4.29 -10.33 6.13
CA ARG A 26 -5.12 -9.99 4.99
C ARG A 26 -6.56 -9.67 5.38
N GLU A 27 -7.03 -10.24 6.48
CA GLU A 27 -8.36 -9.93 7.00
C GLU A 27 -8.43 -8.47 7.45
N GLN A 28 -7.42 -8.06 8.22
CA GLN A 28 -7.33 -6.70 8.75
C GLN A 28 -7.27 -5.69 7.61
N LEU A 29 -6.56 -6.08 6.57
CA LEU A 29 -6.42 -5.27 5.39
C LEU A 29 -7.75 -5.12 4.65
N LYS A 30 -8.51 -6.22 4.54
CA LYS A 30 -9.82 -6.18 3.86
C LYS A 30 -10.79 -5.27 4.60
N LYS A 31 -10.62 -5.18 5.90
CA LYS A 31 -11.48 -4.33 6.69
C LYS A 31 -11.24 -2.87 6.37
N LYS A 32 -9.99 -2.49 6.27
CA LYS A 32 -9.70 -1.15 5.92
C LYS A 32 -9.96 -0.85 4.46
N LEU A 33 -10.05 -1.89 3.66
CA LEU A 33 -10.39 -1.70 2.28
C LEU A 33 -11.88 -1.42 2.13
N VAL A 34 -12.70 -1.94 3.02
CA VAL A 34 -14.13 -1.69 2.93
C VAL A 34 -14.47 -0.28 3.40
N GLU A 35 -13.59 0.34 4.19
CA GLU A 35 -13.84 1.70 4.64
C GLU A 35 -13.25 2.66 3.62
N VAL A 36 -12.24 2.19 2.92
CA VAL A 36 -11.48 2.99 2.02
C VAL A 36 -12.22 3.20 0.71
N LEU A 37 -13.04 2.22 0.32
CA LEU A 37 -13.80 2.30 -0.93
C LEU A 37 -14.86 3.39 -0.90
N GLU A 38 -15.12 3.91 0.28
CA GLU A 38 -16.06 4.98 0.44
C GLU A 38 -15.31 6.32 0.50
N SER A 39 -14.22 6.35 1.25
CA SER A 39 -13.45 7.57 1.43
C SER A 39 -11.95 7.21 1.44
N PRO A 40 -11.32 7.15 0.26
CA PRO A 40 -9.94 6.73 0.13
C PRO A 40 -8.90 7.82 0.35
N ARG A 41 -9.29 9.06 0.28
CA ARG A 41 -8.32 10.11 0.41
C ARG A 41 -8.05 10.47 1.86
N ILE A 42 -7.01 9.88 2.39
CA ILE A 42 -6.61 10.11 3.75
C ILE A 42 -5.15 10.55 3.71
N GLU A 43 -4.90 11.84 3.69
CA GLU A 43 -3.54 12.35 3.57
C GLU A 43 -2.72 12.09 4.82
N ALA A 44 -3.37 11.71 5.89
CA ALA A 44 -2.69 11.32 7.11
C ALA A 44 -2.08 9.92 6.95
N ASN A 45 -2.35 9.32 5.80
CA ASN A 45 -1.79 8.01 5.45
C ASN A 45 -0.93 8.12 4.20
N LYS A 46 -0.70 9.33 3.70
CA LYS A 46 0.04 9.49 2.44
C LYS A 46 1.53 9.26 2.64
N LEU A 47 2.21 9.01 1.55
CA LEU A 47 3.63 8.83 1.55
C LEU A 47 4.35 10.18 1.44
N ARG A 48 5.65 10.12 1.27
CA ARG A 48 6.47 11.30 1.14
C ARG A 48 6.39 11.87 -0.28
N GLY A 49 7.02 11.17 -1.21
CA GLY A 49 7.07 11.61 -2.59
C GLY A 49 5.74 11.46 -3.28
N MET A 50 5.05 10.40 -2.96
CA MET A 50 3.78 10.12 -3.60
C MET A 50 2.67 10.86 -2.88
N PRO A 51 1.93 11.73 -3.58
CA PRO A 51 0.89 12.57 -2.98
C PRO A 51 -0.35 11.78 -2.52
N ASP A 52 -0.99 11.08 -3.42
CA ASP A 52 -2.22 10.38 -3.06
C ASP A 52 -2.05 8.89 -3.06
N CYS A 53 -0.84 8.47 -2.82
CA CYS A 53 -0.55 7.10 -2.60
C CYS A 53 -0.42 6.95 -1.10
N TYR A 54 -1.19 6.07 -0.54
CA TYR A 54 -1.26 5.96 0.88
C TYR A 54 -0.74 4.60 1.32
N LYS A 55 -0.61 4.44 2.60
CA LYS A 55 -0.09 3.25 3.21
C LYS A 55 -0.98 2.87 4.37
N ILE A 56 -0.93 1.62 4.71
CA ILE A 56 -1.62 1.08 5.83
C ILE A 56 -0.64 0.16 6.51
N LYS A 57 -0.29 0.41 7.73
CA LYS A 57 0.63 -0.44 8.40
C LYS A 57 0.07 -0.93 9.72
N LEU A 58 0.06 -2.24 9.89
CA LEU A 58 -0.59 -2.89 11.00
C LEU A 58 0.04 -2.54 12.34
N ARG A 59 -0.77 -2.71 13.39
CA ARG A 59 -0.42 -2.30 14.74
C ARG A 59 0.76 -3.10 15.26
N SER A 60 0.63 -4.40 15.27
CA SER A 60 1.69 -5.26 15.69
C SER A 60 1.74 -6.46 14.76
N SER A 61 2.43 -6.30 13.65
CA SER A 61 2.55 -7.34 12.62
C SER A 61 3.73 -7.00 11.69
N GLY A 62 3.87 -5.71 11.40
CA GLY A 62 4.94 -5.25 10.55
C GLY A 62 4.60 -5.38 9.09
N TYR A 63 3.35 -5.60 8.80
CA TYR A 63 2.90 -5.71 7.44
C TYR A 63 2.32 -4.40 7.00
N ARG A 64 2.50 -4.08 5.75
CA ARG A 64 2.01 -2.86 5.19
C ARG A 64 1.22 -3.15 3.93
N LEU A 65 0.56 -2.17 3.45
CA LEU A 65 -0.16 -2.20 2.23
C LEU A 65 0.03 -0.83 1.63
N VAL A 66 0.32 -0.77 0.38
CA VAL A 66 0.54 0.48 -0.30
C VAL A 66 -0.46 0.53 -1.41
N TYR A 67 -1.15 1.63 -1.57
CA TYR A 67 -2.14 1.75 -2.61
C TYR A 67 -2.17 3.17 -3.12
N GLN A 68 -2.90 3.39 -4.15
CA GLN A 68 -3.06 4.69 -4.73
C GLN A 68 -4.52 4.89 -5.03
N VAL A 69 -5.01 6.06 -4.81
CA VAL A 69 -6.36 6.34 -5.14
C VAL A 69 -6.41 7.09 -6.46
N ILE A 70 -7.14 6.54 -7.38
CA ILE A 70 -7.37 7.19 -8.61
C ILE A 70 -8.78 7.70 -8.54
N ASP A 71 -8.92 8.98 -8.40
CA ASP A 71 -10.22 9.58 -8.20
C ASP A 71 -10.99 9.71 -9.50
N GLU A 72 -10.29 9.85 -10.62
CA GLU A 72 -10.99 9.97 -11.89
C GLU A 72 -11.46 8.62 -12.45
N LYS A 73 -10.67 7.57 -12.23
CA LYS A 73 -11.06 6.21 -12.63
C LYS A 73 -11.98 5.61 -11.59
N VAL A 74 -11.94 6.23 -10.42
CA VAL A 74 -12.73 5.84 -9.27
C VAL A 74 -12.35 4.42 -8.85
N VAL A 75 -11.15 4.28 -8.37
CA VAL A 75 -10.68 2.98 -8.00
C VAL A 75 -9.54 3.09 -6.97
N VAL A 76 -9.55 2.17 -6.04
CA VAL A 76 -8.51 2.04 -5.08
C VAL A 76 -7.59 0.97 -5.62
N PHE A 77 -6.52 1.40 -6.21
CA PHE A 77 -5.60 0.51 -6.85
C PHE A 77 -4.47 0.18 -5.90
N VAL A 78 -4.56 -0.97 -5.30
CA VAL A 78 -3.56 -1.45 -4.40
C VAL A 78 -2.33 -1.88 -5.17
N ILE A 79 -1.22 -1.36 -4.78
CA ILE A 79 0.05 -1.58 -5.43
C ILE A 79 0.75 -2.80 -4.85
N SER A 80 0.89 -2.83 -3.55
CA SER A 80 1.62 -3.90 -2.92
C SER A 80 0.97 -4.27 -1.61
N VAL A 81 1.12 -5.50 -1.21
CA VAL A 81 0.56 -6.02 0.01
C VAL A 81 1.64 -6.85 0.69
N GLY A 82 1.73 -6.75 1.97
CA GLY A 82 2.65 -7.59 2.69
C GLY A 82 3.81 -6.83 3.27
N LYS A 83 4.85 -7.53 3.57
CA LYS A 83 6.02 -6.92 4.09
C LYS A 83 7.04 -6.68 3.02
N ALA A 84 7.92 -5.80 3.33
CA ALA A 84 9.08 -5.57 2.58
C ALA A 84 10.21 -5.89 3.52
N GLU A 85 11.32 -6.25 2.98
CA GLU A 85 12.53 -6.46 3.74
C GLU A 85 13.10 -5.10 4.12
N ALA A 86 12.48 -4.51 5.08
CA ALA A 86 12.69 -3.12 5.42
C ALA A 86 13.95 -2.88 6.23
N SER A 87 14.34 -3.83 7.03
CA SER A 87 15.48 -3.68 7.92
C SER A 87 16.78 -3.40 7.13
N GLU A 88 16.90 -4.02 5.96
CA GLU A 88 18.07 -3.81 5.12
C GLU A 88 17.65 -3.55 3.67
N VAL A 89 16.47 -2.93 3.49
CA VAL A 89 15.95 -2.62 2.14
C VAL A 89 16.92 -1.75 1.35
N TYR A 90 17.42 -0.74 2.03
CA TYR A 90 18.32 0.25 1.47
C TYR A 90 19.63 -0.34 1.00
N SER A 91 20.04 -1.45 1.60
CA SER A 91 21.31 -2.09 1.29
C SER A 91 21.33 -2.66 -0.14
N GLU A 92 20.14 -2.82 -0.74
CA GLU A 92 20.02 -3.30 -2.09
C GLU A 92 20.45 -2.21 -3.06
N ALA A 93 20.00 -1.00 -2.79
CA ALA A 93 20.36 0.13 -3.60
C ALA A 93 21.70 0.68 -3.14
N VAL A 94 21.75 1.09 -1.92
CA VAL A 94 22.94 1.65 -1.38
C VAL A 94 23.67 0.67 -0.48
N LYS A 95 24.60 -0.01 -1.08
CA LYS A 95 25.44 -0.97 -0.43
C LYS A 95 26.62 -0.30 0.29
N ARG A 96 26.26 0.63 1.16
CA ARG A 96 27.19 1.49 1.90
C ARG A 96 27.80 2.52 0.96
N ILE A 97 26.97 3.45 0.57
CA ILE A 97 27.37 4.55 -0.28
C ILE A 97 27.67 5.74 0.61
N LEU A 98 26.94 5.81 1.69
CA LEU A 98 27.09 6.87 2.65
C LEU A 98 28.02 6.39 3.74
N LYS B 4 9.67 12.84 12.76
CA LYS B 4 10.41 13.93 13.40
C LYS B 4 9.67 15.27 13.26
N GLN B 5 9.60 15.77 12.04
CA GLN B 5 9.07 17.10 11.77
C GLN B 5 7.62 17.10 11.29
N THR B 6 7.11 15.95 10.92
CA THR B 6 5.77 15.86 10.39
C THR B 6 5.28 14.41 10.50
N LEU B 7 4.18 14.09 9.83
CA LEU B 7 3.55 12.78 9.86
C LEU B 7 4.43 11.72 9.17
N LEU B 8 5.06 12.10 8.07
CA LEU B 8 5.90 11.17 7.32
C LEU B 8 7.20 10.85 8.06
N SER B 9 7.77 9.70 7.79
CA SER B 9 8.94 9.25 8.42
C SER B 9 9.84 8.57 7.36
N ASP B 10 10.81 7.77 7.78
CA ASP B 10 11.72 7.10 6.86
C ASP B 10 11.00 6.03 6.04
N GLU B 11 10.00 5.41 6.63
CA GLU B 11 9.19 4.37 5.96
C GLU B 11 8.56 4.89 4.67
N ASP B 12 8.32 6.17 4.60
CA ASP B 12 7.71 6.76 3.43
C ASP B 12 8.66 6.75 2.27
N ALA B 13 9.94 6.79 2.57
CA ALA B 13 10.97 6.72 1.55
C ALA B 13 11.12 5.29 1.05
N GLU B 14 10.71 4.39 1.90
CA GLU B 14 10.82 2.98 1.68
C GLU B 14 9.70 2.55 0.77
N LEU B 15 8.52 3.00 1.08
CA LEU B 15 7.36 2.65 0.32
C LEU B 15 7.30 3.34 -1.04
N VAL B 16 7.91 4.53 -1.18
CA VAL B 16 7.89 5.20 -2.48
C VAL B 16 8.68 4.43 -3.54
N GLU B 17 9.78 3.80 -3.14
CA GLU B 17 10.57 3.04 -4.08
C GLU B 17 9.88 1.73 -4.46
N ILE B 18 9.02 1.25 -3.59
CA ILE B 18 8.26 0.03 -3.81
C ILE B 18 7.11 0.29 -4.79
N VAL B 19 6.39 1.38 -4.58
CA VAL B 19 5.26 1.72 -5.43
C VAL B 19 5.71 2.08 -6.87
N LYS B 20 6.79 2.87 -6.98
CA LYS B 20 7.31 3.27 -8.28
C LYS B 20 7.81 2.05 -9.07
N GLU B 21 8.17 0.99 -8.33
CA GLU B 21 8.58 -0.26 -8.93
C GLU B 21 7.40 -0.88 -9.64
N ARG B 22 6.34 -1.11 -8.90
CA ARG B 22 5.21 -1.79 -9.45
C ARG B 22 4.42 -0.91 -10.42
N LEU B 23 4.60 0.40 -10.35
CA LEU B 23 3.89 1.30 -11.29
C LEU B 23 4.40 1.20 -12.72
N ARG B 24 5.59 0.64 -12.93
CA ARG B 24 6.13 0.51 -14.28
C ARG B 24 5.44 -0.63 -15.03
N ASN B 25 5.12 -1.69 -14.31
CA ASN B 25 4.51 -2.87 -14.88
C ASN B 25 3.62 -3.53 -13.82
N PRO B 26 2.40 -3.01 -13.63
CA PRO B 26 1.46 -3.51 -12.61
C PRO B 26 0.45 -4.56 -13.12
N LYS B 27 -0.47 -4.13 -14.00
CA LYS B 27 -1.61 -4.94 -14.48
C LYS B 27 -2.65 -5.14 -13.37
N PRO B 28 -3.55 -4.17 -13.19
CA PRO B 28 -4.60 -4.26 -12.18
C PRO B 28 -5.69 -5.26 -12.57
N VAL B 29 -6.19 -5.94 -11.58
CA VAL B 29 -7.26 -6.89 -11.75
C VAL B 29 -8.48 -6.36 -11.01
N ARG B 30 -9.58 -6.20 -11.74
CA ARG B 30 -10.84 -5.73 -11.19
C ARG B 30 -11.37 -6.72 -10.21
N VAL B 31 -11.41 -6.34 -8.97
CA VAL B 31 -11.90 -7.20 -7.96
C VAL B 31 -12.84 -6.46 -7.02
N THR B 32 -13.39 -7.22 -6.14
CA THR B 32 -14.24 -6.77 -5.08
C THR B 32 -13.75 -7.46 -3.82
N LEU B 33 -14.10 -6.96 -2.67
CA LEU B 33 -13.72 -7.60 -1.42
C LEU B 33 -14.48 -8.90 -1.27
N ASP B 34 -15.61 -8.95 -1.93
CA ASP B 34 -16.47 -10.12 -2.00
C ASP B 34 -15.72 -11.31 -2.59
N GLU B 35 -15.01 -11.08 -3.68
CA GLU B 35 -14.30 -12.17 -4.34
C GLU B 35 -12.90 -12.40 -3.76
N LEU B 36 -12.49 -11.58 -2.79
CA LEU B 36 -11.19 -11.78 -2.18
C LEU B 36 -11.28 -12.87 -1.12
N MET A 4 -17.13 -0.71 -3.21
CA MET A 4 -18.23 0.03 -2.58
C MET A 4 -18.52 1.28 -3.40
N ALA A 5 -17.96 2.43 -3.02
CA ALA A 5 -18.09 3.61 -3.86
C ALA A 5 -16.96 3.54 -4.85
N TYR A 6 -15.80 3.22 -4.32
CA TYR A 6 -14.64 2.94 -5.11
C TYR A 6 -14.59 1.47 -5.37
N PHE A 7 -14.14 1.10 -6.53
CA PHE A 7 -13.97 -0.29 -6.90
C PHE A 7 -12.67 -0.78 -6.30
N LEU A 8 -12.41 -2.07 -6.38
CA LEU A 8 -11.22 -2.59 -5.81
C LEU A 8 -10.37 -3.18 -6.90
N ASP A 9 -9.15 -2.76 -6.96
CA ASP A 9 -8.23 -3.29 -7.97
C ASP A 9 -6.94 -3.67 -7.34
N PHE A 10 -6.38 -4.73 -7.80
CA PHE A 10 -5.10 -5.19 -7.32
C PHE A 10 -4.15 -5.38 -8.45
N ASP A 11 -2.95 -4.93 -8.24
CA ASP A 11 -1.85 -5.12 -9.18
C ASP A 11 -1.52 -6.61 -9.27
N GLU A 12 -1.07 -7.02 -10.44
CA GLU A 12 -0.66 -8.39 -10.74
C GLU A 12 0.28 -8.99 -9.67
N ARG A 13 1.15 -8.18 -9.10
CA ARG A 13 2.04 -8.69 -8.08
C ARG A 13 1.38 -8.70 -6.73
N ALA A 14 0.58 -7.65 -6.46
CA ALA A 14 -0.13 -7.50 -5.18
C ALA A 14 -1.02 -8.70 -4.89
N LEU A 15 -1.52 -9.30 -5.97
CA LEU A 15 -2.32 -10.53 -5.92
C LEU A 15 -1.55 -11.63 -5.20
N LYS A 16 -0.32 -11.81 -5.59
CA LYS A 16 0.49 -12.92 -5.10
C LYS A 16 0.99 -12.60 -3.71
N GLU A 17 0.97 -11.32 -3.40
CA GLU A 17 1.44 -10.80 -2.16
C GLU A 17 0.51 -11.09 -1.00
N TRP A 18 -0.80 -10.91 -1.18
CA TRP A 18 -1.70 -11.24 -0.06
C TRP A 18 -1.76 -12.74 0.12
N ARG A 19 -1.51 -13.45 -0.94
CA ARG A 19 -1.62 -14.90 -0.92
C ARG A 19 -0.40 -15.56 -0.28
N LYS A 20 0.69 -14.81 -0.08
CA LYS A 20 1.84 -15.38 0.59
C LYS A 20 1.82 -15.10 2.10
N LEU A 21 0.85 -14.32 2.52
CA LEU A 21 0.76 -13.95 3.91
C LEU A 21 -0.44 -14.60 4.59
N GLY A 22 -0.47 -14.51 5.91
CA GLY A 22 -1.47 -15.16 6.73
C GLY A 22 -2.88 -14.61 6.58
N SER A 23 -3.83 -15.43 6.97
CA SER A 23 -5.24 -15.13 6.86
C SER A 23 -5.68 -13.94 7.73
N THR A 24 -5.19 -13.88 8.96
CA THR A 24 -5.54 -12.80 9.88
C THR A 24 -5.04 -11.48 9.32
N VAL A 25 -3.89 -11.52 8.70
CA VAL A 25 -3.26 -10.37 8.11
C VAL A 25 -4.11 -9.83 6.96
N ARG A 26 -4.47 -10.70 6.03
CA ARG A 26 -5.23 -10.29 4.87
C ARG A 26 -6.65 -9.86 5.23
N GLU A 27 -7.17 -10.38 6.32
CA GLU A 27 -8.47 -9.97 6.79
C GLU A 27 -8.43 -8.56 7.33
N GLN A 28 -7.36 -8.23 8.05
CA GLN A 28 -7.19 -6.86 8.55
C GLN A 28 -7.09 -5.89 7.38
N LEU A 29 -6.39 -6.32 6.34
CA LEU A 29 -6.25 -5.56 5.11
C LEU A 29 -7.62 -5.29 4.50
N LYS A 30 -8.42 -6.34 4.38
CA LYS A 30 -9.76 -6.28 3.79
C LYS A 30 -10.69 -5.37 4.60
N LYS A 31 -10.50 -5.34 5.90
CA LYS A 31 -11.30 -4.48 6.74
C LYS A 31 -10.97 -3.01 6.46
N LYS A 32 -9.71 -2.72 6.28
CA LYS A 32 -9.30 -1.35 5.97
C LYS A 32 -9.66 -0.98 4.56
N LEU A 33 -9.77 -1.97 3.75
CA LEU A 33 -10.17 -1.78 2.38
C LEU A 33 -11.66 -1.45 2.29
N VAL A 34 -12.48 -2.08 3.11
CA VAL A 34 -13.91 -1.81 3.05
C VAL A 34 -14.24 -0.40 3.56
N GLU A 35 -13.35 0.19 4.36
CA GLU A 35 -13.59 1.53 4.86
C GLU A 35 -12.93 2.54 3.92
N VAL A 36 -11.88 2.09 3.26
CA VAL A 36 -11.12 2.92 2.37
C VAL A 36 -11.89 3.17 1.08
N LEU A 37 -12.75 2.21 0.71
CA LEU A 37 -13.56 2.31 -0.50
C LEU A 37 -14.63 3.39 -0.37
N GLU A 38 -14.73 3.97 0.80
CA GLU A 38 -15.62 5.06 1.04
C GLU A 38 -14.77 6.33 1.26
N SER A 39 -13.68 6.19 1.97
CA SER A 39 -12.82 7.35 2.26
C SER A 39 -11.33 6.97 2.16
N PRO A 40 -10.75 7.07 0.95
CA PRO A 40 -9.36 6.72 0.73
C PRO A 40 -8.39 7.92 0.81
N ARG A 41 -8.89 9.11 1.07
CA ARG A 41 -7.99 10.26 1.14
C ARG A 41 -7.55 10.51 2.56
N ILE A 42 -6.48 9.87 2.95
CA ILE A 42 -5.95 10.01 4.28
C ILE A 42 -4.59 10.68 4.21
N GLU A 43 -4.59 12.00 4.32
CA GLU A 43 -3.38 12.82 4.19
C GLU A 43 -2.36 12.51 5.28
N ALA A 44 -2.82 11.92 6.36
CA ALA A 44 -1.96 11.55 7.46
C ALA A 44 -1.04 10.39 7.07
N ASN A 45 -1.46 9.61 6.08
CA ASN A 45 -0.73 8.42 5.68
C ASN A 45 -0.36 8.48 4.21
N LYS A 46 -0.20 9.68 3.69
CA LYS A 46 0.23 9.86 2.32
C LYS A 46 1.75 9.57 2.22
N LEU A 47 2.19 9.07 1.07
CA LEU A 47 3.57 8.68 0.89
C LEU A 47 4.52 9.85 0.74
N ARG A 48 5.78 9.58 1.02
CA ARG A 48 6.86 10.55 0.97
C ARG A 48 7.32 10.77 -0.48
N GLY A 49 6.59 11.58 -1.19
CA GLY A 49 6.90 11.86 -2.57
C GLY A 49 5.70 11.63 -3.45
N MET A 50 4.83 10.74 -3.02
CA MET A 50 3.61 10.39 -3.74
C MET A 50 2.40 10.77 -2.89
N PRO A 51 1.84 11.97 -3.05
CA PRO A 51 0.70 12.42 -2.24
C PRO A 51 -0.62 11.75 -2.66
N ASP A 52 -0.60 11.16 -3.85
CA ASP A 52 -1.79 10.52 -4.42
C ASP A 52 -1.81 9.05 -4.02
N CYS A 53 -0.76 8.64 -3.37
CA CYS A 53 -0.62 7.29 -2.92
C CYS A 53 -0.58 7.30 -1.41
N TYR A 54 -1.24 6.37 -0.80
CA TYR A 54 -1.34 6.33 0.63
C TYR A 54 -0.97 4.94 1.12
N LYS A 55 -0.78 4.82 2.39
CA LYS A 55 -0.35 3.59 2.99
C LYS A 55 -1.28 3.22 4.13
N ILE A 56 -1.31 1.96 4.44
CA ILE A 56 -2.05 1.44 5.57
C ILE A 56 -1.09 0.50 6.27
N LYS A 57 -1.22 0.33 7.54
CA LYS A 57 -0.33 -0.53 8.27
C LYS A 57 -1.05 -1.19 9.43
N LEU A 58 -0.82 -2.46 9.58
CA LEU A 58 -1.39 -3.24 10.63
C LEU A 58 -0.67 -2.95 11.90
N ARG A 59 -1.43 -2.61 12.91
CA ARG A 59 -0.90 -2.14 14.16
C ARG A 59 -0.11 -3.24 14.88
N SER A 60 -0.72 -4.38 15.03
CA SER A 60 -0.10 -5.50 15.73
C SER A 60 0.81 -6.32 14.81
N SER A 61 0.35 -6.56 13.60
CA SER A 61 1.03 -7.44 12.67
C SER A 61 2.29 -6.80 12.04
N GLY A 62 2.29 -5.49 11.85
CA GLY A 62 3.44 -4.82 11.26
C GLY A 62 3.55 -4.99 9.75
N TYR A 63 2.42 -5.17 9.10
CA TYR A 63 2.37 -5.28 7.65
C TYR A 63 1.94 -3.97 7.05
N ARG A 64 2.15 -3.79 5.78
CA ARG A 64 1.77 -2.57 5.12
C ARG A 64 1.01 -2.91 3.84
N LEU A 65 0.28 -1.95 3.37
CA LEU A 65 -0.41 -2.03 2.12
C LEU A 65 -0.30 -0.68 1.49
N VAL A 66 0.14 -0.63 0.27
CA VAL A 66 0.34 0.62 -0.42
C VAL A 66 -0.66 0.68 -1.53
N TYR A 67 -1.31 1.80 -1.71
CA TYR A 67 -2.30 1.91 -2.76
C TYR A 67 -2.30 3.32 -3.32
N GLN A 68 -2.94 3.48 -4.44
CA GLN A 68 -3.12 4.76 -5.04
C GLN A 68 -4.60 4.98 -5.25
N VAL A 69 -5.02 6.19 -5.05
CA VAL A 69 -6.39 6.52 -5.23
C VAL A 69 -6.59 7.07 -6.61
N ILE A 70 -7.19 6.30 -7.45
CA ILE A 70 -7.47 6.75 -8.77
C ILE A 70 -8.89 7.23 -8.74
N ASP A 71 -9.09 8.51 -8.74
CA ASP A 71 -10.43 9.03 -8.60
C ASP A 71 -11.14 9.02 -9.93
N GLU A 72 -10.39 9.22 -11.00
CA GLU A 72 -10.96 9.22 -12.35
C GLU A 72 -11.61 7.87 -12.70
N LYS A 73 -11.01 6.79 -12.22
CA LYS A 73 -11.52 5.46 -12.48
C LYS A 73 -12.31 4.95 -11.28
N VAL A 74 -12.31 5.78 -10.24
CA VAL A 74 -12.94 5.54 -8.93
C VAL A 74 -12.54 4.17 -8.40
N VAL A 75 -11.33 4.04 -7.98
CA VAL A 75 -10.84 2.77 -7.56
C VAL A 75 -9.65 2.91 -6.63
N VAL A 76 -9.57 2.00 -5.69
CA VAL A 76 -8.46 1.88 -4.81
C VAL A 76 -7.57 0.83 -5.41
N PHE A 77 -6.53 1.27 -6.04
CA PHE A 77 -5.63 0.39 -6.71
C PHE A 77 -4.47 0.04 -5.81
N VAL A 78 -4.53 -1.14 -5.26
CA VAL A 78 -3.51 -1.63 -4.38
C VAL A 78 -2.29 -2.04 -5.20
N ILE A 79 -1.20 -1.41 -4.89
CA ILE A 79 0.05 -1.57 -5.58
C ILE A 79 0.85 -2.74 -5.00
N SER A 80 1.02 -2.73 -3.69
CA SER A 80 1.85 -3.72 -3.02
C SER A 80 1.23 -4.11 -1.69
N VAL A 81 1.41 -5.35 -1.32
CA VAL A 81 0.88 -5.90 -0.08
C VAL A 81 1.99 -6.70 0.64
N GLY A 82 2.13 -6.51 1.95
CA GLY A 82 3.02 -7.37 2.69
C GLY A 82 3.99 -6.60 3.53
N LYS A 83 5.02 -7.25 3.98
CA LYS A 83 6.05 -6.58 4.73
C LYS A 83 7.23 -6.32 3.86
N ALA A 84 7.39 -5.10 3.50
CA ALA A 84 8.58 -4.70 2.82
C ALA A 84 9.51 -4.19 3.87
N GLU A 85 10.52 -3.53 3.50
CA GLU A 85 11.49 -3.16 4.45
C GLU A 85 11.13 -1.85 5.17
N ALA A 86 11.36 -1.84 6.46
CA ALA A 86 10.99 -0.72 7.29
C ALA A 86 12.16 -0.25 8.11
N SER A 87 12.98 -1.17 8.53
CA SER A 87 14.08 -0.84 9.40
C SER A 87 15.39 -0.90 8.60
N GLU A 88 15.59 -2.01 7.89
CA GLU A 88 16.82 -2.25 7.15
C GLU A 88 16.92 -1.39 5.89
N VAL A 89 15.89 -0.60 5.63
CA VAL A 89 15.88 0.30 4.49
C VAL A 89 16.91 1.40 4.70
N TYR A 90 17.16 1.71 5.96
CA TYR A 90 18.14 2.72 6.32
C TYR A 90 19.51 2.03 6.44
N SER A 91 19.49 0.78 6.83
CA SER A 91 20.68 -0.01 7.02
C SER A 91 21.34 -0.35 5.66
N GLU A 92 20.51 -0.71 4.67
CA GLU A 92 20.99 -1.07 3.34
C GLU A 92 21.31 0.18 2.52
N ALA A 93 20.75 1.31 2.95
CA ALA A 93 21.05 2.59 2.32
C ALA A 93 22.53 2.88 2.49
N VAL A 94 23.14 3.57 1.54
CA VAL A 94 24.57 3.77 1.57
C VAL A 94 25.05 4.47 2.83
N LYS A 95 25.78 3.73 3.62
CA LYS A 95 26.36 4.27 4.82
C LYS A 95 27.63 4.97 4.44
N ARG A 96 28.20 4.55 3.31
CA ARG A 96 29.37 5.17 2.73
C ARG A 96 28.96 6.30 1.81
N ILE A 97 28.13 7.16 2.33
CA ILE A 97 27.68 8.33 1.62
C ILE A 97 28.84 9.34 1.50
N LEU A 98 29.66 9.40 2.54
CA LEU A 98 30.80 10.29 2.56
C LEU A 98 32.04 9.47 2.37
N LYS B 4 7.13 12.29 15.44
CA LYS B 4 6.99 12.57 14.01
C LYS B 4 5.67 13.29 13.77
N GLN B 5 5.70 14.33 12.96
CA GLN B 5 4.50 15.10 12.64
C GLN B 5 3.62 14.38 11.62
N THR B 6 4.20 13.47 10.89
CA THR B 6 3.50 12.74 9.88
C THR B 6 3.83 11.26 10.02
N LEU B 7 3.02 10.39 9.44
CA LEU B 7 3.20 8.97 9.56
C LEU B 7 4.12 8.40 8.49
N LEU B 8 4.59 9.25 7.59
CA LEU B 8 5.54 8.81 6.60
C LEU B 8 6.95 8.83 7.21
N SER B 9 7.78 7.92 6.80
CA SER B 9 9.09 7.78 7.34
C SER B 9 10.05 7.41 6.21
N ASP B 10 11.17 6.81 6.55
CA ASP B 10 12.17 6.47 5.55
C ASP B 10 11.76 5.27 4.76
N GLU B 11 10.93 4.42 5.37
CA GLU B 11 10.35 3.29 4.68
C GLU B 11 9.57 3.73 3.43
N ASP B 12 8.96 4.90 3.51
CA ASP B 12 8.16 5.43 2.41
C ASP B 12 9.00 5.81 1.23
N ALA B 13 10.28 5.98 1.44
CA ALA B 13 11.20 6.26 0.36
C ALA B 13 11.37 5.00 -0.50
N GLU B 14 11.04 3.87 0.11
CA GLU B 14 11.04 2.59 -0.54
C GLU B 14 9.68 2.41 -1.25
N LEU B 15 8.61 2.77 -0.56
CA LEU B 15 7.26 2.66 -1.13
C LEU B 15 7.10 3.45 -2.42
N VAL B 16 7.70 4.64 -2.48
CA VAL B 16 7.58 5.47 -3.67
C VAL B 16 8.30 4.88 -4.87
N GLU B 17 9.37 4.13 -4.65
CA GLU B 17 10.07 3.55 -5.75
C GLU B 17 9.37 2.27 -6.22
N ILE B 18 8.81 1.51 -5.27
CA ILE B 18 8.10 0.28 -5.60
C ILE B 18 6.81 0.60 -6.37
N VAL B 19 6.15 1.68 -6.00
CA VAL B 19 4.94 2.06 -6.69
C VAL B 19 5.21 2.47 -8.12
N LYS B 20 6.26 3.26 -8.32
CA LYS B 20 6.58 3.78 -9.64
C LYS B 20 7.15 2.67 -10.55
N GLU B 21 7.74 1.65 -9.93
CA GLU B 21 8.33 0.56 -10.69
C GLU B 21 7.23 -0.39 -11.19
N ARG B 22 6.17 -0.54 -10.42
CA ARG B 22 5.06 -1.37 -10.86
C ARG B 22 4.09 -0.55 -11.70
N LEU B 23 4.04 0.75 -11.45
CA LEU B 23 3.10 1.67 -12.12
C LEU B 23 3.41 1.83 -13.61
N ARG B 24 4.56 1.37 -14.02
CA ARG B 24 4.99 1.48 -15.40
C ARG B 24 4.29 0.44 -16.26
N ASN B 25 3.91 -0.67 -15.64
CA ASN B 25 3.20 -1.74 -16.30
C ASN B 25 2.55 -2.61 -15.21
N PRO B 26 1.45 -2.14 -14.64
CA PRO B 26 0.82 -2.77 -13.48
C PRO B 26 -0.11 -3.95 -13.78
N LYS B 27 -1.16 -3.69 -14.57
CA LYS B 27 -2.27 -4.63 -14.79
C LYS B 27 -3.15 -4.74 -13.55
N PRO B 28 -4.05 -3.78 -13.36
CA PRO B 28 -4.99 -3.83 -12.25
C PRO B 28 -6.15 -4.77 -12.60
N VAL B 29 -6.52 -5.57 -11.65
CA VAL B 29 -7.57 -6.51 -11.84
C VAL B 29 -8.77 -6.08 -11.02
N ARG B 30 -9.89 -5.86 -11.69
CA ARG B 30 -11.14 -5.50 -11.05
C ARG B 30 -11.58 -6.60 -10.12
N VAL B 31 -11.53 -6.34 -8.85
CA VAL B 31 -11.93 -7.32 -7.88
C VAL B 31 -12.83 -6.70 -6.82
N THR B 32 -13.30 -7.55 -5.96
CA THR B 32 -14.16 -7.21 -4.88
C THR B 32 -13.61 -7.87 -3.61
N LEU B 33 -13.95 -7.35 -2.46
CA LEU B 33 -13.52 -7.93 -1.18
C LEU B 33 -14.23 -9.23 -0.94
N ASP B 34 -15.42 -9.31 -1.49
CA ASP B 34 -16.27 -10.49 -1.39
C ASP B 34 -15.61 -11.71 -2.02
N GLU B 35 -14.86 -11.49 -3.08
CA GLU B 35 -14.20 -12.59 -3.77
C GLU B 35 -12.80 -12.85 -3.20
N LEU B 36 -12.37 -12.03 -2.26
CA LEU B 36 -11.09 -12.26 -1.64
C LEU B 36 -11.28 -13.15 -0.43
N MET A 4 -19.53 1.26 -0.80
CA MET A 4 -18.49 0.96 -1.79
C MET A 4 -18.52 2.02 -2.88
N ALA A 5 -18.03 3.21 -2.58
CA ALA A 5 -17.97 4.28 -3.56
C ALA A 5 -16.83 4.00 -4.51
N TYR A 6 -15.69 3.71 -3.97
CA TYR A 6 -14.54 3.32 -4.72
C TYR A 6 -14.53 1.81 -4.82
N PHE A 7 -14.16 1.32 -5.97
CA PHE A 7 -14.06 -0.11 -6.17
C PHE A 7 -12.62 -0.53 -5.80
N LEU A 8 -12.25 -1.72 -6.12
CA LEU A 8 -10.97 -2.23 -5.70
C LEU A 8 -10.18 -2.80 -6.88
N ASP A 9 -8.90 -2.59 -6.86
CA ASP A 9 -7.99 -3.08 -7.90
C ASP A 9 -6.71 -3.52 -7.25
N PHE A 10 -6.01 -4.42 -7.88
CA PHE A 10 -4.71 -4.91 -7.40
C PHE A 10 -3.74 -5.09 -8.53
N ASP A 11 -2.50 -4.77 -8.27
CA ASP A 11 -1.40 -5.08 -9.18
C ASP A 11 -1.18 -6.60 -9.18
N GLU A 12 -0.78 -7.17 -10.32
CA GLU A 12 -0.56 -8.62 -10.44
C GLU A 12 0.40 -9.16 -9.38
N ARG A 13 1.39 -8.39 -9.04
CA ARG A 13 2.39 -8.84 -8.11
C ARG A 13 1.77 -8.83 -6.71
N ALA A 14 1.00 -7.77 -6.43
CA ALA A 14 0.27 -7.60 -5.16
C ALA A 14 -0.72 -8.75 -4.91
N LEU A 15 -1.29 -9.29 -5.99
CA LEU A 15 -2.19 -10.45 -5.92
C LEU A 15 -1.47 -11.61 -5.22
N LYS A 16 -0.25 -11.84 -5.66
CA LYS A 16 0.55 -12.96 -5.20
C LYS A 16 1.08 -12.64 -3.80
N GLU A 17 1.00 -11.38 -3.46
CA GLU A 17 1.49 -10.89 -2.20
C GLU A 17 0.55 -11.16 -1.06
N TRP A 18 -0.70 -11.29 -1.30
CA TRP A 18 -1.58 -11.64 -0.19
C TRP A 18 -1.64 -13.16 -0.10
N ARG A 19 -1.28 -13.79 -1.18
CA ARG A 19 -1.33 -15.24 -1.26
C ARG A 19 -0.13 -15.89 -0.58
N LYS A 20 0.93 -15.13 -0.44
CA LYS A 20 2.15 -15.58 0.23
C LYS A 20 2.01 -15.50 1.75
N LEU A 21 1.12 -14.67 2.21
CA LEU A 21 1.03 -14.38 3.61
C LEU A 21 -0.21 -15.01 4.23
N GLY A 22 -0.32 -14.92 5.54
CA GLY A 22 -1.42 -15.52 6.26
C GLY A 22 -2.72 -14.80 6.05
N SER A 23 -3.80 -15.57 6.01
CA SER A 23 -5.15 -15.09 5.82
C SER A 23 -5.50 -14.03 6.84
N THR A 24 -5.11 -14.25 8.08
CA THR A 24 -5.43 -13.36 9.18
C THR A 24 -4.93 -11.91 8.90
N VAL A 25 -3.85 -11.82 8.16
CA VAL A 25 -3.27 -10.54 7.81
C VAL A 25 -4.11 -9.83 6.75
N ARG A 26 -4.45 -10.55 5.70
CA ARG A 26 -5.17 -9.96 4.57
C ARG A 26 -6.62 -9.62 4.92
N GLU A 27 -7.17 -10.33 5.89
CA GLU A 27 -8.53 -10.08 6.34
C GLU A 27 -8.59 -8.76 7.09
N GLN A 28 -7.54 -8.46 7.85
CA GLN A 28 -7.43 -7.19 8.56
C GLN A 28 -7.38 -6.05 7.54
N LEU A 29 -6.64 -6.30 6.48
CA LEU A 29 -6.50 -5.36 5.39
C LEU A 29 -7.83 -5.09 4.72
N LYS A 30 -8.64 -6.13 4.55
CA LYS A 30 -9.99 -5.98 3.96
C LYS A 30 -10.86 -5.03 4.79
N LYS A 31 -10.72 -5.09 6.10
CA LYS A 31 -11.46 -4.22 7.01
C LYS A 31 -11.06 -2.76 6.85
N LYS A 32 -9.80 -2.53 6.65
CA LYS A 32 -9.36 -1.17 6.53
C LYS A 32 -9.69 -0.62 5.14
N LEU A 33 -9.70 -1.49 4.16
CA LEU A 33 -10.03 -1.09 2.81
C LEU A 33 -11.51 -0.75 2.67
N VAL A 34 -12.38 -1.51 3.36
CA VAL A 34 -13.82 -1.28 3.24
C VAL A 34 -14.21 0.11 3.72
N GLU A 35 -13.50 0.64 4.72
CA GLU A 35 -13.81 1.98 5.17
C GLU A 35 -13.25 3.06 4.21
N VAL A 36 -12.11 2.77 3.57
CA VAL A 36 -11.49 3.77 2.67
C VAL A 36 -12.22 3.83 1.37
N LEU A 37 -12.98 2.82 1.09
CA LEU A 37 -13.76 2.79 -0.14
C LEU A 37 -14.78 3.94 -0.16
N GLU A 38 -15.13 4.45 1.01
CA GLU A 38 -15.98 5.61 1.13
C GLU A 38 -15.14 6.88 1.25
N SER A 39 -14.03 6.79 1.95
CA SER A 39 -13.16 7.95 2.18
C SER A 39 -11.68 7.53 2.24
N PRO A 40 -10.97 7.50 1.08
CA PRO A 40 -9.58 7.10 1.02
C PRO A 40 -8.57 8.25 1.04
N ARG A 41 -9.04 9.46 1.24
CA ARG A 41 -8.12 10.58 1.23
C ARG A 41 -7.63 10.89 2.63
N ILE A 42 -6.84 9.99 3.13
CA ILE A 42 -6.25 10.09 4.44
C ILE A 42 -4.88 10.74 4.25
N GLU A 43 -4.87 12.07 4.28
CA GLU A 43 -3.69 12.88 3.94
C GLU A 43 -2.44 12.53 4.76
N ALA A 44 -2.65 12.10 5.98
CA ALA A 44 -1.56 11.73 6.87
C ALA A 44 -0.87 10.46 6.42
N ASN A 45 -1.52 9.71 5.56
CA ASN A 45 -0.96 8.47 5.07
C ASN A 45 -0.50 8.59 3.64
N LYS A 46 -0.58 9.79 3.10
CA LYS A 46 -0.04 10.07 1.78
C LYS A 46 1.48 9.89 1.85
N LEU A 47 2.01 9.16 0.92
CA LEU A 47 3.42 8.84 0.87
C LEU A 47 4.28 10.06 0.60
N ARG A 48 5.56 9.92 0.84
CA ARG A 48 6.48 11.00 0.68
C ARG A 48 6.83 11.16 -0.79
N GLY A 49 6.19 12.08 -1.45
CA GLY A 49 6.45 12.31 -2.86
C GLY A 49 5.39 11.69 -3.72
N MET A 50 4.57 10.85 -3.12
CA MET A 50 3.46 10.22 -3.80
C MET A 50 2.18 10.58 -3.08
N PRO A 51 1.53 11.68 -3.48
CA PRO A 51 0.34 12.16 -2.79
C PRO A 51 -0.92 11.39 -3.18
N ASP A 52 -0.82 10.59 -4.20
CA ASP A 52 -1.94 9.78 -4.70
C ASP A 52 -1.85 8.38 -4.11
N CYS A 53 -0.74 8.11 -3.49
CA CYS A 53 -0.48 6.83 -2.91
C CYS A 53 -0.52 6.96 -1.39
N TYR A 54 -1.08 5.99 -0.75
CA TYR A 54 -1.26 6.00 0.67
C TYR A 54 -0.74 4.71 1.24
N LYS A 55 -0.69 4.65 2.54
CA LYS A 55 -0.15 3.53 3.25
C LYS A 55 -1.07 3.18 4.41
N ILE A 56 -1.20 1.92 4.68
CA ILE A 56 -1.92 1.44 5.84
C ILE A 56 -1.02 0.45 6.51
N LYS A 57 -1.06 0.38 7.81
CA LYS A 57 -0.23 -0.53 8.53
C LYS A 57 -1.07 -1.25 9.56
N LEU A 58 -0.78 -2.49 9.77
CA LEU A 58 -1.47 -3.29 10.74
C LEU A 58 -0.74 -3.20 12.04
N ARG A 59 -1.40 -2.58 13.00
CA ARG A 59 -0.84 -2.22 14.30
C ARG A 59 -0.23 -3.40 15.03
N SER A 60 -0.85 -4.54 14.91
CA SER A 60 -0.40 -5.69 15.62
C SER A 60 0.09 -6.77 14.63
N SER A 61 0.56 -6.37 13.46
CA SER A 61 1.06 -7.35 12.51
C SER A 61 2.36 -6.90 11.81
N GLY A 62 2.58 -5.59 11.69
CA GLY A 62 3.82 -5.10 11.08
C GLY A 62 3.76 -5.07 9.57
N TYR A 63 2.65 -5.52 9.05
CA TYR A 63 2.40 -5.51 7.63
C TYR A 63 1.87 -4.16 7.22
N ARG A 64 1.87 -3.92 5.95
CA ARG A 64 1.41 -2.70 5.38
C ARG A 64 0.82 -2.98 4.01
N LEU A 65 0.02 -2.09 3.57
CA LEU A 65 -0.59 -2.15 2.28
C LEU A 65 -0.46 -0.78 1.69
N VAL A 66 0.05 -0.71 0.50
CA VAL A 66 0.24 0.54 -0.17
C VAL A 66 -0.77 0.59 -1.27
N TYR A 67 -1.44 1.68 -1.44
CA TYR A 67 -2.43 1.76 -2.47
C TYR A 67 -2.38 3.10 -3.16
N GLN A 68 -3.17 3.25 -4.16
CA GLN A 68 -3.25 4.44 -4.93
C GLN A 68 -4.70 4.77 -5.11
N VAL A 69 -5.04 6.00 -4.99
CA VAL A 69 -6.42 6.42 -5.13
C VAL A 69 -6.62 7.06 -6.47
N ILE A 70 -7.12 6.27 -7.38
CA ILE A 70 -7.36 6.74 -8.72
C ILE A 70 -8.80 7.23 -8.76
N ASP A 71 -8.97 8.50 -9.00
CA ASP A 71 -10.30 9.09 -9.00
C ASP A 71 -11.06 8.87 -10.28
N GLU A 72 -10.36 8.76 -11.38
CA GLU A 72 -11.03 8.58 -12.66
C GLU A 72 -11.54 7.14 -12.84
N LYS A 73 -10.78 6.18 -12.37
CA LYS A 73 -11.17 4.77 -12.42
C LYS A 73 -12.04 4.47 -11.21
N VAL A 74 -11.89 5.35 -10.21
CA VAL A 74 -12.61 5.33 -8.94
C VAL A 74 -12.27 4.06 -8.21
N VAL A 75 -11.01 3.83 -8.00
CA VAL A 75 -10.57 2.58 -7.41
C VAL A 75 -9.43 2.75 -6.46
N VAL A 76 -9.34 1.82 -5.56
CA VAL A 76 -8.25 1.68 -4.66
C VAL A 76 -7.33 0.64 -5.27
N PHE A 77 -6.36 1.12 -5.97
CA PHE A 77 -5.42 0.29 -6.69
C PHE A 77 -4.25 -0.04 -5.79
N VAL A 78 -4.29 -1.20 -5.21
CA VAL A 78 -3.27 -1.66 -4.32
C VAL A 78 -2.02 -2.03 -5.10
N ILE A 79 -0.95 -1.43 -4.69
CA ILE A 79 0.34 -1.58 -5.32
C ILE A 79 1.08 -2.78 -4.73
N SER A 80 1.10 -2.88 -3.41
CA SER A 80 1.84 -3.93 -2.76
C SER A 80 1.23 -4.26 -1.40
N VAL A 81 1.33 -5.51 -1.04
CA VAL A 81 0.83 -6.05 0.20
C VAL A 81 1.98 -6.81 0.86
N GLY A 82 2.36 -6.45 2.05
CA GLY A 82 3.44 -7.16 2.71
C GLY A 82 4.08 -6.31 3.76
N LYS A 83 5.17 -6.73 4.31
CA LYS A 83 5.84 -5.98 5.36
C LYS A 83 6.78 -4.95 4.79
N ALA A 84 7.00 -3.90 5.54
CA ALA A 84 7.98 -2.92 5.20
C ALA A 84 9.21 -3.26 5.99
N GLU A 85 10.34 -3.23 5.39
CA GLU A 85 11.50 -3.71 6.08
C GLU A 85 12.58 -2.66 6.20
N ALA A 86 13.64 -3.05 6.86
CA ALA A 86 14.82 -2.25 7.00
C ALA A 86 16.02 -3.00 6.44
N SER A 87 15.82 -4.30 6.28
CA SER A 87 16.86 -5.22 5.90
C SER A 87 17.41 -4.97 4.48
N GLU A 88 16.59 -5.24 3.49
CA GLU A 88 17.03 -5.17 2.11
C GLU A 88 16.76 -3.80 1.52
N VAL A 89 16.08 -2.95 2.27
CA VAL A 89 15.85 -1.60 1.82
C VAL A 89 17.16 -0.82 1.99
N TYR A 90 18.01 -1.30 2.89
CA TYR A 90 19.30 -0.71 3.18
C TYR A 90 20.26 -1.03 2.04
N SER A 91 19.95 -2.10 1.33
CA SER A 91 20.78 -2.60 0.26
C SER A 91 20.86 -1.64 -0.93
N GLU A 92 20.06 -0.58 -0.92
CA GLU A 92 20.08 0.41 -1.97
C GLU A 92 21.35 1.26 -1.86
N ALA A 93 21.92 1.28 -0.67
CA ALA A 93 23.16 1.98 -0.44
C ALA A 93 24.29 1.01 -0.71
N VAL A 94 24.35 -0.02 0.09
CA VAL A 94 25.29 -1.10 -0.03
C VAL A 94 24.64 -2.33 0.46
N LYS A 95 25.18 -3.46 0.11
CA LYS A 95 24.61 -4.69 0.57
C LYS A 95 25.46 -5.26 1.70
N ARG A 96 26.72 -5.53 1.41
CA ARG A 96 27.63 -6.07 2.40
C ARG A 96 28.92 -5.23 2.48
N ILE A 97 28.91 -4.10 1.81
CA ILE A 97 30.06 -3.19 1.88
C ILE A 97 29.99 -2.43 3.19
N LEU A 98 30.67 -2.96 4.16
CA LEU A 98 30.71 -2.38 5.44
C LEU A 98 32.15 -2.06 5.76
N LYS B 4 13.36 11.71 17.66
CA LYS B 4 14.15 11.99 16.47
C LYS B 4 13.41 11.53 15.22
N GLN B 5 13.02 10.27 15.20
CA GLN B 5 12.34 9.72 14.06
C GLN B 5 10.90 10.21 14.02
N THR B 6 10.48 10.63 12.87
CA THR B 6 9.16 11.12 12.64
C THR B 6 8.14 9.97 12.51
N LEU B 7 6.87 10.29 12.28
CA LEU B 7 5.81 9.28 12.15
C LEU B 7 5.74 8.75 10.72
N LEU B 8 6.81 8.97 10.03
CA LEU B 8 7.07 8.55 8.69
C LEU B 8 8.54 8.20 8.67
N SER B 9 8.92 7.19 7.95
CA SER B 9 10.26 6.70 8.06
C SER B 9 10.73 6.06 6.73
N ASP B 10 11.74 5.21 6.84
CA ASP B 10 12.39 4.51 5.73
C ASP B 10 11.39 3.66 4.95
N GLU B 11 10.35 3.22 5.65
CA GLU B 11 9.29 2.42 5.05
C GLU B 11 8.56 3.21 3.96
N ASP B 12 8.37 4.49 4.18
CA ASP B 12 7.66 5.36 3.23
C ASP B 12 8.45 5.45 1.95
N ALA B 13 9.76 5.51 2.10
CA ALA B 13 10.67 5.58 0.99
C ALA B 13 10.73 4.22 0.26
N GLU B 14 10.48 3.14 1.00
CA GLU B 14 10.38 1.81 0.42
C GLU B 14 9.14 1.76 -0.47
N LEU B 15 8.05 2.24 0.07
CA LEU B 15 6.77 2.19 -0.60
C LEU B 15 6.77 3.03 -1.89
N VAL B 16 7.43 4.19 -1.86
CA VAL B 16 7.46 5.05 -3.05
C VAL B 16 8.29 4.44 -4.18
N GLU B 17 9.32 3.66 -3.84
CA GLU B 17 10.10 3.05 -4.87
C GLU B 17 9.39 1.81 -5.41
N ILE B 18 8.69 1.10 -4.55
CA ILE B 18 7.93 -0.07 -4.97
C ILE B 18 6.79 0.33 -5.91
N VAL B 19 6.16 1.48 -5.64
CA VAL B 19 5.09 1.94 -6.51
C VAL B 19 5.61 2.39 -7.87
N LYS B 20 6.68 3.20 -7.89
CA LYS B 20 7.24 3.71 -9.16
C LYS B 20 7.76 2.54 -10.02
N GLU B 21 8.17 1.49 -9.33
CA GLU B 21 8.64 0.28 -9.95
C GLU B 21 7.49 -0.46 -10.63
N ARG B 22 6.49 -0.84 -9.87
CA ARG B 22 5.37 -1.61 -10.38
C ARG B 22 4.50 -0.78 -11.28
N LEU B 23 4.63 0.51 -11.17
CA LEU B 23 3.82 1.43 -11.94
C LEU B 23 4.16 1.34 -13.42
N ARG B 24 5.36 0.86 -13.74
CA ARG B 24 5.76 0.74 -15.11
C ARG B 24 5.15 -0.53 -15.73
N ASN B 25 4.91 -1.53 -14.90
CA ASN B 25 4.38 -2.84 -15.35
C ASN B 25 3.55 -3.49 -14.24
N PRO B 26 2.30 -3.03 -14.02
CA PRO B 26 1.43 -3.57 -12.98
C PRO B 26 0.37 -4.59 -13.46
N LYS B 27 -0.56 -4.12 -14.32
CA LYS B 27 -1.75 -4.87 -14.74
C LYS B 27 -2.72 -5.05 -13.58
N PRO B 28 -3.67 -4.12 -13.42
CA PRO B 28 -4.61 -4.15 -12.34
C PRO B 28 -5.81 -5.04 -12.63
N VAL B 29 -6.15 -5.87 -11.68
CA VAL B 29 -7.32 -6.71 -11.75
C VAL B 29 -8.37 -6.07 -10.86
N ARG B 30 -9.53 -5.78 -11.42
CA ARG B 30 -10.56 -5.11 -10.68
C ARG B 30 -11.28 -6.15 -9.85
N VAL B 31 -11.23 -5.98 -8.57
CA VAL B 31 -11.82 -6.90 -7.63
C VAL B 31 -12.68 -6.12 -6.65
N THR B 32 -13.28 -6.81 -5.75
CA THR B 32 -14.03 -6.23 -4.68
C THR B 32 -13.60 -6.97 -3.45
N LEU B 33 -13.92 -6.47 -2.30
CA LEU B 33 -13.57 -7.17 -1.05
C LEU B 33 -14.42 -8.40 -0.90
N ASP B 34 -15.58 -8.39 -1.53
CA ASP B 34 -16.50 -9.51 -1.46
C ASP B 34 -15.94 -10.70 -2.21
N GLU B 35 -15.31 -10.43 -3.35
CA GLU B 35 -14.78 -11.51 -4.16
C GLU B 35 -13.38 -11.91 -3.73
N LEU B 36 -12.83 -11.20 -2.76
CA LEU B 36 -11.57 -11.60 -2.16
C LEU B 36 -11.87 -12.60 -1.07
N MET A 4 -18.03 -0.54 -4.26
CA MET A 4 -18.58 0.36 -3.25
C MET A 4 -18.67 1.70 -3.92
N ALA A 5 -18.48 2.81 -3.18
CA ALA A 5 -18.39 4.13 -3.81
C ALA A 5 -17.23 4.13 -4.80
N TYR A 6 -16.16 3.47 -4.40
CA TYR A 6 -15.01 3.22 -5.24
C TYR A 6 -14.94 1.74 -5.58
N PHE A 7 -14.30 1.44 -6.69
CA PHE A 7 -14.03 0.06 -7.07
C PHE A 7 -12.73 -0.38 -6.41
N LEU A 8 -12.42 -1.65 -6.51
CA LEU A 8 -11.21 -2.14 -5.92
C LEU A 8 -10.36 -2.76 -7.02
N ASP A 9 -9.09 -2.50 -6.97
CA ASP A 9 -8.16 -3.04 -7.96
C ASP A 9 -6.87 -3.41 -7.30
N PHE A 10 -6.21 -4.39 -7.85
CA PHE A 10 -4.93 -4.83 -7.34
C PHE A 10 -3.95 -5.09 -8.44
N ASP A 11 -2.73 -4.71 -8.19
CA ASP A 11 -1.59 -5.04 -9.04
C ASP A 11 -1.42 -6.56 -9.07
N GLU A 12 -0.99 -7.07 -10.21
CA GLU A 12 -0.80 -8.50 -10.44
C GLU A 12 0.12 -9.14 -9.37
N ARG A 13 1.11 -8.40 -8.88
CA ARG A 13 2.01 -8.96 -7.87
C ARG A 13 1.35 -8.82 -6.51
N ALA A 14 0.64 -7.71 -6.31
CA ALA A 14 -0.09 -7.42 -5.07
C ALA A 14 -1.10 -8.53 -4.75
N LEU A 15 -1.64 -9.13 -5.80
CA LEU A 15 -2.51 -10.30 -5.70
C LEU A 15 -1.79 -11.39 -4.94
N LYS A 16 -0.58 -11.66 -5.37
CA LYS A 16 0.21 -12.76 -4.84
C LYS A 16 0.68 -12.41 -3.44
N GLU A 17 0.81 -11.12 -3.19
CA GLU A 17 1.26 -10.61 -1.91
C GLU A 17 0.29 -10.99 -0.79
N TRP A 18 -1.01 -10.88 -1.00
CA TRP A 18 -1.92 -11.27 0.09
C TRP A 18 -1.99 -12.80 0.22
N ARG A 19 -1.63 -13.47 -0.86
CA ARG A 19 -1.65 -14.92 -0.89
C ARG A 19 -0.44 -15.48 -0.13
N LYS A 20 0.65 -14.73 -0.08
CA LYS A 20 1.89 -15.17 0.57
C LYS A 20 1.95 -14.73 2.03
N LEU A 21 0.93 -14.06 2.50
CA LEU A 21 0.90 -13.64 3.88
C LEU A 21 -0.20 -14.33 4.67
N GLY A 22 -0.16 -14.15 5.98
CA GLY A 22 -1.10 -14.76 6.88
C GLY A 22 -2.56 -14.39 6.60
N SER A 23 -3.41 -15.36 6.71
CA SER A 23 -4.82 -15.21 6.43
C SER A 23 -5.49 -14.20 7.38
N THR A 24 -5.04 -14.14 8.62
CA THR A 24 -5.61 -13.23 9.60
C THR A 24 -5.14 -11.80 9.29
N VAL A 25 -3.97 -11.70 8.67
CA VAL A 25 -3.40 -10.44 8.26
C VAL A 25 -4.25 -9.79 7.20
N ARG A 26 -4.57 -10.56 6.16
CA ARG A 26 -5.37 -10.04 5.07
C ARG A 26 -6.79 -9.69 5.49
N GLU A 27 -7.27 -10.33 6.55
CA GLU A 27 -8.58 -9.99 7.11
C GLU A 27 -8.57 -8.60 7.74
N GLN A 28 -7.44 -8.23 8.31
CA GLN A 28 -7.27 -6.91 8.89
C GLN A 28 -7.22 -5.88 7.78
N LEU A 29 -6.54 -6.24 6.70
CA LEU A 29 -6.37 -5.38 5.55
C LEU A 29 -7.71 -5.12 4.85
N LYS A 30 -8.56 -6.14 4.75
CA LYS A 30 -9.85 -6.01 4.07
C LYS A 30 -10.77 -5.06 4.82
N LYS A 31 -10.60 -4.99 6.12
CA LYS A 31 -11.38 -4.09 6.96
C LYS A 31 -11.00 -2.64 6.65
N LYS A 32 -9.75 -2.42 6.34
CA LYS A 32 -9.30 -1.08 5.98
C LYS A 32 -9.66 -0.75 4.57
N LEU A 33 -9.71 -1.75 3.76
CA LEU A 33 -10.09 -1.57 2.38
C LEU A 33 -11.55 -1.16 2.24
N VAL A 34 -12.43 -1.78 3.02
CA VAL A 34 -13.85 -1.44 2.93
C VAL A 34 -14.12 0.00 3.38
N GLU A 35 -13.35 0.48 4.35
CA GLU A 35 -13.53 1.83 4.81
C GLU A 35 -12.92 2.86 3.83
N VAL A 36 -11.87 2.49 3.08
CA VAL A 36 -11.29 3.44 2.11
C VAL A 36 -12.09 3.43 0.85
N LEU A 37 -12.82 2.39 0.65
CA LEU A 37 -13.67 2.30 -0.52
C LEU A 37 -14.86 3.29 -0.45
N GLU A 38 -15.02 3.90 0.72
CA GLU A 38 -16.03 4.91 0.96
C GLU A 38 -15.43 6.30 0.70
N SER A 39 -14.17 6.44 1.06
CA SER A 39 -13.40 7.64 0.86
C SER A 39 -11.95 7.28 1.14
N PRO A 40 -11.13 7.10 0.11
CA PRO A 40 -9.77 6.63 0.25
C PRO A 40 -8.75 7.73 0.40
N ARG A 41 -9.21 8.95 0.47
CA ARG A 41 -8.30 10.05 0.67
C ARG A 41 -7.96 10.16 2.14
N ILE A 42 -6.97 9.43 2.55
CA ILE A 42 -6.56 9.47 3.90
C ILE A 42 -5.14 9.94 3.89
N GLU A 43 -4.97 11.23 3.80
CA GLU A 43 -3.66 11.79 3.68
C GLU A 43 -2.93 11.85 5.00
N ALA A 44 -3.59 11.36 6.01
CA ALA A 44 -2.97 11.14 7.29
C ALA A 44 -1.93 10.02 7.17
N ASN A 45 -2.09 9.19 6.13
CA ASN A 45 -1.18 8.08 5.86
C ASN A 45 -0.48 8.26 4.51
N LYS A 46 -0.51 9.50 4.01
CA LYS A 46 0.15 9.91 2.75
C LYS A 46 1.60 9.41 2.66
N LEU A 47 1.93 8.88 1.49
CA LEU A 47 3.26 8.36 1.23
C LEU A 47 4.19 9.55 0.96
N ARG A 48 5.48 9.33 1.18
CA ARG A 48 6.47 10.39 1.12
C ARG A 48 6.53 11.07 -0.25
N GLY A 49 6.70 10.28 -1.30
CA GLY A 49 6.88 10.87 -2.60
C GLY A 49 5.71 10.67 -3.54
N MET A 50 4.57 10.30 -2.98
CA MET A 50 3.37 10.05 -3.80
C MET A 50 2.14 10.55 -3.06
N PRO A 51 1.64 11.75 -3.39
CA PRO A 51 0.47 12.36 -2.72
C PRO A 51 -0.83 11.53 -2.82
N ASP A 52 -1.00 10.78 -3.89
CA ASP A 52 -2.23 9.98 -4.08
C ASP A 52 -2.04 8.56 -3.64
N CYS A 53 -0.90 8.27 -3.08
CA CYS A 53 -0.62 6.97 -2.60
C CYS A 53 -0.55 7.05 -1.09
N TYR A 54 -1.12 6.10 -0.43
CA TYR A 54 -1.18 6.09 1.01
C TYR A 54 -0.76 4.73 1.49
N LYS A 55 -0.07 4.69 2.59
CA LYS A 55 0.40 3.46 3.13
C LYS A 55 -0.20 3.22 4.50
N ILE A 56 -0.88 2.14 4.63
CA ILE A 56 -1.46 1.76 5.89
C ILE A 56 -0.65 0.61 6.43
N LYS A 57 -0.28 0.69 7.65
CA LYS A 57 0.51 -0.32 8.27
C LYS A 57 -0.17 -0.86 9.49
N LEU A 58 -0.05 -2.13 9.66
CA LEU A 58 -0.61 -2.79 10.80
C LEU A 58 0.35 -2.62 11.95
N ARG A 59 -0.20 -2.46 13.13
CA ARG A 59 0.60 -2.19 14.30
C ARG A 59 1.44 -3.40 14.72
N SER A 60 0.81 -4.44 15.16
CA SER A 60 1.54 -5.58 15.67
C SER A 60 1.82 -6.65 14.61
N SER A 61 1.09 -6.63 13.50
CA SER A 61 1.28 -7.63 12.46
C SER A 61 2.57 -7.36 11.65
N GLY A 62 2.90 -6.09 11.44
CA GLY A 62 4.11 -5.73 10.70
C GLY A 62 3.87 -5.60 9.21
N TYR A 63 2.77 -6.12 8.74
CA TYR A 63 2.42 -6.05 7.34
C TYR A 63 1.83 -4.70 6.99
N ARG A 64 1.76 -4.42 5.72
CA ARG A 64 1.34 -3.14 5.21
C ARG A 64 0.49 -3.35 3.97
N LEU A 65 -0.14 -2.30 3.54
CA LEU A 65 -0.86 -2.25 2.32
C LEU A 65 -0.72 -0.83 1.78
N VAL A 66 -0.18 -0.74 0.63
CA VAL A 66 0.14 0.52 -0.01
C VAL A 66 -0.73 0.65 -1.25
N TYR A 67 -1.62 1.61 -1.26
CA TYR A 67 -2.54 1.77 -2.36
C TYR A 67 -2.44 3.14 -2.96
N GLN A 68 -3.05 3.34 -4.07
CA GLN A 68 -3.07 4.60 -4.73
C GLN A 68 -4.52 4.89 -5.09
N VAL A 69 -4.90 6.12 -4.95
CA VAL A 69 -6.26 6.52 -5.23
C VAL A 69 -6.34 7.11 -6.62
N ILE A 70 -7.11 6.47 -7.45
CA ILE A 70 -7.31 6.93 -8.79
C ILE A 70 -8.72 7.52 -8.87
N ASP A 71 -8.82 8.80 -9.06
CA ASP A 71 -10.11 9.49 -9.05
C ASP A 71 -10.84 9.36 -10.38
N GLU A 72 -10.08 9.37 -11.46
CA GLU A 72 -10.63 9.26 -12.80
C GLU A 72 -11.21 7.87 -13.05
N LYS A 73 -10.56 6.86 -12.53
CA LYS A 73 -11.02 5.49 -12.68
C LYS A 73 -11.95 5.11 -11.54
N VAL A 74 -11.93 5.93 -10.48
CA VAL A 74 -12.70 5.73 -9.26
C VAL A 74 -12.34 4.38 -8.66
N VAL A 75 -11.11 4.21 -8.26
CA VAL A 75 -10.70 2.94 -7.79
C VAL A 75 -9.53 3.05 -6.83
N VAL A 76 -9.54 2.19 -5.85
CA VAL A 76 -8.45 2.03 -4.94
C VAL A 76 -7.56 0.96 -5.51
N PHE A 77 -6.51 1.38 -6.16
CA PHE A 77 -5.62 0.48 -6.81
C PHE A 77 -4.44 0.20 -5.91
N VAL A 78 -4.48 -0.92 -5.27
CA VAL A 78 -3.44 -1.35 -4.37
C VAL A 78 -2.24 -1.80 -5.18
N ILE A 79 -1.12 -1.20 -4.89
CA ILE A 79 0.10 -1.44 -5.63
C ILE A 79 0.91 -2.55 -4.98
N SER A 80 1.03 -2.51 -3.68
CA SER A 80 1.81 -3.49 -2.98
C SER A 80 1.16 -3.83 -1.67
N VAL A 81 1.41 -5.02 -1.19
CA VAL A 81 0.89 -5.52 0.05
C VAL A 81 2.01 -6.35 0.63
N GLY A 82 2.12 -6.43 1.92
CA GLY A 82 3.07 -7.33 2.48
C GLY A 82 4.05 -6.64 3.34
N LYS A 83 5.24 -7.13 3.36
CA LYS A 83 6.23 -6.60 4.25
C LYS A 83 7.30 -5.82 3.55
N ALA A 84 7.16 -4.53 3.59
CA ALA A 84 8.18 -3.63 3.16
C ALA A 84 8.89 -3.26 4.42
N GLU A 85 10.17 -3.16 4.39
CA GLU A 85 10.89 -3.02 5.62
C GLU A 85 11.65 -1.72 5.70
N ALA A 86 12.23 -1.49 6.84
CA ALA A 86 13.07 -0.34 7.09
C ALA A 86 14.22 -0.79 7.94
N SER A 87 14.60 -2.01 7.71
CA SER A 87 15.66 -2.65 8.42
C SER A 87 17.02 -2.19 7.86
N GLU A 88 17.18 -2.39 6.56
CA GLU A 88 18.40 -2.07 5.85
C GLU A 88 18.11 -1.34 4.55
N VAL A 89 17.07 -0.56 4.55
CA VAL A 89 16.76 0.26 3.39
C VAL A 89 17.71 1.47 3.38
N TYR A 90 18.18 1.81 4.58
CA TYR A 90 19.13 2.89 4.78
C TYR A 90 20.49 2.52 4.20
N SER A 91 20.70 1.23 3.96
CA SER A 91 21.94 0.76 3.40
C SER A 91 22.03 1.13 1.92
N GLU A 92 20.90 1.50 1.32
CA GLU A 92 20.87 1.92 -0.06
C GLU A 92 21.16 3.41 -0.17
N ALA A 93 21.16 4.07 0.97
CA ALA A 93 21.41 5.48 1.03
C ALA A 93 22.54 5.74 1.97
N VAL A 94 23.72 5.89 1.42
CA VAL A 94 24.89 6.17 2.23
C VAL A 94 24.75 7.52 2.92
N LYS A 95 25.41 7.69 4.02
CA LYS A 95 25.22 8.88 4.82
C LYS A 95 26.00 10.04 4.26
N ARG A 96 27.31 9.98 4.34
CA ARG A 96 28.12 11.00 3.74
C ARG A 96 29.26 10.40 2.94
N ILE A 97 28.91 9.94 1.78
CA ILE A 97 29.83 9.37 0.82
C ILE A 97 29.47 9.95 -0.52
N LEU A 98 30.20 10.97 -0.92
CA LEU A 98 30.01 11.68 -2.19
C LEU A 98 28.64 12.35 -2.22
N LYS B 4 0.85 11.98 15.50
CA LYS B 4 1.12 10.54 15.32
C LYS B 4 0.94 10.12 13.86
N GLN B 5 0.03 10.77 13.14
CA GLN B 5 -0.18 10.47 11.74
C GLN B 5 0.95 11.03 10.89
N THR B 6 0.92 10.77 9.60
CA THR B 6 1.99 11.08 8.66
C THR B 6 3.29 10.47 9.12
N LEU B 7 3.17 9.24 9.60
CA LEU B 7 4.27 8.50 10.11
C LEU B 7 5.06 7.94 8.96
N LEU B 8 5.91 8.75 8.44
CA LEU B 8 6.75 8.40 7.37
C LEU B 8 8.19 8.34 7.84
N SER B 9 8.96 7.50 7.24
CA SER B 9 10.32 7.30 7.63
C SER B 9 11.08 6.63 6.46
N ASP B 10 12.18 5.97 6.80
CA ASP B 10 13.07 5.30 5.83
C ASP B 10 12.32 4.22 5.04
N GLU B 11 11.27 3.69 5.64
CA GLU B 11 10.38 2.71 5.01
C GLU B 11 9.75 3.27 3.73
N ASP B 12 9.44 4.55 3.75
CA ASP B 12 8.79 5.22 2.65
C ASP B 12 9.74 5.41 1.52
N ALA B 13 11.02 5.42 1.84
CA ALA B 13 12.05 5.55 0.82
C ALA B 13 12.07 4.29 -0.05
N GLU B 14 11.63 3.17 0.52
CA GLU B 14 11.52 1.95 -0.23
C GLU B 14 10.15 1.87 -0.89
N LEU B 15 9.12 2.29 -0.20
CA LEU B 15 7.78 2.25 -0.75
C LEU B 15 7.63 3.09 -2.01
N VAL B 16 8.31 4.22 -2.08
CA VAL B 16 8.21 5.07 -3.26
C VAL B 16 8.88 4.42 -4.48
N GLU B 17 9.91 3.59 -4.26
CA GLU B 17 10.57 2.93 -5.37
C GLU B 17 9.78 1.69 -5.82
N ILE B 18 9.16 0.99 -4.86
CA ILE B 18 8.37 -0.20 -5.19
C ILE B 18 7.10 0.18 -5.95
N VAL B 19 6.43 1.26 -5.51
CA VAL B 19 5.21 1.71 -6.15
C VAL B 19 5.46 2.09 -7.61
N LYS B 20 6.52 2.86 -7.86
CA LYS B 20 6.82 3.33 -9.19
C LYS B 20 7.29 2.17 -10.08
N GLU B 21 7.87 1.16 -9.45
CA GLU B 21 8.29 -0.05 -10.14
C GLU B 21 7.10 -0.78 -10.72
N ARG B 22 6.13 -1.03 -9.90
CA ARG B 22 4.98 -1.76 -10.31
C ARG B 22 4.04 -0.88 -11.10
N LEU B 23 4.14 0.42 -10.92
CA LEU B 23 3.27 1.35 -11.59
C LEU B 23 3.61 1.52 -13.06
N ARG B 24 4.88 1.29 -13.41
CA ARG B 24 5.29 1.46 -14.80
C ARG B 24 4.77 0.34 -15.70
N ASN B 25 4.31 -0.73 -15.10
CA ASN B 25 3.67 -1.84 -15.79
C ASN B 25 2.97 -2.70 -14.74
N PRO B 26 1.74 -2.35 -14.38
CA PRO B 26 1.02 -3.02 -13.30
C PRO B 26 0.20 -4.25 -13.70
N LYS B 27 -0.73 -4.06 -14.63
CA LYS B 27 -1.78 -5.04 -14.94
C LYS B 27 -2.72 -5.18 -13.74
N PRO B 28 -3.70 -4.26 -13.62
CA PRO B 28 -4.65 -4.28 -12.53
C PRO B 28 -5.84 -5.18 -12.80
N VAL B 29 -6.18 -5.94 -11.80
CA VAL B 29 -7.29 -6.83 -11.86
C VAL B 29 -8.42 -6.24 -11.03
N ARG B 30 -9.54 -5.98 -11.68
CA ARG B 30 -10.72 -5.43 -11.03
C ARG B 30 -11.25 -6.41 -10.01
N VAL B 31 -11.28 -6.04 -8.79
CA VAL B 31 -11.76 -6.92 -7.76
C VAL B 31 -12.71 -6.21 -6.81
N THR B 32 -13.25 -7.00 -5.95
CA THR B 32 -14.12 -6.58 -4.91
C THR B 32 -13.64 -7.28 -3.65
N LEU B 33 -14.02 -6.80 -2.50
CA LEU B 33 -13.61 -7.42 -1.25
C LEU B 33 -14.29 -8.76 -1.08
N ASP B 34 -15.44 -8.87 -1.68
CA ASP B 34 -16.24 -10.06 -1.65
C ASP B 34 -15.49 -11.24 -2.28
N GLU B 35 -14.76 -10.98 -3.36
CA GLU B 35 -14.05 -12.02 -4.07
C GLU B 35 -12.61 -12.20 -3.55
N LEU B 36 -12.23 -11.38 -2.59
CA LEU B 36 -10.91 -11.54 -1.99
C LEU B 36 -10.99 -12.61 -0.93
N MET A 4 -20.27 -0.92 -2.72
CA MET A 4 -18.92 -0.36 -2.61
C MET A 4 -18.83 0.89 -3.47
N ALA A 5 -18.47 2.01 -2.86
CA ALA A 5 -18.36 3.28 -3.59
C ALA A 5 -17.22 3.21 -4.58
N TYR A 6 -16.04 2.96 -4.08
CA TYR A 6 -14.90 2.79 -4.93
C TYR A 6 -14.76 1.33 -5.32
N PHE A 7 -14.35 1.08 -6.54
CA PHE A 7 -14.10 -0.27 -6.99
C PHE A 7 -12.78 -0.75 -6.37
N LEU A 8 -12.47 -2.00 -6.53
CA LEU A 8 -11.25 -2.51 -6.00
C LEU A 8 -10.38 -2.99 -7.15
N ASP A 9 -9.15 -2.55 -7.16
CA ASP A 9 -8.20 -2.99 -8.17
C ASP A 9 -6.94 -3.48 -7.50
N PHE A 10 -6.36 -4.51 -8.03
CA PHE A 10 -5.11 -5.04 -7.50
C PHE A 10 -4.11 -5.24 -8.59
N ASP A 11 -2.93 -4.69 -8.40
CA ASP A 11 -1.79 -4.96 -9.27
C ASP A 11 -1.53 -6.47 -9.30
N GLU A 12 -1.14 -7.00 -10.46
CA GLU A 12 -0.91 -8.45 -10.58
C GLU A 12 0.17 -8.96 -9.62
N ARG A 13 1.12 -8.13 -9.28
CA ARG A 13 2.14 -8.52 -8.34
C ARG A 13 1.53 -8.49 -6.93
N ALA A 14 0.66 -7.50 -6.68
CA ALA A 14 -0.07 -7.31 -5.42
C ALA A 14 -0.99 -8.50 -5.10
N LEU A 15 -1.48 -9.16 -6.13
CA LEU A 15 -2.29 -10.38 -5.98
C LEU A 15 -1.52 -11.42 -5.16
N LYS A 16 -0.26 -11.55 -5.49
CA LYS A 16 0.60 -12.55 -4.89
C LYS A 16 1.07 -12.04 -3.53
N GLU A 17 0.90 -10.75 -3.31
CA GLU A 17 1.32 -10.08 -2.11
C GLU A 17 0.44 -10.38 -0.93
N TRP A 18 -0.79 -10.70 -1.17
CA TRP A 18 -1.64 -11.10 -0.06
C TRP A 18 -1.60 -12.61 0.08
N ARG A 19 -1.20 -13.27 -0.99
CA ARG A 19 -1.14 -14.73 -1.01
C ARG A 19 0.18 -15.24 -0.42
N LYS A 20 1.04 -14.33 -0.05
CA LYS A 20 2.30 -14.69 0.60
C LYS A 20 2.13 -14.70 2.12
N LEU A 21 1.11 -14.03 2.57
CA LEU A 21 0.97 -13.74 3.97
C LEU A 21 -0.15 -14.53 4.62
N GLY A 22 -0.21 -14.47 5.94
CA GLY A 22 -1.21 -15.19 6.71
C GLY A 22 -2.63 -14.78 6.40
N SER A 23 -3.53 -15.72 6.52
CA SER A 23 -4.91 -15.54 6.19
C SER A 23 -5.58 -14.44 7.06
N THR A 24 -5.33 -14.45 8.36
CA THR A 24 -5.94 -13.47 9.25
C THR A 24 -5.35 -12.08 9.01
N VAL A 25 -4.13 -12.03 8.55
CA VAL A 25 -3.51 -10.76 8.19
C VAL A 25 -4.31 -10.11 7.07
N ARG A 26 -4.70 -10.90 6.07
CA ARG A 26 -5.46 -10.35 4.97
C ARG A 26 -6.91 -10.09 5.36
N GLU A 27 -7.37 -10.74 6.41
CA GLU A 27 -8.70 -10.49 6.92
C GLU A 27 -8.75 -9.10 7.54
N GLN A 28 -7.64 -8.69 8.16
CA GLN A 28 -7.51 -7.34 8.73
C GLN A 28 -7.44 -6.33 7.59
N LEU A 29 -6.63 -6.65 6.59
CA LEU A 29 -6.43 -5.81 5.40
C LEU A 29 -7.75 -5.51 4.72
N LYS A 30 -8.59 -6.51 4.58
CA LYS A 30 -9.89 -6.36 3.94
C LYS A 30 -10.79 -5.41 4.73
N LYS A 31 -10.63 -5.37 6.04
CA LYS A 31 -11.39 -4.44 6.86
C LYS A 31 -10.93 -3.00 6.59
N LYS A 32 -9.65 -2.82 6.36
CA LYS A 32 -9.11 -1.50 6.04
C LYS A 32 -9.47 -1.10 4.63
N LEU A 33 -9.69 -2.07 3.82
CA LEU A 33 -10.10 -1.83 2.47
C LEU A 33 -11.58 -1.45 2.39
N VAL A 34 -12.41 -2.05 3.22
CA VAL A 34 -13.83 -1.73 3.18
C VAL A 34 -14.10 -0.33 3.78
N GLU A 35 -13.15 0.20 4.54
CA GLU A 35 -13.32 1.52 5.11
C GLU A 35 -12.71 2.54 4.16
N VAL A 36 -11.76 2.07 3.36
CA VAL A 36 -11.04 2.91 2.46
C VAL A 36 -11.85 3.15 1.19
N LEU A 37 -12.71 2.19 0.84
CA LEU A 37 -13.57 2.29 -0.34
C LEU A 37 -14.64 3.37 -0.16
N GLU A 38 -14.74 3.86 1.05
CA GLU A 38 -15.62 4.95 1.37
C GLU A 38 -14.84 6.26 1.38
N SER A 39 -13.69 6.24 1.99
CA SER A 39 -12.89 7.42 2.15
C SER A 39 -11.40 7.06 2.06
N PRO A 40 -10.84 7.08 0.84
CA PRO A 40 -9.45 6.71 0.64
C PRO A 40 -8.47 7.89 0.72
N ARG A 41 -8.96 9.10 0.80
CA ARG A 41 -8.08 10.26 0.81
C ARG A 41 -7.71 10.61 2.25
N ILE A 42 -6.63 10.07 2.74
CA ILE A 42 -6.19 10.35 4.10
C ILE A 42 -4.75 10.81 4.02
N GLU A 43 -4.54 12.11 4.02
CA GLU A 43 -3.22 12.67 3.78
C GLU A 43 -2.26 12.53 4.96
N ALA A 44 -2.73 11.93 6.02
CA ALA A 44 -1.88 11.66 7.15
C ALA A 44 -0.98 10.46 6.85
N ASN A 45 -1.40 9.65 5.87
CA ASN A 45 -0.65 8.47 5.48
C ASN A 45 -0.06 8.59 4.08
N LYS A 46 -0.08 9.79 3.52
CA LYS A 46 0.45 10.00 2.16
C LYS A 46 1.97 9.90 2.10
N LEU A 47 2.46 9.47 0.96
CA LEU A 47 3.87 9.38 0.74
C LEU A 47 4.37 10.74 0.30
N ARG A 48 5.66 10.97 0.46
CA ARG A 48 6.26 12.25 0.14
C ARG A 48 6.52 12.32 -1.34
N GLY A 49 7.21 11.32 -1.82
CA GLY A 49 7.58 11.28 -3.22
C GLY A 49 6.44 10.85 -4.11
N MET A 50 5.37 10.36 -3.51
CA MET A 50 4.23 9.89 -4.27
C MET A 50 2.94 10.43 -3.76
N PRO A 51 2.36 11.40 -4.48
CA PRO A 51 1.04 11.93 -4.17
C PRO A 51 0.00 10.87 -4.49
N ASP A 52 -1.13 10.89 -3.77
CA ASP A 52 -2.27 9.99 -4.02
C ASP A 52 -1.98 8.57 -3.57
N CYS A 53 -0.81 8.36 -3.04
CA CYS A 53 -0.38 7.07 -2.58
C CYS A 53 -0.28 7.13 -1.07
N TYR A 54 -0.87 6.17 -0.42
CA TYR A 54 -0.92 6.16 1.03
C TYR A 54 -0.46 4.80 1.55
N LYS A 55 0.06 4.78 2.76
CA LYS A 55 0.52 3.56 3.39
C LYS A 55 -0.18 3.35 4.74
N ILE A 56 -0.81 2.23 4.88
CA ILE A 56 -1.52 1.89 6.09
C ILE A 56 -0.85 0.67 6.70
N LYS A 57 -0.67 0.65 8.01
CA LYS A 57 -0.05 -0.48 8.65
C LYS A 57 -0.99 -1.12 9.64
N LEU A 58 -0.97 -2.42 9.70
CA LEU A 58 -1.68 -3.15 10.67
C LEU A 58 -0.81 -3.18 11.90
N ARG A 59 -1.13 -2.35 12.86
CA ARG A 59 -0.34 -2.19 14.08
C ARG A 59 -0.35 -3.50 14.88
N SER A 60 -1.37 -4.29 14.65
CA SER A 60 -1.55 -5.56 15.33
C SER A 60 -0.77 -6.71 14.63
N SER A 61 0.00 -6.40 13.60
CA SER A 61 0.73 -7.47 12.93
C SER A 61 2.10 -7.02 12.39
N GLY A 62 2.20 -5.78 11.93
CA GLY A 62 3.46 -5.29 11.39
C GLY A 62 3.46 -5.34 9.89
N TYR A 63 2.33 -5.64 9.33
CA TYR A 63 2.16 -5.66 7.90
C TYR A 63 1.71 -4.30 7.43
N ARG A 64 1.76 -4.08 6.16
CA ARG A 64 1.38 -2.83 5.57
C ARG A 64 0.79 -3.05 4.21
N LEU A 65 0.15 -2.05 3.72
CA LEU A 65 -0.46 -2.06 2.42
C LEU A 65 -0.27 -0.68 1.82
N VAL A 66 0.04 -0.66 0.54
CA VAL A 66 0.30 0.57 -0.19
C VAL A 66 -0.71 0.64 -1.30
N TYR A 67 -1.38 1.74 -1.45
CA TYR A 67 -2.37 1.88 -2.50
C TYR A 67 -2.33 3.29 -3.06
N GLN A 68 -2.87 3.46 -4.23
CA GLN A 68 -2.98 4.74 -4.84
C GLN A 68 -4.43 4.95 -5.18
N VAL A 69 -4.90 6.13 -5.01
CA VAL A 69 -6.28 6.43 -5.24
C VAL A 69 -6.46 7.00 -6.62
N ILE A 70 -7.27 6.36 -7.41
CA ILE A 70 -7.57 6.85 -8.73
C ILE A 70 -9.01 7.33 -8.68
N ASP A 71 -9.23 8.61 -8.64
CA ASP A 71 -10.59 9.09 -8.49
C ASP A 71 -11.33 9.14 -9.82
N GLU A 72 -10.58 9.29 -10.91
CA GLU A 72 -11.16 9.32 -12.26
C GLU A 72 -11.83 7.98 -12.58
N LYS A 73 -11.23 6.90 -12.09
CA LYS A 73 -11.69 5.56 -12.37
C LYS A 73 -12.48 5.06 -11.18
N VAL A 74 -12.46 5.87 -10.12
CA VAL A 74 -13.10 5.58 -8.84
C VAL A 74 -12.65 4.21 -8.32
N VAL A 75 -11.43 4.12 -7.89
CA VAL A 75 -10.94 2.85 -7.46
C VAL A 75 -9.74 3.00 -6.53
N VAL A 76 -9.63 2.07 -5.63
CA VAL A 76 -8.51 1.95 -4.77
C VAL A 76 -7.62 0.91 -5.39
N PHE A 77 -6.57 1.36 -6.00
CA PHE A 77 -5.67 0.50 -6.69
C PHE A 77 -4.52 0.13 -5.77
N VAL A 78 -4.58 -1.07 -5.24
CA VAL A 78 -3.56 -1.55 -4.37
C VAL A 78 -2.32 -1.93 -5.17
N ILE A 79 -1.22 -1.36 -4.76
CA ILE A 79 0.04 -1.51 -5.42
C ILE A 79 0.82 -2.67 -4.82
N SER A 80 0.94 -2.69 -3.51
CA SER A 80 1.74 -3.70 -2.83
C SER A 80 1.12 -4.06 -1.49
N VAL A 81 1.38 -5.26 -1.03
CA VAL A 81 0.87 -5.77 0.22
C VAL A 81 1.97 -6.62 0.85
N GLY A 82 2.11 -6.58 2.15
CA GLY A 82 3.08 -7.41 2.80
C GLY A 82 3.92 -6.62 3.75
N LYS A 83 5.15 -7.02 3.93
CA LYS A 83 6.03 -6.30 4.78
C LYS A 83 7.14 -5.67 3.97
N ALA A 84 6.99 -4.41 3.74
CA ALA A 84 7.97 -3.59 3.10
C ALA A 84 8.23 -2.47 4.05
N GLU A 85 9.49 -2.29 4.44
CA GLU A 85 9.91 -1.28 5.41
C GLU A 85 9.64 -1.75 6.85
N ALA A 86 10.43 -1.20 7.80
CA ALA A 86 10.44 -1.45 9.27
C ALA A 86 11.60 -2.32 9.69
N SER A 87 12.24 -2.89 8.71
CA SER A 87 13.36 -3.77 8.92
C SER A 87 14.70 -3.02 8.75
N GLU A 88 14.63 -1.90 8.11
CA GLU A 88 15.79 -1.13 7.69
C GLU A 88 15.72 0.32 8.20
N VAL A 89 14.55 0.92 8.09
CA VAL A 89 14.32 2.30 8.55
C VAL A 89 14.49 2.38 10.09
N TYR A 90 14.14 1.27 10.74
CA TYR A 90 14.23 1.14 12.19
C TYR A 90 15.68 1.28 12.70
N SER A 91 16.64 0.91 11.88
CA SER A 91 18.06 0.91 12.27
C SER A 91 18.55 2.31 12.72
N GLU A 92 17.95 3.36 12.18
CA GLU A 92 18.33 4.71 12.53
C GLU A 92 17.53 5.18 13.75
N ALA A 93 16.39 4.55 13.98
CA ALA A 93 15.50 4.96 15.03
C ALA A 93 15.66 4.05 16.23
N VAL A 94 16.79 4.16 16.86
CA VAL A 94 17.08 3.38 18.04
C VAL A 94 16.74 4.15 19.30
N LYS A 95 17.00 3.52 20.44
CA LYS A 95 16.62 4.03 21.76
C LYS A 95 17.14 5.43 22.05
N ARG A 96 18.44 5.58 22.11
CA ARG A 96 19.01 6.87 22.42
C ARG A 96 20.06 7.32 21.42
N ILE A 97 20.57 6.39 20.63
CA ILE A 97 21.62 6.71 19.69
C ILE A 97 21.05 7.36 18.44
N LEU A 98 21.25 8.63 18.35
CA LEU A 98 20.82 9.37 17.22
C LEU A 98 21.99 10.19 16.76
N LYS B 4 9.27 21.45 9.01
CA LYS B 4 7.92 20.91 9.17
C LYS B 4 8.03 19.60 9.92
N GLN B 5 6.99 19.24 10.66
CA GLN B 5 6.96 17.96 11.34
C GLN B 5 6.80 16.85 10.32
N THR B 6 7.36 15.72 10.59
CA THR B 6 7.36 14.68 9.64
C THR B 6 6.32 13.59 9.87
N LEU B 7 5.27 13.62 9.06
CA LEU B 7 4.31 12.55 9.00
C LEU B 7 4.76 11.55 7.96
N LEU B 8 5.86 11.90 7.36
CA LEU B 8 6.54 11.16 6.33
C LEU B 8 7.96 10.90 6.81
N SER B 9 8.75 10.14 6.05
CA SER B 9 10.08 9.73 6.49
C SER B 9 10.70 8.88 5.37
N ASP B 10 11.86 8.28 5.61
CA ASP B 10 12.50 7.43 4.60
C ASP B 10 11.62 6.23 4.34
N GLU B 11 10.79 5.92 5.31
CA GLU B 11 9.85 4.85 5.23
C GLU B 11 8.75 5.12 4.18
N ASP B 12 8.67 6.33 3.68
CA ASP B 12 7.76 6.59 2.59
C ASP B 12 8.50 6.44 1.31
N ALA B 13 9.75 6.89 1.29
CA ALA B 13 10.62 6.80 0.12
C ALA B 13 10.91 5.34 -0.25
N GLU B 14 10.91 4.47 0.77
CA GLU B 14 11.17 3.04 0.61
C GLU B 14 10.05 2.45 -0.22
N LEU B 15 8.88 2.97 -0.02
CA LEU B 15 7.69 2.49 -0.67
C LEU B 15 7.48 3.21 -1.99
N VAL B 16 8.06 4.39 -2.09
CA VAL B 16 8.02 5.21 -3.28
C VAL B 16 8.74 4.50 -4.43
N GLU B 17 9.89 3.91 -4.13
CA GLU B 17 10.62 3.17 -5.15
C GLU B 17 9.94 1.85 -5.52
N ILE B 18 9.11 1.35 -4.62
CA ILE B 18 8.37 0.11 -4.86
C ILE B 18 7.15 0.38 -5.77
N VAL B 19 6.43 1.46 -5.50
CA VAL B 19 5.24 1.79 -6.26
C VAL B 19 5.59 2.24 -7.68
N LYS B 20 6.65 3.04 -7.82
CA LYS B 20 7.09 3.53 -9.13
C LYS B 20 7.42 2.34 -10.05
N GLU B 21 7.98 1.29 -9.46
CA GLU B 21 8.30 0.05 -10.14
C GLU B 21 7.04 -0.59 -10.69
N ARG B 22 6.04 -0.69 -9.86
CA ARG B 22 4.83 -1.34 -10.29
C ARG B 22 3.96 -0.41 -11.10
N LEU B 23 4.31 0.86 -11.10
CA LEU B 23 3.56 1.82 -11.89
C LEU B 23 4.02 1.86 -13.34
N ARG B 24 5.22 1.36 -13.61
CA ARG B 24 5.72 1.34 -14.99
C ARG B 24 4.89 0.39 -15.84
N ASN B 25 4.40 -0.67 -15.23
CA ASN B 25 3.51 -1.60 -15.89
C ASN B 25 2.85 -2.50 -14.85
N PRO B 26 1.70 -2.08 -14.33
CA PRO B 26 0.99 -2.83 -13.30
C PRO B 26 0.06 -3.94 -13.80
N LYS B 27 -0.91 -3.56 -14.65
CA LYS B 27 -2.06 -4.41 -15.02
C LYS B 27 -2.97 -4.58 -13.82
N PRO B 28 -3.91 -3.66 -13.63
CA PRO B 28 -4.85 -3.74 -12.55
C PRO B 28 -5.97 -4.73 -12.85
N VAL B 29 -6.12 -5.66 -11.99
CA VAL B 29 -7.15 -6.64 -12.07
C VAL B 29 -8.29 -6.15 -11.20
N ARG B 30 -9.39 -5.86 -11.82
CA ARG B 30 -10.55 -5.37 -11.13
C ARG B 30 -11.12 -6.51 -10.29
N VAL B 31 -11.26 -6.28 -9.02
CA VAL B 31 -11.80 -7.25 -8.10
C VAL B 31 -12.74 -6.57 -7.08
N THR B 32 -13.26 -7.37 -6.18
CA THR B 32 -14.07 -6.94 -5.09
C THR B 32 -13.55 -7.64 -3.83
N LEU B 33 -13.97 -7.21 -2.67
CA LEU B 33 -13.56 -7.84 -1.42
C LEU B 33 -14.33 -9.11 -1.19
N ASP B 34 -15.48 -9.22 -1.83
CA ASP B 34 -16.35 -10.37 -1.69
C ASP B 34 -15.72 -11.59 -2.32
N GLU B 35 -15.01 -11.36 -3.42
CA GLU B 35 -14.36 -12.44 -4.14
C GLU B 35 -12.98 -12.73 -3.59
N LEU B 36 -12.51 -11.93 -2.64
CA LEU B 36 -11.23 -12.19 -2.02
C LEU B 36 -11.46 -13.08 -0.82
N MET A 4 -19.92 -0.96 -3.26
CA MET A 4 -18.73 -0.29 -2.77
C MET A 4 -18.58 1.02 -3.51
N ALA A 5 -18.32 2.11 -2.78
CA ALA A 5 -18.24 3.45 -3.38
C ALA A 5 -17.12 3.52 -4.40
N TYR A 6 -15.99 3.05 -4.03
CA TYR A 6 -14.88 2.92 -4.92
C TYR A 6 -14.74 1.47 -5.29
N PHE A 7 -14.32 1.21 -6.50
CA PHE A 7 -14.09 -0.16 -6.92
C PHE A 7 -12.73 -0.60 -6.39
N LEU A 8 -12.44 -1.87 -6.43
CA LEU A 8 -11.19 -2.34 -5.89
C LEU A 8 -10.34 -2.98 -6.99
N ASP A 9 -9.08 -2.66 -6.98
CA ASP A 9 -8.12 -3.23 -7.94
C ASP A 9 -6.87 -3.64 -7.25
N PHE A 10 -6.24 -4.63 -7.76
CA PHE A 10 -4.96 -5.07 -7.26
C PHE A 10 -4.04 -5.35 -8.41
N ASP A 11 -2.81 -5.01 -8.24
CA ASP A 11 -1.76 -5.37 -9.16
C ASP A 11 -1.56 -6.88 -9.10
N GLU A 12 -1.21 -7.48 -10.22
CA GLU A 12 -1.06 -8.92 -10.28
C GLU A 12 0.03 -9.48 -9.35
N ARG A 13 1.00 -8.68 -9.00
CA ARG A 13 1.98 -9.11 -8.05
C ARG A 13 1.43 -8.97 -6.66
N ALA A 14 0.75 -7.84 -6.41
CA ALA A 14 0.09 -7.58 -5.11
C ALA A 14 -0.83 -8.74 -4.70
N LEU A 15 -1.46 -9.36 -5.70
CA LEU A 15 -2.30 -10.54 -5.51
C LEU A 15 -1.51 -11.66 -4.81
N LYS A 16 -0.33 -11.92 -5.35
CA LYS A 16 0.51 -13.03 -4.89
C LYS A 16 1.13 -12.69 -3.55
N GLU A 17 1.36 -11.41 -3.38
CA GLU A 17 1.93 -10.84 -2.20
C GLU A 17 1.12 -11.17 -0.95
N TRP A 18 -0.21 -11.09 -1.03
CA TRP A 18 -1.00 -11.37 0.16
C TRP A 18 -1.12 -12.87 0.37
N ARG A 19 -1.08 -13.62 -0.70
CA ARG A 19 -1.27 -15.07 -0.66
C ARG A 19 -0.17 -15.75 0.16
N LYS A 20 1.02 -15.19 0.11
CA LYS A 20 2.15 -15.79 0.78
C LYS A 20 2.31 -15.32 2.23
N LEU A 21 1.55 -14.32 2.63
CA LEU A 21 1.69 -13.80 3.99
C LEU A 21 0.72 -14.42 4.99
N GLY A 22 -0.52 -14.65 4.59
CA GLY A 22 -1.47 -15.27 5.49
C GLY A 22 -2.87 -14.70 5.35
N SER A 23 -3.84 -15.50 5.73
CA SER A 23 -5.24 -15.14 5.60
C SER A 23 -5.68 -14.10 6.65
N THR A 24 -5.27 -14.26 7.90
CA THR A 24 -5.68 -13.33 8.94
C THR A 24 -5.12 -11.93 8.69
N VAL A 25 -3.90 -11.88 8.21
CA VAL A 25 -3.27 -10.62 7.88
C VAL A 25 -4.02 -9.93 6.74
N ARG A 26 -4.39 -10.69 5.71
CA ARG A 26 -5.07 -10.14 4.55
C ARG A 26 -6.48 -9.65 4.95
N GLU A 27 -7.12 -10.35 5.88
CA GLU A 27 -8.47 -10.00 6.31
C GLU A 27 -8.49 -8.71 7.10
N GLN A 28 -7.42 -8.45 7.84
CA GLN A 28 -7.30 -7.19 8.56
C GLN A 28 -7.18 -6.05 7.56
N LEU A 29 -6.43 -6.28 6.51
CA LEU A 29 -6.26 -5.32 5.44
C LEU A 29 -7.59 -5.05 4.75
N LYS A 30 -8.38 -6.11 4.54
CA LYS A 30 -9.66 -6.04 3.88
C LYS A 30 -10.68 -5.22 4.66
N LYS A 31 -10.48 -5.08 5.96
CA LYS A 31 -11.37 -4.28 6.75
C LYS A 31 -11.07 -2.81 6.57
N LYS A 32 -9.82 -2.48 6.55
CA LYS A 32 -9.46 -1.10 6.38
C LYS A 32 -9.60 -0.69 4.92
N LEU A 33 -9.73 -1.67 4.08
CA LEU A 33 -10.04 -1.45 2.69
C LEU A 33 -11.53 -1.16 2.51
N VAL A 34 -12.39 -1.73 3.35
CA VAL A 34 -13.84 -1.48 3.16
C VAL A 34 -14.18 -0.03 3.56
N GLU A 35 -13.35 0.55 4.40
CA GLU A 35 -13.56 1.92 4.80
C GLU A 35 -12.81 2.84 3.86
N VAL A 36 -11.78 2.29 3.23
CA VAL A 36 -10.96 3.05 2.32
C VAL A 36 -11.74 3.27 1.01
N LEU A 37 -12.55 2.29 0.66
CA LEU A 37 -13.40 2.33 -0.53
C LEU A 37 -14.53 3.32 -0.34
N GLU A 38 -14.63 3.85 0.85
CA GLU A 38 -15.64 4.80 1.18
C GLU A 38 -15.02 6.19 1.39
N SER A 39 -13.81 6.23 1.95
CA SER A 39 -13.08 7.48 2.21
C SER A 39 -11.56 7.19 2.31
N PRO A 40 -10.85 7.21 1.17
CA PRO A 40 -9.42 6.85 1.10
C PRO A 40 -8.42 8.00 1.33
N ARG A 41 -8.90 9.21 1.40
CA ARG A 41 -7.98 10.32 1.52
C ARG A 41 -7.67 10.72 2.95
N ILE A 42 -6.70 10.02 3.52
CA ILE A 42 -6.18 10.34 4.82
C ILE A 42 -4.73 10.73 4.63
N GLU A 43 -4.44 12.02 4.70
CA GLU A 43 -3.09 12.50 4.36
C GLU A 43 -2.08 12.16 5.45
N ALA A 44 -2.56 11.57 6.52
CA ALA A 44 -1.69 11.12 7.59
C ALA A 44 -0.97 9.83 7.15
N ASN A 45 -1.41 9.27 6.02
CA ASN A 45 -0.81 8.05 5.48
C ASN A 45 -0.26 8.28 4.09
N LYS A 46 -0.21 9.55 3.66
CA LYS A 46 0.26 9.87 2.30
C LYS A 46 1.73 9.54 2.13
N LEU A 47 2.13 9.35 0.90
CA LEU A 47 3.47 8.94 0.60
C LEU A 47 4.36 10.15 0.30
N ARG A 48 5.59 10.05 0.76
CA ARG A 48 6.65 11.09 0.70
C ARG A 48 6.84 11.71 -0.69
N GLY A 49 6.74 10.90 -1.74
CA GLY A 49 6.95 11.43 -3.07
C GLY A 49 5.85 11.09 -4.04
N MET A 50 4.78 10.50 -3.56
CA MET A 50 3.66 10.15 -4.43
C MET A 50 2.34 10.67 -3.89
N PRO A 51 1.75 11.67 -4.57
CA PRO A 51 0.44 12.21 -4.20
C PRO A 51 -0.66 11.16 -4.42
N ASP A 52 -1.57 11.08 -3.46
CA ASP A 52 -2.71 10.13 -3.47
C ASP A 52 -2.30 8.68 -3.37
N CYS A 53 -1.06 8.46 -3.03
CA CYS A 53 -0.60 7.17 -2.73
C CYS A 53 -0.52 7.11 -1.23
N TYR A 54 -1.12 6.12 -0.64
CA TYR A 54 -1.17 6.03 0.78
C TYR A 54 -0.73 4.67 1.21
N LYS A 55 0.02 4.62 2.27
CA LYS A 55 0.41 3.37 2.83
C LYS A 55 -0.14 3.30 4.23
N ILE A 56 -0.82 2.26 4.54
CA ILE A 56 -1.36 2.12 5.86
C ILE A 56 -0.86 0.82 6.44
N LYS A 57 -0.33 0.87 7.64
CA LYS A 57 0.16 -0.33 8.27
C LYS A 57 -0.87 -0.91 9.20
N LEU A 58 -0.65 -2.12 9.64
CA LEU A 58 -1.48 -2.78 10.60
C LEU A 58 -0.80 -2.70 11.94
N ARG A 59 -1.33 -1.86 12.80
CA ARG A 59 -0.77 -1.63 14.15
C ARG A 59 -0.65 -2.93 14.96
N SER A 60 -1.52 -3.86 14.70
CA SER A 60 -1.55 -5.10 15.43
C SER A 60 -1.02 -6.27 14.57
N SER A 61 -0.16 -5.98 13.61
CA SER A 61 0.39 -7.02 12.77
C SER A 61 1.81 -6.68 12.27
N GLY A 62 1.97 -5.53 11.66
CA GLY A 62 3.28 -5.13 11.15
C GLY A 62 3.31 -5.08 9.64
N TYR A 63 2.39 -5.78 9.02
CA TYR A 63 2.28 -5.77 7.57
C TYR A 63 1.58 -4.52 7.13
N ARG A 64 1.75 -4.15 5.89
CA ARG A 64 1.15 -2.93 5.40
C ARG A 64 0.50 -3.17 4.06
N LEU A 65 -0.19 -2.18 3.59
CA LEU A 65 -0.75 -2.20 2.27
C LEU A 65 -0.52 -0.82 1.68
N VAL A 66 -0.08 -0.80 0.46
CA VAL A 66 0.27 0.43 -0.23
C VAL A 66 -0.56 0.53 -1.48
N TYR A 67 -1.28 1.59 -1.64
CA TYR A 67 -2.17 1.75 -2.78
C TYR A 67 -2.09 3.18 -3.29
N GLN A 68 -2.75 3.44 -4.38
CA GLN A 68 -2.86 4.76 -4.92
C GLN A 68 -4.32 4.92 -5.30
N VAL A 69 -4.97 5.91 -4.73
CA VAL A 69 -6.38 6.12 -4.98
C VAL A 69 -6.60 6.88 -6.28
N ILE A 70 -7.28 6.26 -7.20
CA ILE A 70 -7.59 6.87 -8.46
C ILE A 70 -9.02 7.38 -8.38
N ASP A 71 -9.20 8.68 -8.26
CA ASP A 71 -10.56 9.21 -8.07
C ASP A 71 -11.27 9.42 -9.40
N GLU A 72 -10.52 9.44 -10.48
CA GLU A 72 -11.11 9.61 -11.81
C GLU A 72 -11.79 8.31 -12.28
N LYS A 73 -11.15 7.17 -12.02
CA LYS A 73 -11.70 5.85 -12.38
C LYS A 73 -12.45 5.29 -11.21
N VAL A 74 -12.34 5.97 -10.08
CA VAL A 74 -12.98 5.64 -8.82
C VAL A 74 -12.61 4.23 -8.39
N VAL A 75 -11.37 4.05 -8.06
CA VAL A 75 -10.89 2.75 -7.72
C VAL A 75 -9.63 2.85 -6.87
N VAL A 76 -9.55 2.01 -5.88
CA VAL A 76 -8.40 1.89 -5.06
C VAL A 76 -7.50 0.83 -5.64
N PHE A 77 -6.46 1.26 -6.29
CA PHE A 77 -5.55 0.36 -6.92
C PHE A 77 -4.38 0.08 -5.99
N VAL A 78 -4.37 -1.10 -5.45
CA VAL A 78 -3.34 -1.52 -4.56
C VAL A 78 -2.12 -1.98 -5.35
N ILE A 79 -1.01 -1.41 -4.99
CA ILE A 79 0.25 -1.62 -5.66
C ILE A 79 1.02 -2.78 -5.02
N SER A 80 1.14 -2.76 -3.71
CA SER A 80 1.88 -3.77 -3.00
C SER A 80 1.17 -4.12 -1.70
N VAL A 81 1.33 -5.35 -1.27
CA VAL A 81 0.74 -5.85 -0.05
C VAL A 81 1.82 -6.63 0.68
N GLY A 82 2.10 -6.29 1.88
CA GLY A 82 3.07 -7.00 2.63
C GLY A 82 3.87 -6.07 3.45
N LYS A 83 4.96 -6.50 3.95
CA LYS A 83 5.78 -5.64 4.74
C LYS A 83 7.02 -5.19 4.00
N ALA A 84 6.94 -4.01 3.46
CA ALA A 84 8.04 -3.34 2.85
C ALA A 84 8.63 -2.43 3.89
N GLU A 85 9.81 -1.93 3.69
CA GLU A 85 10.44 -1.17 4.74
C GLU A 85 11.52 -0.26 4.20
N ALA A 86 12.20 0.32 5.14
CA ALA A 86 13.41 1.03 4.99
C ALA A 86 13.86 1.34 6.37
N SER A 87 14.20 0.29 7.08
CA SER A 87 14.67 0.42 8.42
C SER A 87 16.01 -0.29 8.52
N GLU A 88 16.05 -1.49 7.99
CA GLU A 88 17.25 -2.28 7.98
C GLU A 88 17.94 -2.12 6.64
N VAL A 89 17.21 -1.53 5.69
CA VAL A 89 17.73 -1.21 4.36
C VAL A 89 18.97 -0.31 4.48
N TYR A 90 18.83 0.77 5.22
CA TYR A 90 19.93 1.70 5.40
C TYR A 90 20.86 1.27 6.53
N SER A 91 20.58 0.14 7.15
CA SER A 91 21.39 -0.34 8.27
C SER A 91 22.70 -0.94 7.73
N GLU A 92 22.62 -1.63 6.58
CA GLU A 92 23.83 -2.14 5.97
C GLU A 92 24.56 -1.01 5.27
N ALA A 93 23.80 0.07 4.97
CA ALA A 93 24.32 1.35 4.45
C ALA A 93 25.17 1.21 3.19
N VAL A 94 24.88 0.19 2.42
CA VAL A 94 25.63 -0.04 1.21
C VAL A 94 25.26 0.98 0.15
N LYS A 95 26.20 1.30 -0.70
CA LYS A 95 25.97 2.27 -1.76
C LYS A 95 25.41 1.59 -3.00
N ARG A 96 25.54 0.27 -3.04
CA ARG A 96 25.02 -0.51 -4.16
C ARG A 96 23.75 -1.25 -3.72
N ILE A 97 22.70 -0.51 -3.51
CA ILE A 97 21.42 -1.09 -3.14
C ILE A 97 20.66 -1.42 -4.41
N LEU A 98 20.68 -0.48 -5.32
CA LEU A 98 19.98 -0.61 -6.57
C LEU A 98 20.97 -1.09 -7.61
N LYS B 4 3.61 22.01 6.89
CA LYS B 4 4.78 22.05 7.76
C LYS B 4 5.09 20.69 8.36
N GLN B 5 4.07 19.99 8.82
CA GLN B 5 4.29 18.70 9.42
C GLN B 5 4.21 17.58 8.40
N THR B 6 5.34 17.15 7.97
CA THR B 6 5.43 16.08 7.04
C THR B 6 5.49 14.74 7.78
N LEU B 7 4.37 14.06 7.82
CA LEU B 7 4.32 12.79 8.45
C LEU B 7 4.80 11.73 7.49
N LEU B 8 6.09 11.52 7.50
CA LEU B 8 6.74 10.59 6.61
C LEU B 8 7.77 9.80 7.35
N SER B 9 8.24 8.76 6.73
CA SER B 9 9.23 7.92 7.27
C SER B 9 10.12 7.50 6.09
N ASP B 10 11.13 6.68 6.30
CA ASP B 10 12.02 6.33 5.18
C ASP B 10 11.43 5.18 4.42
N GLU B 11 10.49 4.50 5.07
CA GLU B 11 9.69 3.44 4.47
C GLU B 11 8.99 3.99 3.22
N ASP B 12 8.66 5.29 3.28
CA ASP B 12 8.07 6.03 2.18
C ASP B 12 8.95 6.03 1.00
N ALA B 13 10.24 6.18 1.20
CA ALA B 13 11.19 6.25 0.09
C ALA B 13 11.23 4.95 -0.70
N GLU B 14 11.20 3.81 0.00
CA GLU B 14 11.18 2.54 -0.69
C GLU B 14 9.83 2.32 -1.38
N LEU B 15 8.77 2.69 -0.71
CA LEU B 15 7.44 2.53 -1.29
C LEU B 15 7.28 3.38 -2.53
N VAL B 16 7.96 4.50 -2.56
CA VAL B 16 7.98 5.39 -3.69
C VAL B 16 8.66 4.74 -4.89
N GLU B 17 9.75 4.01 -4.66
CA GLU B 17 10.44 3.34 -5.75
C GLU B 17 9.71 2.08 -6.20
N ILE B 18 9.02 1.42 -5.26
CA ILE B 18 8.23 0.24 -5.58
C ILE B 18 7.03 0.61 -6.45
N VAL B 19 6.35 1.69 -6.08
CA VAL B 19 5.16 2.10 -6.80
C VAL B 19 5.52 2.65 -8.18
N LYS B 20 6.59 3.46 -8.26
CA LYS B 20 7.03 4.04 -9.53
C LYS B 20 7.42 2.92 -10.52
N GLU B 21 7.86 1.80 -9.97
CA GLU B 21 8.22 0.64 -10.74
C GLU B 21 6.97 -0.10 -11.20
N ARG B 22 6.06 -0.34 -10.30
CA ARG B 22 4.85 -1.10 -10.63
C ARG B 22 3.87 -0.24 -11.40
N LEU B 23 4.12 1.04 -11.46
CA LEU B 23 3.22 1.93 -12.22
C LEU B 23 3.55 1.94 -13.69
N ARG B 24 4.73 1.50 -14.06
CA ARG B 24 5.10 1.47 -15.46
C ARG B 24 4.47 0.24 -16.12
N ASN B 25 4.35 -0.83 -15.36
CA ASN B 25 3.79 -2.09 -15.84
C ASN B 25 3.01 -2.77 -14.72
N PRO B 26 1.77 -2.35 -14.46
CA PRO B 26 0.96 -2.90 -13.39
C PRO B 26 0.06 -4.08 -13.80
N LYS B 27 -1.01 -3.79 -14.57
CA LYS B 27 -2.06 -4.76 -14.90
C LYS B 27 -2.93 -5.08 -13.68
N PRO B 28 -3.98 -4.28 -13.46
CA PRO B 28 -4.89 -4.47 -12.37
C PRO B 28 -6.01 -5.46 -12.69
N VAL B 29 -6.42 -6.19 -11.69
CA VAL B 29 -7.53 -7.08 -11.79
C VAL B 29 -8.66 -6.51 -10.94
N ARG B 30 -9.81 -6.23 -11.56
CA ARG B 30 -10.96 -5.70 -10.84
C ARG B 30 -11.47 -6.73 -9.86
N VAL B 31 -11.44 -6.38 -8.61
CA VAL B 31 -11.90 -7.24 -7.57
C VAL B 31 -12.75 -6.48 -6.56
N THR B 32 -13.27 -7.21 -5.64
CA THR B 32 -14.03 -6.71 -4.55
C THR B 32 -13.48 -7.41 -3.32
N LEU B 33 -13.76 -6.88 -2.15
CA LEU B 33 -13.31 -7.52 -0.91
C LEU B 33 -14.06 -8.82 -0.68
N ASP B 34 -15.21 -8.88 -1.29
CA ASP B 34 -16.12 -10.01 -1.20
C ASP B 34 -15.53 -11.25 -1.87
N GLU B 35 -14.68 -11.03 -2.85
CA GLU B 35 -14.12 -12.13 -3.59
C GLU B 35 -12.64 -12.33 -3.26
N LEU B 36 -12.13 -11.61 -2.29
CA LEU B 36 -10.76 -11.83 -1.88
C LEU B 36 -10.71 -12.97 -0.88
N MET A 4 -18.94 1.31 -0.13
CA MET A 4 -18.01 1.15 -1.23
C MET A 4 -18.36 2.12 -2.33
N ALA A 5 -17.55 3.13 -2.48
CA ALA A 5 -17.74 4.12 -3.51
C ALA A 5 -16.76 3.84 -4.63
N TYR A 6 -15.58 3.46 -4.22
CA TYR A 6 -14.50 3.17 -5.12
C TYR A 6 -14.48 1.72 -5.46
N PHE A 7 -14.16 1.43 -6.70
CA PHE A 7 -13.98 0.05 -7.13
C PHE A 7 -12.69 -0.47 -6.53
N LEU A 8 -12.49 -1.75 -6.56
CA LEU A 8 -11.30 -2.31 -6.00
C LEU A 8 -10.43 -2.87 -7.11
N ASP A 9 -9.17 -2.55 -7.07
CA ASP A 9 -8.22 -3.05 -8.07
C ASP A 9 -6.93 -3.44 -7.40
N PHE A 10 -6.24 -4.40 -7.97
CA PHE A 10 -4.96 -4.86 -7.45
C PHE A 10 -3.97 -5.07 -8.55
N ASP A 11 -2.73 -4.74 -8.28
CA ASP A 11 -1.61 -5.04 -9.16
C ASP A 11 -1.42 -6.56 -9.23
N GLU A 12 -1.06 -7.08 -10.39
CA GLU A 12 -0.88 -8.51 -10.65
C GLU A 12 0.02 -9.17 -9.57
N ARG A 13 1.07 -8.47 -9.17
CA ARG A 13 1.97 -8.96 -8.16
C ARG A 13 1.31 -8.85 -6.78
N ALA A 14 0.55 -7.77 -6.56
CA ALA A 14 -0.20 -7.53 -5.31
C ALA A 14 -1.17 -8.67 -5.00
N LEU A 15 -1.73 -9.30 -6.05
CA LEU A 15 -2.59 -10.49 -5.85
C LEU A 15 -1.82 -11.59 -5.13
N LYS A 16 -0.58 -11.73 -5.49
CA LYS A 16 0.25 -12.81 -4.99
C LYS A 16 0.74 -12.43 -3.58
N GLU A 17 0.73 -11.13 -3.32
CA GLU A 17 1.18 -10.58 -2.05
C GLU A 17 0.27 -10.95 -0.89
N TRP A 18 -1.01 -11.07 -1.11
CA TRP A 18 -1.88 -11.42 0.02
C TRP A 18 -2.00 -12.92 0.13
N ARG A 19 -1.80 -13.60 -0.98
CA ARG A 19 -1.96 -15.03 -1.03
C ARG A 19 -0.83 -15.74 -0.31
N LYS A 20 0.34 -15.15 -0.36
CA LYS A 20 1.53 -15.68 0.29
C LYS A 20 1.43 -15.64 1.82
N LEU A 21 0.79 -14.62 2.34
CA LEU A 21 0.87 -14.32 3.75
C LEU A 21 -0.24 -14.96 4.59
N GLY A 22 -0.13 -14.79 5.91
CA GLY A 22 -1.08 -15.33 6.86
C GLY A 22 -2.50 -14.82 6.67
N SER A 23 -3.46 -15.71 6.85
CA SER A 23 -4.87 -15.41 6.64
C SER A 23 -5.36 -14.31 7.60
N THR A 24 -4.87 -14.34 8.85
CA THR A 24 -5.22 -13.35 9.87
C THR A 24 -4.83 -11.93 9.42
N VAL A 25 -3.72 -11.85 8.70
CA VAL A 25 -3.22 -10.59 8.20
C VAL A 25 -4.12 -10.07 7.09
N ARG A 26 -4.49 -10.94 6.16
CA ARG A 26 -5.30 -10.53 5.04
C ARG A 26 -6.74 -10.20 5.41
N GLU A 27 -7.22 -10.76 6.51
CA GLU A 27 -8.55 -10.39 7.00
C GLU A 27 -8.53 -8.95 7.47
N GLN A 28 -7.45 -8.58 8.16
CA GLN A 28 -7.27 -7.20 8.63
C GLN A 28 -7.16 -6.27 7.44
N LEU A 29 -6.50 -6.76 6.41
CA LEU A 29 -6.34 -6.00 5.18
C LEU A 29 -7.68 -5.72 4.53
N LYS A 30 -8.57 -6.72 4.52
CA LYS A 30 -9.90 -6.53 3.95
C LYS A 30 -10.74 -5.54 4.77
N LYS A 31 -10.43 -5.45 6.06
CA LYS A 31 -11.08 -4.46 6.93
C LYS A 31 -10.61 -3.05 6.56
N LYS A 32 -9.34 -2.93 6.24
CA LYS A 32 -8.78 -1.66 5.85
C LYS A 32 -9.26 -1.27 4.47
N LEU A 33 -9.51 -2.25 3.65
CA LEU A 33 -9.98 -2.02 2.32
C LEU A 33 -11.45 -1.61 2.32
N VAL A 34 -12.23 -2.14 3.24
CA VAL A 34 -13.65 -1.79 3.28
C VAL A 34 -13.83 -0.35 3.77
N GLU A 35 -12.85 0.19 4.46
CA GLU A 35 -12.97 1.57 4.88
C GLU A 35 -12.36 2.47 3.84
N VAL A 36 -11.38 1.93 3.13
CA VAL A 36 -10.64 2.69 2.17
C VAL A 36 -11.47 2.94 0.91
N LEU A 37 -12.31 1.97 0.55
CA LEU A 37 -13.16 2.10 -0.63
C LEU A 37 -14.32 3.05 -0.35
N GLU A 38 -14.42 3.46 0.89
CA GLU A 38 -15.44 4.35 1.29
C GLU A 38 -14.84 5.75 1.46
N SER A 39 -13.59 5.80 1.92
CA SER A 39 -12.87 7.04 2.16
C SER A 39 -11.34 6.78 2.13
N PRO A 40 -10.70 6.94 0.98
CA PRO A 40 -9.26 6.71 0.81
C PRO A 40 -8.40 7.98 0.90
N ARG A 41 -9.02 9.13 1.00
CA ARG A 41 -8.25 10.36 1.03
C ARG A 41 -7.85 10.69 2.45
N ILE A 42 -6.77 10.09 2.87
CA ILE A 42 -6.27 10.27 4.20
C ILE A 42 -4.88 10.88 4.11
N GLU A 43 -4.80 12.18 4.23
CA GLU A 43 -3.53 12.89 4.06
C GLU A 43 -2.58 12.63 5.22
N ALA A 44 -3.12 12.08 6.28
CA ALA A 44 -2.32 11.65 7.41
C ALA A 44 -1.46 10.43 7.02
N ASN A 45 -1.96 9.68 6.05
CA ASN A 45 -1.30 8.47 5.56
C ASN A 45 -0.79 8.64 4.14
N LYS A 46 -0.51 9.87 3.74
CA LYS A 46 0.04 10.12 2.42
C LYS A 46 1.48 9.58 2.34
N LEU A 47 1.85 9.09 1.17
CA LEU A 47 3.18 8.57 0.97
C LEU A 47 4.14 9.72 0.68
N ARG A 48 5.39 9.57 1.14
CA ARG A 48 6.37 10.66 1.16
C ARG A 48 6.62 11.27 -0.23
N GLY A 49 6.96 10.45 -1.17
CA GLY A 49 7.25 10.96 -2.49
C GLY A 49 6.17 10.66 -3.47
N MET A 50 4.98 10.37 -2.98
CA MET A 50 3.87 10.02 -3.85
C MET A 50 2.56 10.56 -3.33
N PRO A 51 2.16 11.76 -3.76
CA PRO A 51 0.85 12.30 -3.44
C PRO A 51 -0.23 11.49 -4.15
N ASP A 52 -1.38 11.34 -3.51
CA ASP A 52 -2.52 10.54 -4.04
C ASP A 52 -2.24 9.05 -3.95
N CYS A 53 -1.17 8.73 -3.29
CA CYS A 53 -0.79 7.40 -2.99
C CYS A 53 -0.69 7.36 -1.49
N TYR A 54 -1.29 6.37 -0.87
CA TYR A 54 -1.35 6.35 0.56
C TYR A 54 -0.93 4.99 1.09
N LYS A 55 -0.75 4.93 2.37
CA LYS A 55 -0.25 3.76 3.06
C LYS A 55 -1.16 3.43 4.24
N ILE A 56 -1.22 2.18 4.59
CA ILE A 56 -1.96 1.72 5.77
C ILE A 56 -1.05 0.72 6.46
N LYS A 57 -1.10 0.63 7.77
CA LYS A 57 -0.26 -0.30 8.48
C LYS A 57 -0.95 -0.92 9.68
N LEU A 58 -0.86 -2.23 9.74
CA LEU A 58 -1.37 -3.04 10.82
C LEU A 58 -0.54 -2.81 12.05
N ARG A 59 -1.15 -2.24 13.05
CA ARG A 59 -0.48 -1.79 14.26
C ARG A 59 0.22 -2.94 15.01
N SER A 60 -0.43 -4.08 15.07
CA SER A 60 0.11 -5.20 15.80
C SER A 60 0.90 -6.19 14.93
N SER A 61 0.40 -6.44 13.71
CA SER A 61 1.04 -7.39 12.82
C SER A 61 2.35 -6.83 12.22
N GLY A 62 2.36 -5.53 11.95
CA GLY A 62 3.55 -4.92 11.37
C GLY A 62 3.56 -4.98 9.85
N TYR A 63 2.41 -5.26 9.27
CA TYR A 63 2.28 -5.30 7.82
C TYR A 63 1.74 -4.00 7.33
N ARG A 64 1.74 -3.83 6.05
CA ARG A 64 1.29 -2.63 5.45
C ARG A 64 0.71 -2.92 4.09
N LEU A 65 -0.01 -1.97 3.58
CA LEU A 65 -0.60 -2.03 2.29
C LEU A 65 -0.42 -0.65 1.67
N VAL A 66 0.02 -0.63 0.45
CA VAL A 66 0.28 0.61 -0.27
C VAL A 66 -0.68 0.66 -1.43
N TYR A 67 -1.32 1.78 -1.65
CA TYR A 67 -2.27 1.88 -2.72
C TYR A 67 -2.23 3.28 -3.32
N GLN A 68 -2.92 3.44 -4.40
CA GLN A 68 -3.05 4.69 -5.08
C GLN A 68 -4.50 4.97 -5.29
N VAL A 69 -4.88 6.19 -5.12
CA VAL A 69 -6.23 6.60 -5.27
C VAL A 69 -6.40 7.21 -6.62
N ILE A 70 -7.21 6.62 -7.42
CA ILE A 70 -7.47 7.10 -8.73
C ILE A 70 -8.89 7.65 -8.74
N ASP A 71 -9.02 8.96 -8.76
CA ASP A 71 -10.33 9.60 -8.71
C ASP A 71 -11.02 9.51 -10.08
N GLU A 72 -10.24 9.55 -11.15
CA GLU A 72 -10.78 9.51 -12.51
C GLU A 72 -11.48 8.18 -12.82
N LYS A 73 -10.96 7.10 -12.29
CA LYS A 73 -11.53 5.78 -12.51
C LYS A 73 -12.31 5.33 -11.29
N VAL A 74 -12.26 6.17 -10.26
CA VAL A 74 -12.87 5.94 -8.95
C VAL A 74 -12.50 4.56 -8.43
N VAL A 75 -11.26 4.38 -8.09
CA VAL A 75 -10.81 3.08 -7.70
C VAL A 75 -9.60 3.18 -6.78
N VAL A 76 -9.50 2.23 -5.87
CA VAL A 76 -8.37 2.08 -5.02
C VAL A 76 -7.52 1.00 -5.62
N PHE A 77 -6.47 1.41 -6.25
CA PHE A 77 -5.57 0.50 -6.90
C PHE A 77 -4.43 0.16 -5.99
N VAL A 78 -4.52 -0.99 -5.38
CA VAL A 78 -3.50 -1.46 -4.48
C VAL A 78 -2.27 -1.89 -5.24
N ILE A 79 -1.17 -1.31 -4.87
CA ILE A 79 0.11 -1.51 -5.51
C ILE A 79 0.83 -2.70 -4.90
N SER A 80 0.95 -2.71 -3.59
CA SER A 80 1.69 -3.75 -2.91
C SER A 80 1.10 -4.05 -1.56
N VAL A 81 1.35 -5.24 -1.07
CA VAL A 81 0.91 -5.70 0.22
C VAL A 81 2.07 -6.47 0.82
N GLY A 82 2.40 -6.22 2.05
CA GLY A 82 3.47 -6.96 2.68
C GLY A 82 4.16 -6.13 3.69
N LYS A 83 5.40 -6.36 3.92
CA LYS A 83 6.13 -5.57 4.87
C LYS A 83 7.24 -4.80 4.23
N ALA A 84 7.56 -3.73 4.88
CA ALA A 84 8.74 -2.95 4.62
C ALA A 84 9.43 -2.93 5.92
N GLU A 85 10.69 -2.84 5.92
CA GLU A 85 11.35 -2.92 7.13
C GLU A 85 11.84 -1.56 7.63
N ALA A 86 11.12 -1.04 8.59
CA ALA A 86 11.42 0.23 9.19
C ALA A 86 12.58 0.08 10.14
N SER A 87 13.34 1.16 10.31
CA SER A 87 14.51 1.20 11.19
C SER A 87 15.68 0.39 10.63
N GLU A 88 15.49 -0.92 10.58
CA GLU A 88 16.57 -1.86 10.33
C GLU A 88 17.23 -1.75 8.97
N VAL A 89 16.48 -1.30 7.96
CA VAL A 89 17.06 -1.06 6.65
C VAL A 89 18.11 0.06 6.72
N TYR A 90 17.90 0.98 7.64
CA TYR A 90 18.83 2.05 7.88
C TYR A 90 19.88 1.60 8.89
N SER A 91 19.44 0.88 9.93
CA SER A 91 20.33 0.40 10.99
C SER A 91 21.46 -0.47 10.45
N GLU A 92 21.14 -1.29 9.45
CA GLU A 92 22.11 -2.21 8.87
C GLU A 92 22.98 -1.48 7.82
N ALA A 93 22.62 -0.26 7.52
CA ALA A 93 23.38 0.55 6.60
C ALA A 93 24.22 1.53 7.42
N VAL A 94 24.88 2.49 6.77
CA VAL A 94 25.67 3.42 7.51
C VAL A 94 24.80 4.38 8.28
N LYS A 95 25.12 4.55 9.51
CA LYS A 95 24.40 5.43 10.37
C LYS A 95 25.24 6.69 10.56
N ARG A 96 26.34 6.57 11.27
CA ARG A 96 27.28 7.67 11.39
C ARG A 96 28.64 7.18 10.98
N ILE A 97 28.65 6.16 10.15
CA ILE A 97 29.89 5.54 9.71
C ILE A 97 30.42 6.30 8.52
N LEU A 98 31.37 7.15 8.78
CA LEU A 98 31.95 7.97 7.78
C LEU A 98 33.42 7.65 7.75
N LYS B 4 5.48 20.88 9.90
CA LYS B 4 6.87 20.84 9.43
C LYS B 4 7.28 19.42 9.12
N GLN B 5 7.23 18.58 10.11
CA GLN B 5 7.60 17.21 9.93
C GLN B 5 6.35 16.35 9.89
N THR B 6 6.06 15.83 8.75
CA THR B 6 4.98 14.96 8.57
C THR B 6 5.38 13.57 9.11
N LEU B 7 4.49 12.93 9.84
CA LEU B 7 4.78 11.65 10.42
C LEU B 7 4.80 10.53 9.41
N LEU B 8 5.98 10.29 8.94
CA LEU B 8 6.36 9.27 8.00
C LEU B 8 7.86 9.12 8.18
N SER B 9 8.47 8.13 7.62
CA SER B 9 9.85 7.89 7.93
C SER B 9 10.58 7.44 6.67
N ASP B 10 11.71 6.81 6.83
CA ASP B 10 12.47 6.37 5.69
C ASP B 10 12.03 4.97 5.29
N GLU B 11 10.99 4.48 5.97
CA GLU B 11 10.33 3.26 5.56
C GLU B 11 9.54 3.56 4.31
N ASP B 12 9.06 4.80 4.24
CA ASP B 12 8.29 5.32 3.12
C ASP B 12 9.14 5.37 1.89
N ALA B 13 10.42 5.49 2.11
CA ALA B 13 11.40 5.49 1.04
C ALA B 13 11.39 4.15 0.29
N GLU B 14 11.07 3.09 1.01
CA GLU B 14 11.00 1.76 0.46
C GLU B 14 9.76 1.68 -0.42
N LEU B 15 8.67 2.18 0.12
CA LEU B 15 7.38 2.16 -0.55
C LEU B 15 7.40 2.93 -1.85
N VAL B 16 8.08 4.08 -1.87
CA VAL B 16 8.10 4.92 -3.06
C VAL B 16 8.86 4.26 -4.23
N GLU B 17 9.86 3.44 -3.93
CA GLU B 17 10.61 2.81 -5.00
C GLU B 17 9.90 1.56 -5.50
N ILE B 18 9.14 0.90 -4.63
CA ILE B 18 8.37 -0.27 -5.01
C ILE B 18 7.19 0.13 -5.90
N VAL B 19 6.49 1.19 -5.48
CA VAL B 19 5.33 1.65 -6.22
C VAL B 19 5.69 2.10 -7.63
N LYS B 20 6.77 2.87 -7.76
CA LYS B 20 7.17 3.39 -9.05
C LYS B 20 7.64 2.27 -9.99
N GLU B 21 8.05 1.15 -9.40
CA GLU B 21 8.47 0.00 -10.16
C GLU B 21 7.27 -0.70 -10.77
N ARG B 22 6.31 -0.98 -9.94
CA ARG B 22 5.13 -1.69 -10.37
C ARG B 22 4.21 -0.80 -11.19
N LEU B 23 4.29 0.50 -10.96
CA LEU B 23 3.39 1.46 -11.56
C LEU B 23 3.64 1.65 -13.06
N ARG B 24 4.87 1.35 -13.51
CA ARG B 24 5.20 1.53 -14.94
C ARG B 24 4.40 0.58 -15.81
N ASN B 25 4.09 -0.59 -15.29
CA ASN B 25 3.36 -1.58 -16.01
C ASN B 25 2.87 -2.63 -15.01
N PRO B 26 1.73 -2.38 -14.36
CA PRO B 26 1.20 -3.24 -13.30
C PRO B 26 0.30 -4.39 -13.78
N LYS B 27 -0.74 -4.02 -14.54
CA LYS B 27 -1.84 -4.94 -14.94
C LYS B 27 -2.78 -5.17 -13.77
N PRO B 28 -3.72 -4.23 -13.57
CA PRO B 28 -4.68 -4.31 -12.48
C PRO B 28 -5.85 -5.23 -12.80
N VAL B 29 -6.22 -6.01 -11.83
CA VAL B 29 -7.35 -6.89 -11.92
C VAL B 29 -8.45 -6.28 -11.08
N ARG B 30 -9.53 -5.92 -11.74
CA ARG B 30 -10.66 -5.29 -11.08
C ARG B 30 -11.38 -6.35 -10.26
N VAL B 31 -11.50 -6.11 -8.98
CA VAL B 31 -12.15 -7.05 -8.08
C VAL B 31 -13.04 -6.31 -7.07
N THR B 32 -13.59 -7.07 -6.17
CA THR B 32 -14.39 -6.62 -5.07
C THR B 32 -13.89 -7.33 -3.81
N LEU B 33 -14.34 -6.91 -2.66
CA LEU B 33 -13.96 -7.55 -1.41
C LEU B 33 -14.76 -8.82 -1.26
N ASP B 34 -15.92 -8.80 -1.86
CA ASP B 34 -16.86 -9.91 -1.90
C ASP B 34 -16.25 -11.15 -2.55
N GLU B 35 -15.42 -10.94 -3.55
CA GLU B 35 -14.81 -12.05 -4.25
C GLU B 35 -13.41 -12.39 -3.70
N LEU B 36 -12.87 -11.57 -2.81
CA LEU B 36 -11.55 -11.84 -2.25
C LEU B 36 -11.64 -12.90 -1.19
N MET A 4 -17.87 8.82 -3.33
CA MET A 4 -17.27 7.70 -2.63
C MET A 4 -17.70 6.41 -3.29
N ALA A 5 -17.38 5.26 -2.65
CA ALA A 5 -17.72 3.91 -3.15
C ALA A 5 -16.83 3.57 -4.31
N TYR A 6 -15.75 2.92 -4.01
CA TYR A 6 -14.74 2.63 -4.98
C TYR A 6 -14.68 1.19 -5.30
N PHE A 7 -14.31 0.90 -6.51
CA PHE A 7 -14.12 -0.45 -6.95
C PHE A 7 -12.70 -0.85 -6.57
N LEU A 8 -12.33 -2.07 -6.78
CA LEU A 8 -11.04 -2.51 -6.31
C LEU A 8 -10.19 -3.05 -7.44
N ASP A 9 -8.95 -2.65 -7.45
CA ASP A 9 -7.97 -3.15 -8.42
C ASP A 9 -6.76 -3.62 -7.68
N PHE A 10 -6.13 -4.62 -8.21
CA PHE A 10 -4.92 -5.14 -7.63
C PHE A 10 -3.86 -5.35 -8.67
N ASP A 11 -2.67 -4.88 -8.37
CA ASP A 11 -1.48 -5.17 -9.15
C ASP A 11 -1.25 -6.68 -9.16
N GLU A 12 -0.86 -7.20 -10.30
CA GLU A 12 -0.64 -8.62 -10.52
C GLU A 12 0.34 -9.20 -9.46
N ARG A 13 1.32 -8.43 -9.04
CA ARG A 13 2.25 -8.90 -8.04
C ARG A 13 1.59 -8.85 -6.66
N ALA A 14 0.84 -7.78 -6.42
CA ALA A 14 0.09 -7.56 -5.16
C ALA A 14 -0.88 -8.72 -4.87
N LEU A 15 -1.36 -9.35 -5.94
CA LEU A 15 -2.20 -10.54 -5.83
C LEU A 15 -1.45 -11.63 -5.05
N LYS A 16 -0.22 -11.84 -5.44
CA LYS A 16 0.61 -12.91 -4.90
C LYS A 16 1.05 -12.53 -3.49
N GLU A 17 1.13 -11.24 -3.27
CA GLU A 17 1.54 -10.67 -2.00
C GLU A 17 0.62 -11.07 -0.86
N TRP A 18 -0.70 -11.05 -1.07
CA TRP A 18 -1.59 -11.40 0.04
C TRP A 18 -1.56 -12.88 0.24
N ARG A 19 -1.28 -13.58 -0.83
CA ARG A 19 -1.28 -15.02 -0.82
C ARG A 19 -0.09 -15.59 -0.05
N LYS A 20 1.00 -14.84 0.03
CA LYS A 20 2.18 -15.29 0.73
C LYS A 20 2.17 -14.95 2.23
N LEU A 21 1.19 -14.16 2.65
CA LEU A 21 1.11 -13.75 4.04
C LEU A 21 -0.04 -14.46 4.77
N GLY A 22 -0.22 -14.17 6.05
CA GLY A 22 -1.22 -14.83 6.87
C GLY A 22 -2.66 -14.61 6.45
N SER A 23 -3.56 -15.43 6.96
CA SER A 23 -4.96 -15.37 6.63
C SER A 23 -5.63 -14.15 7.29
N THR A 24 -5.50 -14.06 8.61
CA THR A 24 -6.06 -12.96 9.38
C THR A 24 -5.41 -11.65 8.93
N VAL A 25 -4.17 -11.74 8.50
CA VAL A 25 -3.46 -10.58 8.01
C VAL A 25 -4.15 -10.00 6.76
N ARG A 26 -4.55 -10.87 5.83
CA ARG A 26 -5.18 -10.39 4.61
C ARG A 26 -6.60 -9.89 4.90
N GLU A 27 -7.26 -10.53 5.88
CA GLU A 27 -8.61 -10.16 6.27
C GLU A 27 -8.66 -8.76 6.85
N GLN A 28 -7.66 -8.44 7.67
CA GLN A 28 -7.55 -7.11 8.26
C GLN A 28 -7.37 -6.06 7.16
N LEU A 29 -6.59 -6.42 6.16
CA LEU A 29 -6.34 -5.54 5.03
C LEU A 29 -7.63 -5.29 4.25
N LYS A 30 -8.44 -6.34 4.11
CA LYS A 30 -9.72 -6.25 3.42
C LYS A 30 -10.67 -5.32 4.17
N LYS A 31 -10.62 -5.40 5.48
CA LYS A 31 -11.47 -4.58 6.31
C LYS A 31 -11.07 -3.13 6.22
N LYS A 32 -9.79 -2.85 6.19
CA LYS A 32 -9.36 -1.50 6.06
C LYS A 32 -9.53 -0.98 4.64
N LEU A 33 -9.72 -1.86 3.70
CA LEU A 33 -10.00 -1.43 2.36
C LEU A 33 -11.44 -0.99 2.25
N VAL A 34 -12.34 -1.69 2.92
CA VAL A 34 -13.75 -1.35 2.84
C VAL A 34 -14.03 -0.01 3.56
N GLU A 35 -13.18 0.36 4.52
CA GLU A 35 -13.37 1.62 5.23
C GLU A 35 -12.91 2.79 4.35
N VAL A 36 -11.88 2.55 3.51
CA VAL A 36 -11.35 3.62 2.65
C VAL A 36 -12.21 3.81 1.45
N LEU A 37 -13.08 2.88 1.22
CA LEU A 37 -13.97 3.02 0.08
C LEU A 37 -14.96 4.18 0.34
N GLU A 38 -15.13 4.54 1.60
CA GLU A 38 -15.94 5.64 1.99
C GLU A 38 -15.08 6.91 2.06
N SER A 39 -13.85 6.75 2.47
CA SER A 39 -12.90 7.86 2.62
C SER A 39 -11.45 7.37 2.43
N PRO A 40 -10.92 7.47 1.21
CA PRO A 40 -9.58 6.97 0.87
C PRO A 40 -8.46 8.02 0.89
N ARG A 41 -8.80 9.26 1.12
CA ARG A 41 -7.81 10.32 1.03
C ARG A 41 -7.16 10.52 2.38
N ILE A 42 -6.33 9.58 2.76
CA ILE A 42 -5.72 9.64 4.05
C ILE A 42 -4.38 10.38 3.95
N GLU A 43 -4.49 11.69 3.97
CA GLU A 43 -3.37 12.63 3.82
C GLU A 43 -2.23 12.43 4.82
N ALA A 44 -2.56 11.86 5.93
CA ALA A 44 -1.58 11.58 6.95
C ALA A 44 -0.63 10.47 6.52
N ASN A 45 -1.17 9.47 5.87
CA ASN A 45 -0.40 8.27 5.52
C ASN A 45 0.04 8.28 4.08
N LYS A 46 -0.07 9.41 3.41
CA LYS A 46 0.41 9.52 2.05
C LYS A 46 1.94 9.44 2.06
N LEU A 47 2.51 8.88 1.05
CA LEU A 47 3.94 8.67 0.99
C LEU A 47 4.70 9.98 0.82
N ARG A 48 6.03 9.90 0.99
CA ARG A 48 6.92 11.06 0.94
C ARG A 48 6.79 11.84 -0.37
N GLY A 49 7.01 11.17 -1.49
CA GLY A 49 6.93 11.83 -2.78
C GLY A 49 5.84 11.25 -3.67
N MET A 50 4.78 10.79 -3.07
CA MET A 50 3.63 10.23 -3.80
C MET A 50 2.34 10.67 -3.12
N PRO A 51 1.64 11.65 -3.70
CA PRO A 51 0.42 12.22 -3.10
C PRO A 51 -0.77 11.25 -3.09
N ASP A 52 -0.95 10.52 -4.18
CA ASP A 52 -2.12 9.62 -4.32
C ASP A 52 -1.87 8.24 -3.77
N CYS A 53 -0.67 8.01 -3.33
CA CYS A 53 -0.30 6.73 -2.80
C CYS A 53 -0.25 6.83 -1.28
N TYR A 54 -1.01 5.99 -0.63
CA TYR A 54 -1.09 5.99 0.81
C TYR A 54 -0.67 4.64 1.30
N LYS A 55 -0.27 4.58 2.54
CA LYS A 55 0.17 3.37 3.14
C LYS A 55 -0.72 3.04 4.32
N ILE A 56 -1.10 1.82 4.42
CA ILE A 56 -1.88 1.35 5.52
C ILE A 56 -1.01 0.39 6.27
N LYS A 57 -1.20 0.28 7.53
CA LYS A 57 -0.43 -0.59 8.36
C LYS A 57 -1.36 -1.33 9.26
N LEU A 58 -0.98 -2.50 9.65
CA LEU A 58 -1.70 -3.27 10.59
C LEU A 58 -1.01 -3.13 11.92
N ARG A 59 -1.68 -2.43 12.80
CA ARG A 59 -1.16 -1.97 14.09
C ARG A 59 -0.44 -3.04 14.92
N SER A 60 -0.99 -4.22 14.97
CA SER A 60 -0.46 -5.23 15.84
C SER A 60 0.32 -6.33 15.08
N SER A 61 0.61 -6.10 13.82
CA SER A 61 1.34 -7.12 13.07
C SER A 61 2.52 -6.53 12.29
N GLY A 62 2.41 -5.28 11.86
CA GLY A 62 3.51 -4.63 11.17
C GLY A 62 3.43 -4.80 9.67
N TYR A 63 2.34 -5.38 9.19
CA TYR A 63 2.12 -5.53 7.76
C TYR A 63 1.60 -4.24 7.17
N ARG A 64 1.63 -4.12 5.87
CA ARG A 64 1.25 -2.89 5.22
C ARG A 64 0.52 -3.19 3.93
N LEU A 65 -0.12 -2.18 3.41
CA LEU A 65 -0.78 -2.23 2.13
C LEU A 65 -0.74 -0.84 1.52
N VAL A 66 -0.06 -0.72 0.42
CA VAL A 66 0.10 0.54 -0.26
C VAL A 66 -0.80 0.56 -1.46
N TYR A 67 -1.61 1.58 -1.55
CA TYR A 67 -2.57 1.70 -2.62
C TYR A 67 -2.55 3.10 -3.16
N GLN A 68 -3.03 3.25 -4.34
CA GLN A 68 -3.20 4.52 -4.93
C GLN A 68 -4.66 4.69 -5.18
N VAL A 69 -5.21 5.79 -4.77
CA VAL A 69 -6.60 6.01 -5.03
C VAL A 69 -6.73 6.77 -6.32
N ILE A 70 -7.65 6.35 -7.12
CA ILE A 70 -7.90 6.99 -8.35
C ILE A 70 -9.35 7.43 -8.34
N ASP A 71 -9.59 8.71 -8.26
CA ASP A 71 -10.94 9.22 -8.19
C ASP A 71 -11.59 9.39 -9.56
N GLU A 72 -10.78 9.38 -10.61
CA GLU A 72 -11.33 9.42 -11.96
C GLU A 72 -11.90 8.05 -12.37
N LYS A 73 -11.15 7.00 -12.06
CA LYS A 73 -11.53 5.63 -12.41
C LYS A 73 -12.39 5.02 -11.31
N VAL A 74 -12.36 5.68 -10.16
CA VAL A 74 -13.09 5.32 -8.96
C VAL A 74 -12.65 3.95 -8.48
N VAL A 75 -11.39 3.84 -8.17
CA VAL A 75 -10.80 2.58 -7.80
C VAL A 75 -9.72 2.75 -6.76
N VAL A 76 -9.57 1.75 -5.95
CA VAL A 76 -8.50 1.64 -5.03
C VAL A 76 -7.55 0.64 -5.64
N PHE A 77 -6.55 1.15 -6.25
CA PHE A 77 -5.62 0.32 -6.96
C PHE A 77 -4.45 0.00 -6.06
N VAL A 78 -4.51 -1.15 -5.45
CA VAL A 78 -3.49 -1.60 -4.54
C VAL A 78 -2.27 -2.01 -5.33
N ILE A 79 -1.16 -1.44 -4.98
CA ILE A 79 0.07 -1.67 -5.69
C ILE A 79 0.95 -2.67 -4.94
N SER A 80 1.04 -2.52 -3.65
CA SER A 80 1.92 -3.38 -2.88
C SER A 80 1.24 -3.85 -1.60
N VAL A 81 1.65 -5.00 -1.12
CA VAL A 81 1.11 -5.62 0.09
C VAL A 81 2.23 -6.40 0.76
N GLY A 82 2.46 -6.14 2.02
CA GLY A 82 3.46 -6.91 2.73
C GLY A 82 4.28 -6.04 3.63
N LYS A 83 5.36 -6.57 4.12
CA LYS A 83 6.18 -5.84 5.05
C LYS A 83 7.38 -5.20 4.38
N ALA A 84 7.24 -3.94 4.11
CA ALA A 84 8.34 -3.13 3.67
C ALA A 84 8.77 -2.38 4.90
N GLU A 85 9.81 -2.85 5.51
CA GLU A 85 10.16 -2.42 6.83
C GLU A 85 11.21 -1.32 6.89
N ALA A 86 11.28 -0.68 8.03
CA ALA A 86 12.20 0.42 8.28
C ALA A 86 13.35 -0.02 9.17
N SER A 87 13.57 -1.30 9.28
CA SER A 87 14.60 -1.83 10.15
C SER A 87 16.00 -1.46 9.65
N GLU A 88 16.30 -1.86 8.45
CA GLU A 88 17.64 -1.70 7.87
C GLU A 88 17.51 -0.95 6.55
N VAL A 89 16.38 -0.27 6.40
CA VAL A 89 15.94 0.42 5.17
C VAL A 89 16.97 1.46 4.60
N TYR A 90 17.92 1.85 5.40
CA TYR A 90 18.87 2.87 5.00
C TYR A 90 20.22 2.31 4.50
N SER A 91 20.31 1.00 4.31
CA SER A 91 21.57 0.33 3.91
C SER A 91 22.32 0.99 2.71
N GLU A 92 21.59 1.56 1.75
CA GLU A 92 22.23 2.18 0.57
C GLU A 92 22.81 3.57 0.93
N ALA A 93 22.40 4.10 2.06
CA ALA A 93 22.85 5.39 2.51
C ALA A 93 23.88 5.22 3.62
N VAL A 94 25.10 5.59 3.33
CA VAL A 94 26.18 5.48 4.30
C VAL A 94 26.54 6.84 4.83
N LYS A 95 26.89 6.90 6.09
CA LYS A 95 27.24 8.15 6.73
C LYS A 95 28.76 8.31 6.83
N ARG A 96 29.47 7.18 6.74
CA ARG A 96 30.90 7.16 6.89
C ARG A 96 31.61 7.88 5.77
N ILE A 97 31.28 7.55 4.55
CA ILE A 97 31.91 8.16 3.42
C ILE A 97 30.85 8.80 2.52
N LEU A 98 31.15 9.96 2.02
CA LEU A 98 30.25 10.64 1.13
C LEU A 98 30.72 10.44 -0.30
N LYS B 4 16.49 13.63 10.14
CA LYS B 4 15.47 14.39 9.42
C LYS B 4 14.37 14.86 10.34
N GLN B 5 13.72 13.91 11.01
CA GLN B 5 12.63 14.15 11.96
C GLN B 5 11.34 14.54 11.26
N THR B 6 10.58 13.54 10.91
CA THR B 6 9.30 13.74 10.29
C THR B 6 8.30 12.72 10.86
N LEU B 7 7.04 12.86 10.49
CA LEU B 7 6.02 11.92 10.85
C LEU B 7 6.08 10.72 9.94
N LEU B 8 6.69 10.94 8.79
CA LEU B 8 7.01 9.88 7.86
C LEU B 8 8.47 9.49 8.10
N SER B 9 8.97 8.50 7.41
CA SER B 9 10.31 8.07 7.65
C SER B 9 10.92 7.56 6.33
N ASP B 10 12.03 6.84 6.41
CA ASP B 10 12.69 6.32 5.23
C ASP B 10 11.99 5.09 4.69
N GLU B 11 11.02 4.62 5.44
CA GLU B 11 10.17 3.55 4.96
C GLU B 11 9.37 4.05 3.78
N ASP B 12 8.99 5.32 3.83
CA ASP B 12 8.23 5.95 2.77
C ASP B 12 9.04 5.96 1.50
N ALA B 13 10.34 6.06 1.67
CA ALA B 13 11.27 6.04 0.55
C ALA B 13 11.37 4.63 -0.05
N GLU B 14 11.01 3.62 0.75
CA GLU B 14 11.06 2.23 0.32
C GLU B 14 9.84 1.99 -0.55
N LEU B 15 8.72 2.47 -0.06
CA LEU B 15 7.46 2.28 -0.73
C LEU B 15 7.33 3.10 -2.01
N VAL B 16 7.92 4.30 -2.06
CA VAL B 16 7.79 5.12 -3.28
C VAL B 16 8.50 4.49 -4.48
N GLU B 17 9.60 3.81 -4.25
CA GLU B 17 10.31 3.18 -5.32
C GLU B 17 9.63 1.90 -5.77
N ILE B 18 9.03 1.19 -4.82
CA ILE B 18 8.32 -0.04 -5.13
C ILE B 18 7.05 0.26 -5.94
N VAL B 19 6.34 1.33 -5.57
CA VAL B 19 5.10 1.70 -6.26
C VAL B 19 5.39 2.15 -7.69
N LYS B 20 6.38 3.04 -7.87
CA LYS B 20 6.71 3.56 -9.20
C LYS B 20 7.23 2.45 -10.11
N GLU B 21 7.89 1.47 -9.50
CA GLU B 21 8.40 0.31 -10.20
C GLU B 21 7.24 -0.51 -10.74
N ARG B 22 6.34 -0.88 -9.87
CA ARG B 22 5.21 -1.69 -10.28
C ARG B 22 4.28 -0.90 -11.14
N LEU B 23 4.32 0.40 -11.01
CA LEU B 23 3.39 1.28 -11.71
C LEU B 23 3.64 1.29 -13.22
N ARG B 24 4.82 0.86 -13.64
CA ARG B 24 5.13 0.83 -15.06
C ARG B 24 4.65 -0.48 -15.71
N ASN B 25 4.37 -1.49 -14.88
CA ASN B 25 3.82 -2.76 -15.37
C ASN B 25 3.09 -3.53 -14.25
N PRO B 26 1.97 -2.98 -13.76
CA PRO B 26 1.23 -3.61 -12.67
C PRO B 26 0.21 -4.65 -13.13
N LYS B 27 -0.58 -4.28 -14.15
CA LYS B 27 -1.68 -5.10 -14.65
C LYS B 27 -2.75 -5.26 -13.57
N PRO B 28 -3.63 -4.24 -13.46
CA PRO B 28 -4.71 -4.26 -12.48
C PRO B 28 -5.82 -5.23 -12.84
N VAL B 29 -6.15 -6.04 -11.90
CA VAL B 29 -7.25 -6.97 -12.03
C VAL B 29 -8.39 -6.40 -11.22
N ARG B 30 -9.52 -6.19 -11.87
CA ARG B 30 -10.69 -5.62 -11.22
C ARG B 30 -11.33 -6.65 -10.32
N VAL B 31 -11.21 -6.42 -9.05
CA VAL B 31 -11.71 -7.32 -8.06
C VAL B 31 -12.59 -6.59 -7.07
N THR B 32 -13.12 -7.32 -6.15
CA THR B 32 -13.94 -6.82 -5.10
C THR B 32 -13.46 -7.44 -3.81
N LEU B 33 -13.86 -6.89 -2.68
CA LEU B 33 -13.47 -7.44 -1.38
C LEU B 33 -14.33 -8.64 -1.08
N ASP B 34 -15.38 -8.75 -1.84
CA ASP B 34 -16.32 -9.84 -1.75
C ASP B 34 -15.69 -11.13 -2.22
N GLU B 35 -14.93 -11.05 -3.30
CA GLU B 35 -14.34 -12.22 -3.93
C GLU B 35 -12.96 -12.57 -3.35
N LEU B 36 -12.39 -11.68 -2.55
CA LEU B 36 -11.07 -11.94 -1.98
C LEU B 36 -11.15 -12.96 -0.86
N MET A 4 -19.68 -0.44 -4.42
CA MET A 4 -19.26 0.53 -3.40
C MET A 4 -18.91 1.83 -4.07
N ALA A 5 -18.44 2.82 -3.32
CA ALA A 5 -18.10 4.12 -3.89
C ALA A 5 -16.96 3.98 -4.87
N TYR A 6 -15.88 3.42 -4.40
CA TYR A 6 -14.74 3.14 -5.23
C TYR A 6 -14.68 1.65 -5.50
N PHE A 7 -14.21 1.28 -6.66
CA PHE A 7 -14.01 -0.14 -6.96
C PHE A 7 -12.72 -0.59 -6.29
N LEU A 8 -12.47 -1.87 -6.27
CA LEU A 8 -11.26 -2.36 -5.66
C LEU A 8 -10.40 -3.00 -6.73
N ASP A 9 -9.14 -2.69 -6.71
CA ASP A 9 -8.19 -3.25 -7.69
C ASP A 9 -6.90 -3.63 -7.03
N PHE A 10 -6.24 -4.57 -7.61
CA PHE A 10 -4.94 -5.02 -7.15
C PHE A 10 -4.02 -5.22 -8.30
N ASP A 11 -2.78 -4.87 -8.09
CA ASP A 11 -1.71 -5.10 -9.06
C ASP A 11 -1.44 -6.59 -9.19
N GLU A 12 -1.01 -7.03 -10.37
CA GLU A 12 -0.70 -8.44 -10.66
C GLU A 12 0.25 -9.05 -9.60
N ARG A 13 1.17 -8.26 -9.07
CA ARG A 13 2.10 -8.75 -8.07
C ARG A 13 1.43 -8.77 -6.72
N ALA A 14 0.66 -7.70 -6.44
CA ALA A 14 -0.05 -7.53 -5.16
C ALA A 14 -1.01 -8.70 -4.90
N LEU A 15 -1.53 -9.26 -5.98
CA LEU A 15 -2.39 -10.44 -5.94
C LEU A 15 -1.68 -11.57 -5.21
N LYS A 16 -0.48 -11.84 -5.66
CA LYS A 16 0.33 -12.96 -5.19
C LYS A 16 0.76 -12.66 -3.76
N GLU A 17 0.92 -11.38 -3.49
CA GLU A 17 1.38 -10.88 -2.23
C GLU A 17 0.45 -11.21 -1.07
N TRP A 18 -0.86 -11.00 -1.23
CA TRP A 18 -1.74 -11.31 -0.10
C TRP A 18 -1.85 -12.81 0.07
N ARG A 19 -1.61 -13.52 -1.02
CA ARG A 19 -1.76 -14.97 -1.02
C ARG A 19 -0.56 -15.68 -0.38
N LYS A 20 0.57 -14.99 -0.29
CA LYS A 20 1.76 -15.57 0.30
C LYS A 20 1.91 -15.23 1.79
N LEU A 21 1.07 -14.35 2.28
CA LEU A 21 1.15 -13.93 3.66
C LEU A 21 0.07 -14.57 4.53
N GLY A 22 0.18 -14.37 5.83
CA GLY A 22 -0.76 -14.90 6.80
C GLY A 22 -2.19 -14.45 6.58
N SER A 23 -3.11 -15.37 6.75
CA SER A 23 -4.52 -15.15 6.53
C SER A 23 -5.10 -14.07 7.47
N THR A 24 -4.62 -14.03 8.71
CA THR A 24 -5.10 -13.05 9.68
C THR A 24 -4.79 -11.61 9.23
N VAL A 25 -3.73 -11.46 8.48
CA VAL A 25 -3.30 -10.19 7.96
C VAL A 25 -4.25 -9.72 6.87
N ARG A 26 -4.56 -10.62 5.91
CA ARG A 26 -5.41 -10.26 4.77
C ARG A 26 -6.81 -9.88 5.24
N GLU A 27 -7.26 -10.48 6.34
CA GLU A 27 -8.56 -10.17 6.92
C GLU A 27 -8.57 -8.74 7.40
N GLN A 28 -7.52 -8.35 8.14
CA GLN A 28 -7.40 -7.00 8.66
C GLN A 28 -7.32 -5.98 7.53
N LEU A 29 -6.67 -6.39 6.45
CA LEU A 29 -6.53 -5.55 5.28
C LEU A 29 -7.89 -5.25 4.68
N LYS A 30 -8.77 -6.24 4.68
CA LYS A 30 -10.13 -6.08 4.15
C LYS A 30 -10.94 -5.08 5.00
N LYS A 31 -10.60 -4.96 6.27
CA LYS A 31 -11.25 -3.99 7.15
C LYS A 31 -10.89 -2.57 6.72
N LYS A 32 -9.63 -2.39 6.41
CA LYS A 32 -9.15 -1.08 6.00
C LYS A 32 -9.56 -0.75 4.59
N LEU A 33 -9.76 -1.77 3.82
CA LEU A 33 -10.21 -1.59 2.46
C LEU A 33 -11.69 -1.24 2.41
N VAL A 34 -12.48 -1.82 3.30
CA VAL A 34 -13.92 -1.56 3.29
C VAL A 34 -14.22 -0.13 3.71
N GLU A 35 -13.33 0.47 4.48
CA GLU A 35 -13.56 1.83 4.92
C GLU A 35 -12.93 2.79 3.91
N VAL A 36 -11.93 2.29 3.23
CA VAL A 36 -11.16 3.10 2.31
C VAL A 36 -11.91 3.30 0.99
N LEU A 37 -12.72 2.31 0.63
CA LEU A 37 -13.49 2.38 -0.61
C LEU A 37 -14.60 3.42 -0.54
N GLU A 38 -14.76 4.01 0.62
CA GLU A 38 -15.67 5.10 0.80
C GLU A 38 -14.89 6.40 0.98
N SER A 39 -13.81 6.35 1.74
CA SER A 39 -13.02 7.53 2.02
C SER A 39 -11.53 7.18 2.08
N PRO A 40 -10.83 7.23 0.93
CA PRO A 40 -9.41 6.88 0.83
C PRO A 40 -8.44 8.07 0.98
N ARG A 41 -8.91 9.22 1.34
CA ARG A 41 -8.02 10.36 1.40
C ARG A 41 -7.60 10.66 2.81
N ILE A 42 -6.54 10.02 3.24
CA ILE A 42 -5.99 10.27 4.55
C ILE A 42 -4.65 10.99 4.40
N GLU A 43 -4.66 12.28 4.70
CA GLU A 43 -3.48 13.16 4.56
C GLU A 43 -2.35 12.73 5.51
N ALA A 44 -2.72 12.07 6.57
CA ALA A 44 -1.77 11.57 7.54
C ALA A 44 -1.05 10.33 7.00
N ASN A 45 -1.62 9.71 5.97
CA ASN A 45 -1.02 8.50 5.40
C ASN A 45 -0.43 8.78 4.06
N LYS A 46 -0.31 10.05 3.70
CA LYS A 46 0.22 10.43 2.40
C LYS A 46 1.65 9.97 2.26
N LEU A 47 1.96 9.43 1.13
CA LEU A 47 3.25 8.85 0.90
C LEU A 47 4.28 9.95 0.60
N ARG A 48 5.53 9.65 0.85
CA ARG A 48 6.63 10.62 0.75
C ARG A 48 7.02 10.91 -0.72
N GLY A 49 6.23 11.75 -1.37
CA GLY A 49 6.50 12.10 -2.74
C GLY A 49 5.41 11.63 -3.67
N MET A 50 4.38 11.03 -3.11
CA MET A 50 3.26 10.52 -3.89
C MET A 50 1.95 10.95 -3.22
N PRO A 51 1.29 11.99 -3.75
CA PRO A 51 0.06 12.56 -3.17
C PRO A 51 -1.17 11.63 -3.23
N ASP A 52 -1.24 10.78 -4.25
CA ASP A 52 -2.41 9.89 -4.41
C ASP A 52 -2.14 8.53 -3.83
N CYS A 53 -0.95 8.34 -3.34
CA CYS A 53 -0.58 7.09 -2.76
C CYS A 53 -0.58 7.21 -1.26
N TYR A 54 -1.21 6.28 -0.60
CA TYR A 54 -1.30 6.29 0.83
C TYR A 54 -0.87 4.97 1.38
N LYS A 55 -0.40 5.00 2.60
CA LYS A 55 0.13 3.83 3.25
C LYS A 55 -0.67 3.47 4.49
N ILE A 56 -0.95 2.20 4.64
CA ILE A 56 -1.65 1.70 5.80
C ILE A 56 -0.84 0.56 6.36
N LYS A 57 -0.97 0.28 7.63
CA LYS A 57 -0.24 -0.77 8.26
C LYS A 57 -1.04 -1.34 9.40
N LEU A 58 -0.64 -2.47 9.88
CA LEU A 58 -1.26 -3.06 11.02
C LEU A 58 -0.44 -2.72 12.24
N ARG A 59 -1.00 -2.98 13.38
CA ARG A 59 -0.34 -2.70 14.62
C ARG A 59 0.20 -4.01 15.23
N SER A 60 -0.47 -5.10 14.93
CA SER A 60 -0.12 -6.39 15.48
C SER A 60 1.02 -7.10 14.71
N SER A 61 0.75 -7.52 13.50
CA SER A 61 1.68 -8.29 12.70
C SER A 61 2.78 -7.44 12.04
N GLY A 62 2.55 -6.15 11.93
CA GLY A 62 3.55 -5.28 11.32
C GLY A 62 3.60 -5.41 9.82
N TYR A 63 2.49 -5.79 9.23
CA TYR A 63 2.34 -5.83 7.78
C TYR A 63 1.75 -4.53 7.32
N ARG A 64 1.59 -4.37 6.03
CA ARG A 64 1.11 -3.13 5.49
C ARG A 64 0.50 -3.34 4.12
N LEU A 65 -0.10 -2.30 3.62
CA LEU A 65 -0.72 -2.26 2.33
C LEU A 65 -0.54 -0.85 1.79
N VAL A 66 -0.13 -0.73 0.56
CA VAL A 66 0.13 0.55 -0.06
C VAL A 66 -0.79 0.66 -1.26
N TYR A 67 -1.48 1.76 -1.41
CA TYR A 67 -2.42 1.88 -2.50
C TYR A 67 -2.36 3.26 -3.12
N GLN A 68 -3.06 3.42 -4.21
CA GLN A 68 -3.15 4.65 -4.92
C GLN A 68 -4.62 4.91 -5.22
N VAL A 69 -5.06 6.10 -4.96
CA VAL A 69 -6.43 6.49 -5.20
C VAL A 69 -6.53 7.03 -6.61
N ILE A 70 -7.33 6.40 -7.42
CA ILE A 70 -7.48 6.82 -8.78
C ILE A 70 -8.87 7.39 -8.97
N ASP A 71 -8.93 8.67 -9.24
CA ASP A 71 -10.17 9.40 -9.47
C ASP A 71 -10.75 9.05 -10.83
N GLU A 72 -9.90 9.01 -11.83
CA GLU A 72 -10.34 8.77 -13.21
C GLU A 72 -10.99 7.38 -13.42
N LYS A 73 -10.52 6.41 -12.66
CA LYS A 73 -11.03 5.04 -12.75
C LYS A 73 -11.97 4.73 -11.60
N VAL A 74 -11.99 5.65 -10.63
CA VAL A 74 -12.76 5.54 -9.39
C VAL A 74 -12.43 4.21 -8.71
N VAL A 75 -11.21 4.07 -8.30
CA VAL A 75 -10.79 2.80 -7.76
C VAL A 75 -9.62 2.95 -6.81
N VAL A 76 -9.57 2.10 -5.82
CA VAL A 76 -8.48 2.00 -4.92
C VAL A 76 -7.59 0.92 -5.46
N PHE A 77 -6.56 1.32 -6.12
CA PHE A 77 -5.64 0.41 -6.75
C PHE A 77 -4.50 0.11 -5.81
N VAL A 78 -4.56 -1.05 -5.21
CA VAL A 78 -3.53 -1.50 -4.32
C VAL A 78 -2.29 -1.87 -5.10
N ILE A 79 -1.22 -1.21 -4.77
CA ILE A 79 0.04 -1.35 -5.43
C ILE A 79 0.78 -2.56 -4.91
N SER A 80 0.94 -2.64 -3.60
CA SER A 80 1.69 -3.71 -2.99
C SER A 80 1.08 -4.07 -1.64
N VAL A 81 1.24 -5.32 -1.28
CA VAL A 81 0.75 -5.85 -0.04
C VAL A 81 1.89 -6.65 0.61
N GLY A 82 2.12 -6.48 1.89
CA GLY A 82 3.11 -7.29 2.54
C GLY A 82 3.91 -6.51 3.52
N LYS A 83 5.15 -6.82 3.65
CA LYS A 83 6.02 -6.11 4.53
C LYS A 83 7.10 -5.41 3.78
N ALA A 84 7.09 -4.11 3.85
CA ALA A 84 8.20 -3.35 3.35
C ALA A 84 9.15 -3.20 4.47
N GLU A 85 10.26 -2.64 4.22
CA GLU A 85 11.18 -2.50 5.24
C GLU A 85 11.09 -1.11 5.87
N ALA A 86 11.11 -1.09 7.18
CA ALA A 86 10.97 0.14 7.92
C ALA A 86 12.08 0.29 8.94
N SER A 87 12.64 -0.82 9.35
CA SER A 87 13.64 -0.79 10.38
C SER A 87 15.02 -1.07 9.80
N GLU A 88 15.14 -2.07 8.98
CA GLU A 88 16.45 -2.42 8.44
C GLU A 88 16.83 -1.47 7.30
N VAL A 89 15.81 -0.80 6.75
CA VAL A 89 15.97 0.07 5.60
C VAL A 89 16.88 1.27 5.90
N TYR A 90 16.85 1.76 7.14
CA TYR A 90 17.61 2.96 7.47
C TYR A 90 19.13 2.70 7.58
N SER A 91 19.53 1.46 7.47
CA SER A 91 20.94 1.13 7.46
C SER A 91 21.50 1.37 6.05
N GLU A 92 20.63 1.27 5.06
CA GLU A 92 20.97 1.49 3.68
C GLU A 92 20.60 2.93 3.33
N ALA A 93 19.38 3.30 3.69
CA ALA A 93 18.91 4.65 3.52
C ALA A 93 19.38 5.48 4.71
N VAL A 94 20.61 5.87 4.64
CA VAL A 94 21.26 6.61 5.68
C VAL A 94 20.86 8.08 5.69
N LYS A 95 20.80 8.66 6.86
CA LYS A 95 20.44 10.07 7.01
C LYS A 95 21.55 11.01 6.53
N ARG A 96 22.80 10.55 6.58
CA ARG A 96 23.91 11.35 6.07
C ARG A 96 24.65 10.57 4.99
N ILE A 97 25.37 9.55 5.42
CA ILE A 97 26.20 8.73 4.56
C ILE A 97 26.50 7.41 5.28
N LEU A 98 26.68 6.35 4.52
CA LEU A 98 26.96 5.05 5.11
C LEU A 98 28.45 5.01 5.52
N LYS B 4 13.29 11.49 10.11
CA LYS B 4 13.44 12.18 11.39
C LYS B 4 12.21 12.94 11.83
N GLN B 5 12.05 14.15 11.36
CA GLN B 5 11.05 15.08 11.91
C GLN B 5 9.70 14.99 11.24
N THR B 6 9.61 14.25 10.19
CA THR B 6 8.40 14.13 9.47
C THR B 6 7.57 12.94 9.98
N LEU B 7 6.26 12.99 9.77
CA LEU B 7 5.39 11.90 10.15
C LEU B 7 5.51 10.81 9.13
N LEU B 8 5.84 11.20 7.92
CA LEU B 8 6.21 10.24 6.92
C LEU B 8 7.64 9.84 7.21
N SER B 9 7.96 8.63 6.96
CA SER B 9 9.21 8.12 7.37
C SER B 9 10.05 7.66 6.17
N ASP B 10 11.09 6.94 6.46
CA ASP B 10 12.02 6.50 5.47
C ASP B 10 11.52 5.23 4.82
N GLU B 11 10.55 4.60 5.46
CA GLU B 11 9.86 3.43 4.91
C GLU B 11 9.03 3.86 3.70
N ASP B 12 8.51 5.08 3.78
CA ASP B 12 7.67 5.67 2.75
C ASP B 12 8.51 5.94 1.52
N ALA B 13 9.80 6.12 1.75
CA ALA B 13 10.74 6.36 0.67
C ALA B 13 10.95 5.08 -0.14
N GLU B 14 10.83 3.94 0.51
CA GLU B 14 10.91 2.68 -0.19
C GLU B 14 9.63 2.45 -0.97
N LEU B 15 8.53 2.78 -0.35
CA LEU B 15 7.24 2.61 -0.98
C LEU B 15 7.08 3.45 -2.23
N VAL B 16 7.69 4.65 -2.28
CA VAL B 16 7.58 5.48 -3.47
C VAL B 16 8.34 4.90 -4.65
N GLU B 17 9.44 4.20 -4.39
CA GLU B 17 10.18 3.61 -5.48
C GLU B 17 9.52 2.32 -5.95
N ILE B 18 8.82 1.66 -5.06
CA ILE B 18 8.09 0.45 -5.40
C ILE B 18 6.85 0.79 -6.24
N VAL B 19 6.16 1.87 -5.90
CA VAL B 19 4.96 2.26 -6.64
C VAL B 19 5.29 2.73 -8.05
N LYS B 20 6.32 3.59 -8.17
CA LYS B 20 6.74 4.10 -9.49
C LYS B 20 7.22 2.95 -10.37
N GLU B 21 7.72 1.90 -9.71
CA GLU B 21 8.11 0.69 -10.37
C GLU B 21 6.91 0.00 -10.95
N ARG B 22 5.98 -0.33 -10.12
CA ARG B 22 4.81 -1.07 -10.54
C ARG B 22 3.90 -0.24 -11.45
N LEU B 23 4.05 1.07 -11.43
CA LEU B 23 3.25 1.92 -12.29
C LEU B 23 3.75 1.93 -13.73
N ARG B 24 4.91 1.31 -13.97
CA ARG B 24 5.46 1.27 -15.33
C ARG B 24 4.57 0.40 -16.21
N ASN B 25 4.12 -0.72 -15.65
CA ASN B 25 3.18 -1.67 -16.26
C ASN B 25 2.61 -2.56 -15.17
N PRO B 26 1.55 -2.13 -14.51
CA PRO B 26 0.98 -2.88 -13.38
C PRO B 26 0.11 -4.08 -13.81
N LYS B 27 -0.90 -3.80 -14.62
CA LYS B 27 -1.93 -4.77 -15.00
C LYS B 27 -2.82 -5.09 -13.80
N PRO B 28 -3.78 -4.17 -13.51
CA PRO B 28 -4.68 -4.31 -12.39
C PRO B 28 -5.89 -5.21 -12.70
N VAL B 29 -6.29 -5.96 -11.71
CA VAL B 29 -7.42 -6.85 -11.80
C VAL B 29 -8.54 -6.28 -10.95
N ARG B 30 -9.73 -6.21 -11.52
CA ARG B 30 -10.87 -5.64 -10.85
C ARG B 30 -11.40 -6.64 -9.84
N VAL B 31 -11.40 -6.26 -8.60
CA VAL B 31 -11.88 -7.14 -7.56
C VAL B 31 -12.81 -6.41 -6.61
N THR B 32 -13.37 -7.18 -5.72
CA THR B 32 -14.21 -6.72 -4.68
C THR B 32 -13.76 -7.37 -3.39
N LEU B 33 -14.25 -6.94 -2.27
CA LEU B 33 -13.87 -7.54 -1.01
C LEU B 33 -14.60 -8.85 -0.80
N ASP B 34 -15.74 -8.97 -1.44
CA ASP B 34 -16.57 -10.18 -1.41
C ASP B 34 -15.82 -11.39 -1.96
N GLU B 35 -14.99 -11.13 -2.95
CA GLU B 35 -14.27 -12.20 -3.61
C GLU B 35 -12.88 -12.41 -3.02
N LEU B 36 -12.50 -11.58 -2.05
CA LEU B 36 -11.22 -11.76 -1.42
C LEU B 36 -11.36 -12.72 -0.28
N MET A 4 -19.38 0.47 -0.40
CA MET A 4 -18.54 0.22 -1.56
C MET A 4 -18.69 1.36 -2.54
N ALA A 5 -17.97 2.44 -2.32
CA ALA A 5 -18.01 3.56 -3.24
C ALA A 5 -16.96 3.38 -4.31
N TYR A 6 -15.76 3.08 -3.88
CA TYR A 6 -14.65 2.86 -4.78
C TYR A 6 -14.52 1.39 -5.13
N PHE A 7 -14.05 1.14 -6.33
CA PHE A 7 -13.78 -0.23 -6.78
C PHE A 7 -12.38 -0.60 -6.35
N LEU A 8 -12.04 -1.86 -6.41
CA LEU A 8 -10.74 -2.29 -5.96
C LEU A 8 -9.95 -2.84 -7.14
N ASP A 9 -8.67 -2.57 -7.16
CA ASP A 9 -7.78 -3.06 -8.22
C ASP A 9 -6.53 -3.57 -7.56
N PHE A 10 -5.83 -4.46 -8.20
CA PHE A 10 -4.66 -5.07 -7.62
C PHE A 10 -3.58 -5.34 -8.65
N ASP A 11 -2.35 -5.07 -8.27
CA ASP A 11 -1.17 -5.44 -9.05
C ASP A 11 -1.09 -6.97 -9.12
N GLU A 12 -0.74 -7.50 -10.29
CA GLU A 12 -0.67 -8.93 -10.55
C GLU A 12 0.23 -9.65 -9.51
N ARG A 13 1.27 -8.98 -9.07
CA ARG A 13 2.15 -9.52 -8.05
C ARG A 13 1.54 -9.36 -6.66
N ALA A 14 0.91 -8.23 -6.41
CA ALA A 14 0.22 -7.96 -5.14
C ALA A 14 -0.87 -9.00 -4.85
N LEU A 15 -1.45 -9.56 -5.91
CA LEU A 15 -2.41 -10.67 -5.83
C LEU A 15 -1.76 -11.81 -5.07
N LYS A 16 -0.58 -12.15 -5.52
CA LYS A 16 0.16 -13.27 -5.01
C LYS A 16 0.63 -12.96 -3.60
N GLU A 17 0.82 -11.69 -3.35
CA GLU A 17 1.30 -11.18 -2.08
C GLU A 17 0.32 -11.40 -0.94
N TRP A 18 -0.99 -11.20 -1.15
CA TRP A 18 -1.91 -11.45 -0.03
C TRP A 18 -2.05 -12.96 0.19
N ARG A 19 -1.75 -13.71 -0.84
CA ARG A 19 -1.92 -15.14 -0.80
C ARG A 19 -0.68 -15.83 -0.20
N LYS A 20 0.41 -15.09 -0.09
CA LYS A 20 1.64 -15.60 0.48
C LYS A 20 1.75 -15.25 1.96
N LEU A 21 0.74 -14.57 2.45
CA LEU A 21 0.70 -14.20 3.83
C LEU A 21 -0.52 -14.78 4.51
N GLY A 22 -0.50 -14.78 5.83
CA GLY A 22 -1.56 -15.37 6.63
C GLY A 22 -2.91 -14.73 6.40
N SER A 23 -3.95 -15.52 6.58
CA SER A 23 -5.28 -15.07 6.35
C SER A 23 -5.66 -13.98 7.33
N THR A 24 -5.25 -14.10 8.59
CA THR A 24 -5.63 -13.11 9.57
C THR A 24 -4.96 -11.76 9.22
N VAL A 25 -3.80 -11.83 8.59
CA VAL A 25 -3.09 -10.63 8.15
C VAL A 25 -3.90 -9.91 7.07
N ARG A 26 -4.29 -10.64 6.02
CA ARG A 26 -5.04 -10.05 4.90
C ARG A 26 -6.42 -9.57 5.35
N GLU A 27 -6.95 -10.17 6.40
CA GLU A 27 -8.25 -9.80 6.93
C GLU A 27 -8.21 -8.46 7.63
N GLN A 28 -7.09 -8.16 8.28
CA GLN A 28 -6.89 -6.86 8.93
C GLN A 28 -6.90 -5.79 7.84
N LEU A 29 -6.24 -6.13 6.73
CA LEU A 29 -6.17 -5.28 5.55
C LEU A 29 -7.55 -5.02 5.00
N LYS A 30 -8.37 -6.08 4.91
CA LYS A 30 -9.73 -5.98 4.38
C LYS A 30 -10.59 -5.00 5.18
N LYS A 31 -10.36 -4.90 6.48
CA LYS A 31 -11.11 -3.95 7.29
C LYS A 31 -10.73 -2.52 6.93
N LYS A 32 -9.46 -2.30 6.66
CA LYS A 32 -9.01 -0.97 6.30
C LYS A 32 -9.39 -0.61 4.88
N LEU A 33 -9.55 -1.61 4.08
CA LEU A 33 -9.94 -1.43 2.72
C LEU A 33 -11.44 -1.16 2.62
N VAL A 34 -12.22 -1.75 3.50
CA VAL A 34 -13.66 -1.55 3.45
C VAL A 34 -14.04 -0.14 3.94
N GLU A 35 -13.14 0.51 4.69
CA GLU A 35 -13.39 1.87 5.11
C GLU A 35 -12.77 2.82 4.09
N VAL A 36 -11.75 2.34 3.41
CA VAL A 36 -11.01 3.12 2.45
C VAL A 36 -11.83 3.30 1.18
N LEU A 37 -12.64 2.31 0.87
CA LEU A 37 -13.48 2.37 -0.32
C LEU A 37 -14.63 3.32 -0.11
N GLU A 38 -14.78 3.82 1.11
CA GLU A 38 -15.78 4.79 1.43
C GLU A 38 -15.13 6.17 1.46
N SER A 39 -13.91 6.23 1.94
CA SER A 39 -13.16 7.45 2.04
C SER A 39 -11.68 7.12 2.09
N PRO A 40 -10.98 7.25 0.95
CA PRO A 40 -9.54 6.98 0.88
C PRO A 40 -8.71 8.25 1.06
N ARG A 41 -9.37 9.33 1.37
CA ARG A 41 -8.70 10.59 1.57
C ARG A 41 -8.31 10.75 3.02
N ILE A 42 -7.16 10.19 3.33
CA ILE A 42 -6.59 10.26 4.65
C ILE A 42 -5.19 10.84 4.53
N GLU A 43 -5.08 12.11 4.77
CA GLU A 43 -3.84 12.90 4.66
C GLU A 43 -2.62 12.26 5.32
N ALA A 44 -2.81 11.68 6.49
CA ALA A 44 -1.73 11.05 7.25
C ALA A 44 -1.15 9.84 6.53
N ASN A 45 -1.94 9.23 5.67
CA ASN A 45 -1.49 8.06 4.95
C ASN A 45 -0.82 8.40 3.64
N LYS A 46 -0.82 9.68 3.26
CA LYS A 46 -0.15 10.11 2.02
C LYS A 46 1.36 9.79 2.07
N LEU A 47 1.91 9.41 0.95
CA LEU A 47 3.31 9.14 0.86
C LEU A 47 4.13 10.43 0.78
N ARG A 48 5.44 10.26 0.72
CA ARG A 48 6.40 11.36 0.73
C ARG A 48 6.24 12.26 -0.50
N GLY A 49 6.38 11.67 -1.66
CA GLY A 49 6.29 12.44 -2.88
C GLY A 49 5.27 11.89 -3.82
N MET A 50 4.25 11.29 -3.28
CA MET A 50 3.16 10.74 -4.07
C MET A 50 1.85 11.15 -3.46
N PRO A 51 1.23 12.24 -3.93
CA PRO A 51 -0.05 12.72 -3.40
C PRO A 51 -1.21 11.75 -3.68
N ASP A 52 -1.07 10.95 -4.73
CA ASP A 52 -2.11 9.99 -5.09
C ASP A 52 -1.93 8.69 -4.35
N CYS A 53 -0.78 8.49 -3.78
CA CYS A 53 -0.47 7.22 -3.19
C CYS A 53 -0.48 7.30 -1.68
N TYR A 54 -1.10 6.32 -1.08
CA TYR A 54 -1.27 6.23 0.35
C TYR A 54 -0.79 4.87 0.80
N LYS A 55 -0.52 4.74 2.08
CA LYS A 55 -0.04 3.51 2.67
C LYS A 55 -0.85 3.23 3.92
N ILE A 56 -0.83 2.00 4.35
CA ILE A 56 -1.43 1.59 5.60
C ILE A 56 -0.52 0.54 6.22
N LYS A 57 -0.47 0.50 7.53
CA LYS A 57 0.35 -0.42 8.25
C LYS A 57 -0.52 -1.07 9.31
N LEU A 58 -0.45 -2.37 9.42
CA LEU A 58 -1.25 -3.11 10.36
C LEU A 58 -0.69 -3.02 11.74
N ARG A 59 -1.49 -2.52 12.63
CA ARG A 59 -1.11 -2.31 14.02
C ARG A 59 -0.92 -3.64 14.75
N SER A 60 -1.53 -4.69 14.24
CA SER A 60 -1.43 -5.96 14.87
C SER A 60 -0.22 -6.75 14.34
N SER A 61 -0.22 -7.07 13.07
CA SER A 61 0.82 -7.93 12.53
C SER A 61 2.03 -7.19 11.95
N GLY A 62 1.98 -5.87 11.89
CA GLY A 62 3.13 -5.10 11.41
C GLY A 62 3.42 -5.28 9.92
N TYR A 63 2.40 -5.58 9.16
CA TYR A 63 2.50 -5.68 7.72
C TYR A 63 2.10 -4.36 7.10
N ARG A 64 2.13 -4.27 5.79
CA ARG A 64 1.82 -3.03 5.12
C ARG A 64 0.98 -3.29 3.89
N LEU A 65 0.44 -2.24 3.36
CA LEU A 65 -0.28 -2.25 2.12
C LEU A 65 -0.08 -0.88 1.51
N VAL A 66 0.18 -0.83 0.23
CA VAL A 66 0.42 0.41 -0.47
C VAL A 66 -0.55 0.46 -1.61
N TYR A 67 -1.18 1.60 -1.84
CA TYR A 67 -2.17 1.72 -2.90
C TYR A 67 -2.18 3.13 -3.42
N GLN A 68 -2.87 3.33 -4.50
CA GLN A 68 -3.06 4.62 -5.07
C GLN A 68 -4.53 4.91 -5.22
N VAL A 69 -4.91 6.10 -4.88
CA VAL A 69 -6.26 6.52 -4.98
C VAL A 69 -6.45 7.17 -6.32
N ILE A 70 -7.06 6.45 -7.20
CA ILE A 70 -7.33 6.96 -8.49
C ILE A 70 -8.72 7.54 -8.47
N ASP A 71 -8.78 8.83 -8.43
CA ASP A 71 -10.05 9.54 -8.30
C ASP A 71 -10.80 9.57 -9.64
N GLU A 72 -10.03 9.58 -10.72
CA GLU A 72 -10.59 9.63 -12.07
C GLU A 72 -11.23 8.28 -12.49
N LYS A 73 -10.79 7.18 -11.89
CA LYS A 73 -11.34 5.86 -12.20
C LYS A 73 -12.27 5.41 -11.08
N VAL A 74 -12.12 6.06 -9.93
CA VAL A 74 -12.80 5.71 -8.68
C VAL A 74 -12.32 4.31 -8.24
N VAL A 75 -11.03 4.12 -8.27
CA VAL A 75 -10.47 2.82 -8.01
C VAL A 75 -9.27 2.93 -7.05
N VAL A 76 -9.22 2.04 -6.09
CA VAL A 76 -8.12 1.91 -5.18
C VAL A 76 -7.21 0.83 -5.72
N PHE A 77 -6.15 1.24 -6.34
CA PHE A 77 -5.24 0.32 -6.98
C PHE A 77 -4.08 -0.03 -6.05
N VAL A 78 -4.12 -1.21 -5.52
CA VAL A 78 -3.11 -1.68 -4.61
C VAL A 78 -1.86 -2.09 -5.37
N ILE A 79 -0.77 -1.44 -5.03
CA ILE A 79 0.52 -1.63 -5.64
C ILE A 79 1.26 -2.82 -5.01
N SER A 80 1.25 -2.89 -3.70
CA SER A 80 2.01 -3.92 -2.99
C SER A 80 1.32 -4.28 -1.67
N VAL A 81 1.55 -5.50 -1.21
CA VAL A 81 0.95 -6.01 0.02
C VAL A 81 1.95 -6.91 0.72
N GLY A 82 2.24 -6.63 1.97
CA GLY A 82 3.05 -7.52 2.71
C GLY A 82 4.00 -6.75 3.54
N LYS A 83 4.99 -7.39 4.06
CA LYS A 83 5.98 -6.65 4.77
C LYS A 83 6.98 -6.13 3.80
N ALA A 84 6.80 -4.92 3.41
CA ALA A 84 7.76 -4.24 2.60
C ALA A 84 8.79 -3.75 3.56
N GLU A 85 9.86 -4.50 3.65
CA GLU A 85 10.93 -4.25 4.57
C GLU A 85 11.61 -2.93 4.28
N ALA A 86 11.24 -1.93 5.05
CA ALA A 86 11.75 -0.60 4.88
C ALA A 86 12.60 -0.17 6.08
N SER A 87 12.70 -1.02 7.06
CA SER A 87 13.52 -0.72 8.21
C SER A 87 14.93 -1.28 8.01
N GLU A 88 14.98 -2.39 7.36
CA GLU A 88 16.21 -3.08 7.08
C GLU A 88 16.64 -2.85 5.63
N VAL A 89 15.82 -2.14 4.87
CA VAL A 89 16.14 -1.90 3.46
C VAL A 89 17.42 -1.07 3.32
N TYR A 90 17.57 -0.08 4.19
CA TYR A 90 18.74 0.79 4.15
C TYR A 90 19.99 0.15 4.74
N SER A 91 19.86 -1.09 5.19
CA SER A 91 20.99 -1.85 5.64
C SER A 91 21.66 -2.44 4.40
N GLU A 92 20.84 -2.82 3.43
CA GLU A 92 21.31 -3.37 2.19
C GLU A 92 21.51 -2.27 1.17
N ALA A 93 20.51 -1.45 1.00
CA ALA A 93 20.58 -0.36 0.10
C ALA A 93 21.40 0.73 0.74
N VAL A 94 22.46 1.10 0.09
CA VAL A 94 23.36 2.10 0.59
C VAL A 94 22.75 3.51 0.51
N LYS A 95 23.40 4.44 1.16
CA LYS A 95 22.95 5.82 1.24
C LYS A 95 23.07 6.50 -0.11
N ARG A 96 24.11 6.18 -0.82
CA ARG A 96 24.34 6.70 -2.13
C ARG A 96 24.89 5.63 -2.99
N ILE A 97 24.04 5.00 -3.74
CA ILE A 97 24.51 4.04 -4.70
C ILE A 97 24.89 4.78 -5.99
N LEU A 98 26.12 5.20 -6.03
CA LEU A 98 26.64 5.94 -7.15
C LEU A 98 28.03 5.42 -7.44
N LYS B 4 9.79 16.69 15.76
CA LYS B 4 8.49 16.10 15.47
C LYS B 4 8.58 15.40 14.14
N GLN B 5 8.18 14.16 14.09
CA GLN B 5 8.12 13.43 12.86
C GLN B 5 6.70 13.10 12.55
N THR B 6 6.42 13.00 11.30
CA THR B 6 5.12 12.71 10.82
C THR B 6 4.93 11.18 10.78
N LEU B 7 3.93 10.72 10.08
CA LEU B 7 3.69 9.30 9.90
C LEU B 7 4.61 8.72 8.81
N LEU B 8 5.66 9.42 8.52
CA LEU B 8 6.66 9.02 7.60
C LEU B 8 8.02 9.40 8.16
N SER B 9 9.07 8.97 7.51
CA SER B 9 10.41 9.21 7.97
C SER B 9 11.37 8.87 6.85
N ASP B 10 11.57 7.60 6.63
CA ASP B 10 12.42 7.15 5.55
C ASP B 10 11.77 6.01 4.80
N GLU B 11 10.85 5.29 5.47
CA GLU B 11 10.15 4.14 4.85
C GLU B 11 9.42 4.57 3.59
N ASP B 12 8.82 5.72 3.67
CA ASP B 12 8.02 6.36 2.64
C ASP B 12 8.81 6.59 1.37
N ALA B 13 10.11 6.75 1.50
CA ALA B 13 10.98 6.96 0.37
C ALA B 13 11.17 5.67 -0.41
N GLU B 14 10.92 4.55 0.25
CA GLU B 14 11.09 3.25 -0.36
C GLU B 14 9.82 2.90 -1.10
N LEU B 15 8.68 3.18 -0.47
CA LEU B 15 7.40 2.87 -1.11
C LEU B 15 7.21 3.65 -2.39
N VAL B 16 7.68 4.89 -2.44
CA VAL B 16 7.51 5.71 -3.65
C VAL B 16 8.26 5.10 -4.83
N GLU B 17 9.42 4.48 -4.58
CA GLU B 17 10.17 3.89 -5.67
C GLU B 17 9.58 2.56 -6.10
N ILE B 18 8.96 1.86 -5.18
CA ILE B 18 8.28 0.60 -5.49
C ILE B 18 7.05 0.89 -6.37
N VAL B 19 6.34 1.97 -6.03
CA VAL B 19 5.16 2.41 -6.76
C VAL B 19 5.51 2.76 -8.16
N LYS B 20 6.47 3.67 -8.32
CA LYS B 20 6.84 4.17 -9.62
C LYS B 20 7.38 3.05 -10.52
N GLU B 21 7.88 2.00 -9.89
CA GLU B 21 8.36 0.85 -10.59
C GLU B 21 7.21 0.05 -11.16
N ARG B 22 6.43 -0.54 -10.26
CA ARG B 22 5.35 -1.42 -10.64
C ARG B 22 4.31 -0.73 -11.48
N LEU B 23 4.11 0.56 -11.24
CA LEU B 23 3.06 1.34 -11.89
C LEU B 23 3.18 1.36 -13.42
N ARG B 24 4.38 1.15 -13.94
CA ARG B 24 4.60 1.18 -15.38
C ARG B 24 3.94 -0.03 -16.07
N ASN B 25 4.07 -1.19 -15.46
CA ASN B 25 3.47 -2.42 -15.99
C ASN B 25 3.12 -3.36 -14.85
N PRO B 26 2.06 -3.07 -14.09
CA PRO B 26 1.66 -3.91 -12.98
C PRO B 26 0.71 -5.01 -13.40
N LYS B 27 -0.05 -4.74 -14.45
CA LYS B 27 -1.12 -5.61 -14.91
C LYS B 27 -2.18 -5.78 -13.81
N PRO B 28 -3.01 -4.75 -13.62
CA PRO B 28 -4.04 -4.76 -12.59
C PRO B 28 -5.20 -5.70 -12.92
N VAL B 29 -5.85 -6.14 -11.87
CA VAL B 29 -6.99 -7.01 -11.91
C VAL B 29 -8.06 -6.39 -11.01
N ARG B 30 -9.14 -5.92 -11.61
CA ARG B 30 -10.21 -5.30 -10.85
C ARG B 30 -10.86 -6.38 -9.99
N VAL B 31 -10.76 -6.20 -8.70
CA VAL B 31 -11.29 -7.14 -7.77
C VAL B 31 -12.21 -6.44 -6.76
N THR B 32 -12.71 -7.20 -5.84
CA THR B 32 -13.56 -6.75 -4.79
C THR B 32 -13.07 -7.34 -3.48
N LEU B 33 -13.48 -6.80 -2.35
CA LEU B 33 -13.12 -7.36 -1.05
C LEU B 33 -13.91 -8.61 -0.80
N ASP B 34 -15.02 -8.66 -1.48
CA ASP B 34 -15.98 -9.76 -1.42
C ASP B 34 -15.35 -11.05 -1.97
N GLU B 35 -14.39 -10.91 -2.87
CA GLU B 35 -13.74 -12.05 -3.47
C GLU B 35 -12.33 -12.26 -2.90
N LEU B 36 -11.94 -11.46 -1.92
CA LEU B 36 -10.65 -11.64 -1.30
C LEU B 36 -10.74 -12.70 -0.21
N MET A 4 -17.46 -0.63 -3.66
CA MET A 4 -18.49 0.20 -3.01
C MET A 4 -18.65 1.51 -3.76
N ALA A 5 -18.13 2.60 -3.24
CA ALA A 5 -18.10 3.83 -4.00
C ALA A 5 -16.96 3.68 -4.95
N TYR A 6 -15.79 3.47 -4.40
CA TYR A 6 -14.63 3.15 -5.16
C TYR A 6 -14.63 1.66 -5.40
N PHE A 7 -14.14 1.27 -6.53
CA PHE A 7 -14.02 -0.11 -6.90
C PHE A 7 -12.67 -0.62 -6.45
N LEU A 8 -12.38 -1.89 -6.66
CA LEU A 8 -11.18 -2.42 -6.14
C LEU A 8 -10.34 -3.03 -7.26
N ASP A 9 -9.08 -2.71 -7.24
CA ASP A 9 -8.12 -3.22 -8.23
C ASP A 9 -6.82 -3.56 -7.53
N PHE A 10 -6.18 -4.61 -7.96
CA PHE A 10 -4.90 -5.05 -7.37
C PHE A 10 -3.87 -5.32 -8.41
N ASP A 11 -2.66 -4.95 -8.13
CA ASP A 11 -1.51 -5.29 -8.96
C ASP A 11 -1.33 -6.81 -9.03
N GLU A 12 -0.98 -7.32 -10.20
CA GLU A 12 -0.82 -8.75 -10.49
C GLU A 12 0.09 -9.45 -9.45
N ARG A 13 1.13 -8.79 -9.02
CA ARG A 13 2.02 -9.35 -8.00
C ARG A 13 1.41 -9.22 -6.61
N ALA A 14 0.68 -8.13 -6.39
CA ALA A 14 -0.02 -7.88 -5.12
C ALA A 14 -1.03 -8.98 -4.80
N LEU A 15 -1.63 -9.56 -5.85
CA LEU A 15 -2.52 -10.73 -5.69
C LEU A 15 -1.79 -11.85 -5.01
N LYS A 16 -0.61 -12.11 -5.46
CA LYS A 16 0.19 -13.21 -4.99
C LYS A 16 0.60 -12.94 -3.55
N GLU A 17 0.89 -11.68 -3.31
CA GLU A 17 1.35 -11.19 -2.03
C GLU A 17 0.34 -11.40 -0.91
N TRP A 18 -0.94 -11.11 -1.13
CA TRP A 18 -1.90 -11.30 -0.03
C TRP A 18 -2.05 -12.78 0.27
N ARG A 19 -1.85 -13.60 -0.74
CA ARG A 19 -2.05 -15.04 -0.62
C ARG A 19 -0.88 -15.71 0.08
N LYS A 20 0.25 -15.04 0.15
CA LYS A 20 1.43 -15.60 0.77
C LYS A 20 1.74 -15.02 2.14
N LEU A 21 0.98 -14.02 2.55
CA LEU A 21 1.27 -13.39 3.82
C LEU A 21 0.55 -14.01 5.01
N GLY A 22 -0.44 -14.82 4.72
CA GLY A 22 -1.15 -15.49 5.78
C GLY A 22 -2.64 -15.27 5.69
N SER A 23 -3.31 -15.42 6.80
CA SER A 23 -4.73 -15.27 6.84
C SER A 23 -5.19 -14.13 7.77
N THR A 24 -4.61 -14.06 8.97
CA THR A 24 -4.95 -13.03 9.94
C THR A 24 -4.69 -11.63 9.36
N VAL A 25 -3.55 -11.47 8.73
CA VAL A 25 -3.15 -10.20 8.15
C VAL A 25 -4.12 -9.76 7.03
N ARG A 26 -4.51 -10.68 6.16
CA ARG A 26 -5.36 -10.32 5.02
C ARG A 26 -6.80 -9.98 5.45
N GLU A 27 -7.26 -10.55 6.56
CA GLU A 27 -8.59 -10.23 7.07
C GLU A 27 -8.62 -8.79 7.53
N GLN A 28 -7.56 -8.40 8.24
CA GLN A 28 -7.39 -7.06 8.75
C GLN A 28 -7.33 -6.09 7.58
N LEU A 29 -6.59 -6.48 6.55
CA LEU A 29 -6.46 -5.68 5.33
C LEU A 29 -7.81 -5.44 4.67
N LYS A 30 -8.66 -6.47 4.62
CA LYS A 30 -10.00 -6.32 4.02
C LYS A 30 -10.84 -5.29 4.78
N LYS A 31 -10.69 -5.24 6.10
CA LYS A 31 -11.38 -4.24 6.93
C LYS A 31 -10.90 -2.84 6.55
N LYS A 32 -9.62 -2.71 6.29
CA LYS A 32 -9.06 -1.43 5.92
C LYS A 32 -9.48 -1.03 4.51
N LEU A 33 -9.82 -2.00 3.72
CA LEU A 33 -10.23 -1.76 2.36
C LEU A 33 -11.71 -1.37 2.28
N VAL A 34 -12.53 -1.92 3.16
CA VAL A 34 -13.95 -1.57 3.14
C VAL A 34 -14.17 -0.13 3.61
N GLU A 35 -13.23 0.39 4.39
CA GLU A 35 -13.33 1.74 4.89
C GLU A 35 -12.64 2.68 3.90
N VAL A 36 -11.73 2.11 3.11
CA VAL A 36 -10.93 2.87 2.19
C VAL A 36 -11.75 3.21 0.95
N LEU A 37 -12.73 2.38 0.66
CA LEU A 37 -13.60 2.61 -0.48
C LEU A 37 -14.55 3.77 -0.18
N GLU A 38 -14.65 4.10 1.10
CA GLU A 38 -15.46 5.20 1.54
C GLU A 38 -14.61 6.46 1.61
N SER A 39 -13.36 6.29 1.99
CA SER A 39 -12.42 7.39 2.09
C SER A 39 -11.01 6.84 1.99
N PRO A 40 -10.40 6.94 0.81
CA PRO A 40 -9.03 6.46 0.60
C PRO A 40 -8.00 7.55 0.86
N ARG A 41 -8.43 8.62 1.45
CA ARG A 41 -7.57 9.75 1.67
C ARG A 41 -7.18 9.78 3.13
N ILE A 42 -6.27 8.93 3.51
CA ILE A 42 -5.78 8.93 4.87
C ILE A 42 -4.48 9.66 4.89
N GLU A 43 -4.55 10.96 5.10
CA GLU A 43 -3.38 11.82 5.02
C GLU A 43 -2.39 11.62 6.16
N ALA A 44 -2.79 10.89 7.17
CA ALA A 44 -1.89 10.50 8.26
C ALA A 44 -1.00 9.37 7.78
N ASN A 45 -1.39 8.75 6.69
CA ASN A 45 -0.67 7.64 6.10
C ASN A 45 -0.38 7.91 4.63
N LYS A 46 -0.36 9.18 4.24
CA LYS A 46 -0.10 9.48 2.84
C LYS A 46 1.37 9.26 2.53
N LEU A 47 1.64 8.97 1.29
CA LEU A 47 2.97 8.76 0.87
C LEU A 47 3.56 10.13 0.54
N ARG A 48 4.76 10.36 0.96
CA ARG A 48 5.38 11.65 0.81
C ARG A 48 5.95 11.84 -0.60
N GLY A 49 6.44 10.77 -1.19
CA GLY A 49 6.96 10.84 -2.54
C GLY A 49 5.86 10.98 -3.55
N MET A 50 4.80 10.23 -3.36
CA MET A 50 3.65 10.28 -4.24
C MET A 50 2.45 10.66 -3.40
N PRO A 51 2.09 11.94 -3.34
CA PRO A 51 0.97 12.42 -2.49
C PRO A 51 -0.41 11.90 -2.94
N ASP A 52 -0.45 11.33 -4.13
CA ASP A 52 -1.70 10.77 -4.70
C ASP A 52 -1.76 9.30 -4.38
N CYS A 53 -0.83 8.85 -3.59
CA CYS A 53 -0.73 7.51 -3.17
C CYS A 53 -0.71 7.52 -1.66
N TYR A 54 -1.35 6.59 -1.07
CA TYR A 54 -1.43 6.49 0.34
C TYR A 54 -1.07 5.08 0.71
N LYS A 55 -0.87 4.86 1.95
CA LYS A 55 -0.57 3.57 2.44
C LYS A 55 -1.34 3.36 3.72
N ILE A 56 -1.32 2.18 4.25
CA ILE A 56 -1.92 1.90 5.54
C ILE A 56 -0.97 0.95 6.23
N LYS A 57 -1.06 0.84 7.51
CA LYS A 57 -0.24 -0.06 8.27
C LYS A 57 -1.09 -0.78 9.28
N LEU A 58 -0.74 -1.99 9.55
CA LEU A 58 -1.36 -2.76 10.58
C LEU A 58 -0.44 -2.74 11.76
N ARG A 59 -0.78 -1.97 12.76
CA ARG A 59 0.10 -1.79 13.92
C ARG A 59 0.16 -3.06 14.74
N SER A 60 -0.86 -3.87 14.63
CA SER A 60 -0.97 -5.12 15.34
C SER A 60 -0.28 -6.26 14.56
N SER A 61 0.54 -5.91 13.57
CA SER A 61 1.15 -6.91 12.73
C SER A 61 2.52 -6.45 12.21
N GLY A 62 2.60 -5.21 11.73
CA GLY A 62 3.83 -4.69 11.22
C GLY A 62 3.77 -4.54 9.71
N TYR A 63 2.84 -5.28 9.12
CA TYR A 63 2.63 -5.26 7.68
C TYR A 63 2.04 -3.93 7.23
N ARG A 64 2.11 -3.67 5.95
CA ARG A 64 1.60 -2.45 5.39
C ARG A 64 0.97 -2.74 4.03
N LEU A 65 0.34 -1.76 3.47
CA LEU A 65 -0.29 -1.86 2.17
C LEU A 65 -0.12 -0.51 1.48
N VAL A 66 0.07 -0.50 0.20
CA VAL A 66 0.28 0.71 -0.58
C VAL A 66 -0.73 0.73 -1.71
N TYR A 67 -1.36 1.86 -1.96
CA TYR A 67 -2.36 1.97 -3.02
C TYR A 67 -2.42 3.39 -3.55
N GLN A 68 -2.81 3.55 -4.78
CA GLN A 68 -3.00 4.84 -5.37
C GLN A 68 -4.47 5.15 -5.38
N VAL A 69 -4.79 6.39 -5.26
CA VAL A 69 -6.15 6.83 -5.28
C VAL A 69 -6.43 7.40 -6.65
N ILE A 70 -7.07 6.64 -7.47
CA ILE A 70 -7.37 7.06 -8.79
C ILE A 70 -8.83 7.46 -8.81
N ASP A 71 -9.10 8.73 -8.83
CA ASP A 71 -10.49 9.17 -8.79
C ASP A 71 -11.10 9.21 -10.18
N GLU A 72 -10.26 9.24 -11.21
CA GLU A 72 -10.76 9.24 -12.57
C GLU A 72 -11.42 7.89 -12.92
N LYS A 73 -10.87 6.80 -12.39
CA LYS A 73 -11.46 5.48 -12.60
C LYS A 73 -12.30 5.11 -11.39
N VAL A 74 -12.11 5.88 -10.33
CA VAL A 74 -12.75 5.72 -9.02
C VAL A 74 -12.40 4.37 -8.47
N VAL A 75 -11.12 4.11 -8.34
CA VAL A 75 -10.66 2.82 -7.93
C VAL A 75 -9.56 2.95 -6.91
N VAL A 76 -9.48 1.98 -6.06
CA VAL A 76 -8.41 1.84 -5.13
C VAL A 76 -7.50 0.80 -5.71
N PHE A 77 -6.46 1.26 -6.33
CA PHE A 77 -5.53 0.40 -7.00
C PHE A 77 -4.36 0.11 -6.10
N VAL A 78 -4.40 -1.02 -5.49
CA VAL A 78 -3.37 -1.45 -4.59
C VAL A 78 -2.12 -1.85 -5.38
N ILE A 79 -1.05 -1.17 -5.08
CA ILE A 79 0.24 -1.34 -5.74
C ILE A 79 0.99 -2.51 -5.10
N SER A 80 0.99 -2.55 -3.78
CA SER A 80 1.74 -3.55 -3.06
C SER A 80 1.02 -3.92 -1.78
N VAL A 81 1.20 -5.15 -1.36
CA VAL A 81 0.59 -5.67 -0.15
C VAL A 81 1.66 -6.44 0.61
N GLY A 82 1.73 -6.27 1.90
CA GLY A 82 2.62 -7.08 2.67
C GLY A 82 3.70 -6.31 3.36
N LYS A 83 4.81 -6.92 3.57
CA LYS A 83 5.92 -6.27 4.19
C LYS A 83 6.93 -5.81 3.19
N ALA A 84 6.89 -4.55 2.91
CA ALA A 84 7.97 -3.92 2.22
C ALA A 84 9.09 -3.87 3.24
N GLU A 85 10.27 -4.29 2.87
CA GLU A 85 11.40 -4.41 3.80
C GLU A 85 11.65 -3.14 4.60
N ALA A 86 11.92 -3.32 5.87
CA ALA A 86 12.02 -2.22 6.82
C ALA A 86 12.99 -2.55 7.93
N SER A 87 12.87 -3.74 8.47
CA SER A 87 13.65 -4.18 9.62
C SER A 87 15.06 -4.62 9.18
N GLU A 88 15.24 -4.74 7.90
CA GLU A 88 16.50 -5.11 7.32
C GLU A 88 17.00 -4.07 6.32
N VAL A 89 16.09 -3.29 5.74
CA VAL A 89 16.41 -2.36 4.63
C VAL A 89 17.39 -1.25 5.04
N TYR A 90 17.56 -1.04 6.34
CA TYR A 90 18.46 0.00 6.81
C TYR A 90 19.93 -0.45 6.76
N SER A 91 20.18 -1.65 6.27
CA SER A 91 21.52 -2.08 6.04
C SER A 91 22.04 -1.26 4.86
N GLU A 92 21.20 -1.19 3.84
CA GLU A 92 21.39 -0.36 2.68
C GLU A 92 21.13 1.08 3.10
N ALA A 93 19.93 1.28 3.66
CA ALA A 93 19.47 2.55 4.22
C ALA A 93 19.42 3.68 3.21
N VAL A 94 19.29 4.87 3.72
CA VAL A 94 19.27 6.08 2.96
C VAL A 94 20.69 6.63 2.88
N LYS A 95 21.04 7.23 1.77
CA LYS A 95 22.41 7.70 1.60
C LYS A 95 22.49 9.19 1.23
N ARG A 96 21.36 9.83 1.03
CA ARG A 96 21.35 11.25 0.72
C ARG A 96 21.07 12.09 1.94
N ILE A 97 20.57 11.48 3.00
CA ILE A 97 20.30 12.23 4.20
C ILE A 97 21.59 12.53 4.94
N LEU A 98 22.02 13.78 4.81
CA LEU A 98 23.24 14.31 5.40
C LEU A 98 24.47 13.56 4.92
N LYS B 4 8.67 6.95 13.06
CA LYS B 4 10.00 7.42 13.48
C LYS B 4 9.80 8.59 14.47
N GLN B 5 9.61 9.78 13.95
CA GLN B 5 9.22 10.93 14.77
C GLN B 5 7.89 11.41 14.27
N THR B 6 7.80 11.46 12.99
CA THR B 6 6.63 11.65 12.30
C THR B 6 6.22 10.27 11.83
N LEU B 7 5.01 10.10 11.39
CA LEU B 7 4.56 8.82 10.96
C LEU B 7 5.25 8.42 9.68
N LEU B 8 5.38 9.38 8.79
CA LEU B 8 6.15 9.21 7.59
C LEU B 8 7.53 9.81 7.86
N SER B 9 8.57 9.20 7.34
CA SER B 9 9.93 9.61 7.61
C SER B 9 10.87 8.60 6.98
N ASP B 10 10.71 7.38 7.40
CA ASP B 10 11.53 6.28 6.94
C ASP B 10 10.68 5.31 6.15
N GLU B 11 9.48 5.09 6.63
CA GLU B 11 8.56 4.11 6.04
C GLU B 11 7.92 4.61 4.77
N ASP B 12 8.07 5.87 4.48
CA ASP B 12 7.50 6.39 3.26
C ASP B 12 8.53 6.32 2.15
N ALA B 13 9.77 6.62 2.50
CA ALA B 13 10.90 6.68 1.57
C ALA B 13 11.12 5.39 0.81
N GLU B 14 10.97 4.28 1.47
CA GLU B 14 11.20 3.00 0.85
C GLU B 14 10.04 2.66 -0.09
N LEU B 15 8.89 3.16 0.23
CA LEU B 15 7.70 2.87 -0.52
C LEU B 15 7.57 3.73 -1.76
N VAL B 16 8.22 4.91 -1.77
CA VAL B 16 8.14 5.82 -2.92
C VAL B 16 8.86 5.23 -4.14
N GLU B 17 9.86 4.43 -3.88
CA GLU B 17 10.62 3.83 -4.93
C GLU B 17 9.98 2.52 -5.39
N ILE B 18 9.32 1.83 -4.46
CA ILE B 18 8.62 0.60 -4.78
C ILE B 18 7.42 0.88 -5.70
N VAL B 19 6.66 1.91 -5.37
CA VAL B 19 5.48 2.26 -6.14
C VAL B 19 5.82 2.66 -7.58
N LYS B 20 6.82 3.56 -7.73
CA LYS B 20 7.22 4.07 -9.04
C LYS B 20 7.73 2.95 -9.94
N GLU B 21 8.32 1.93 -9.32
CA GLU B 21 8.80 0.79 -10.03
C GLU B 21 7.63 -0.02 -10.54
N ARG B 22 6.80 -0.48 -9.65
CA ARG B 22 5.69 -1.37 -9.99
C ARG B 22 4.65 -0.66 -10.85
N LEU B 23 4.67 0.65 -10.80
CA LEU B 23 3.72 1.46 -11.54
C LEU B 23 4.01 1.41 -13.05
N ARG B 24 5.24 1.04 -13.42
CA ARG B 24 5.65 1.00 -14.82
C ARG B 24 4.85 -0.05 -15.59
N ASN B 25 4.53 -1.15 -14.93
CA ASN B 25 3.82 -2.26 -15.57
C ASN B 25 3.28 -3.20 -14.49
N PRO B 26 2.13 -2.86 -13.90
CA PRO B 26 1.51 -3.66 -12.85
C PRO B 26 0.48 -4.69 -13.35
N LYS B 27 -0.44 -4.24 -14.23
CA LYS B 27 -1.60 -5.02 -14.69
C LYS B 27 -2.61 -5.22 -13.56
N PRO B 28 -3.53 -4.27 -13.38
CA PRO B 28 -4.54 -4.36 -12.33
C PRO B 28 -5.65 -5.34 -12.67
N VAL B 29 -5.91 -6.22 -11.76
CA VAL B 29 -6.97 -7.17 -11.86
C VAL B 29 -8.14 -6.58 -11.11
N ARG B 30 -9.26 -6.52 -11.78
CA ARG B 30 -10.46 -5.92 -11.24
C ARG B 30 -11.10 -6.85 -10.24
N VAL B 31 -11.21 -6.40 -9.01
CA VAL B 31 -11.75 -7.22 -7.95
C VAL B 31 -12.74 -6.45 -7.06
N THR B 32 -13.29 -7.20 -6.14
CA THR B 32 -14.20 -6.74 -5.14
C THR B 32 -13.72 -7.33 -3.81
N LEU B 33 -14.22 -6.83 -2.71
CA LEU B 33 -13.85 -7.38 -1.39
C LEU B 33 -14.61 -8.67 -1.19
N ASP B 34 -15.72 -8.76 -1.88
CA ASP B 34 -16.59 -9.91 -1.88
C ASP B 34 -15.84 -11.17 -2.34
N GLU B 35 -15.03 -11.01 -3.38
CA GLU B 35 -14.30 -12.13 -3.94
C GLU B 35 -12.94 -12.32 -3.29
N LEU B 36 -12.55 -11.41 -2.44
CA LEU B 36 -11.29 -11.57 -1.73
C LEU B 36 -11.47 -12.55 -0.61
N MET A 4 -19.88 -1.18 -1.89
CA MET A 4 -19.61 -0.82 -3.28
C MET A 4 -19.69 0.70 -3.47
N ALA A 5 -18.59 1.27 -3.93
CA ALA A 5 -18.51 2.69 -4.24
C ALA A 5 -17.37 2.87 -5.20
N TYR A 6 -16.17 2.77 -4.68
CA TYR A 6 -14.99 2.73 -5.51
C TYR A 6 -14.81 1.31 -5.96
N PHE A 7 -14.19 1.14 -7.10
CA PHE A 7 -13.85 -0.18 -7.54
C PHE A 7 -12.57 -0.57 -6.84
N LEU A 8 -12.26 -1.84 -6.81
CA LEU A 8 -11.07 -2.29 -6.18
C LEU A 8 -10.21 -2.95 -7.21
N ASP A 9 -8.92 -2.79 -7.10
CA ASP A 9 -8.04 -3.37 -8.08
C ASP A 9 -6.76 -3.81 -7.40
N PHE A 10 -6.15 -4.83 -7.91
CA PHE A 10 -4.90 -5.36 -7.37
C PHE A 10 -3.91 -5.68 -8.47
N ASP A 11 -2.68 -5.33 -8.22
CA ASP A 11 -1.56 -5.65 -9.10
C ASP A 11 -1.31 -7.16 -9.16
N GLU A 12 -0.80 -7.64 -10.29
CA GLU A 12 -0.44 -9.05 -10.52
C GLU A 12 0.36 -9.65 -9.37
N ARG A 13 1.29 -8.90 -8.83
CA ARG A 13 2.09 -9.40 -7.74
C ARG A 13 1.33 -9.29 -6.45
N ALA A 14 0.58 -8.19 -6.30
CA ALA A 14 -0.20 -7.92 -5.08
C ALA A 14 -1.21 -9.05 -4.77
N LEU A 15 -1.70 -9.68 -5.83
CA LEU A 15 -2.58 -10.84 -5.74
C LEU A 15 -1.88 -11.96 -4.96
N LYS A 16 -0.68 -12.22 -5.37
CA LYS A 16 0.11 -13.31 -4.83
C LYS A 16 0.54 -12.96 -3.42
N GLU A 17 0.74 -11.68 -3.19
CA GLU A 17 1.19 -11.13 -1.94
C GLU A 17 0.26 -11.47 -0.78
N TRP A 18 -1.05 -11.31 -0.95
CA TRP A 18 -1.94 -11.60 0.17
C TRP A 18 -2.00 -13.09 0.40
N ARG A 19 -1.79 -13.83 -0.67
CA ARG A 19 -1.85 -15.28 -0.61
C ARG A 19 -0.65 -15.88 0.13
N LYS A 20 0.50 -15.24 -0.01
CA LYS A 20 1.74 -15.73 0.61
C LYS A 20 1.96 -15.20 2.02
N LEU A 21 1.11 -14.30 2.48
CA LEU A 21 1.29 -13.76 3.82
C LEU A 21 0.40 -14.41 4.87
N GLY A 22 -0.79 -14.82 4.49
CA GLY A 22 -1.65 -15.46 5.44
C GLY A 22 -3.08 -14.97 5.37
N SER A 23 -3.91 -15.38 6.30
CA SER A 23 -5.31 -15.01 6.30
C SER A 23 -5.60 -13.79 7.18
N THR A 24 -5.25 -13.87 8.47
CA THR A 24 -5.57 -12.83 9.45
C THR A 24 -5.09 -11.43 9.01
N VAL A 25 -3.92 -11.37 8.43
CA VAL A 25 -3.39 -10.11 7.94
C VAL A 25 -4.26 -9.53 6.82
N ARG A 26 -4.67 -10.37 5.88
CA ARG A 26 -5.43 -9.88 4.75
C ARG A 26 -6.86 -9.50 5.14
N GLU A 27 -7.38 -10.15 6.17
CA GLU A 27 -8.70 -9.83 6.66
C GLU A 27 -8.70 -8.46 7.34
N GLN A 28 -7.59 -8.13 8.01
CA GLN A 28 -7.41 -6.82 8.62
C GLN A 28 -7.34 -5.76 7.54
N LEU A 29 -6.63 -6.08 6.47
CA LEU A 29 -6.49 -5.18 5.35
C LEU A 29 -7.84 -4.88 4.71
N LYS A 30 -8.71 -5.89 4.67
CA LYS A 30 -10.06 -5.72 4.12
C LYS A 30 -10.90 -4.75 4.96
N LYS A 31 -10.59 -4.62 6.25
CA LYS A 31 -11.28 -3.67 7.12
C LYS A 31 -10.95 -2.25 6.69
N LYS A 32 -9.72 -2.04 6.37
CA LYS A 32 -9.25 -0.74 5.99
C LYS A 32 -9.70 -0.42 4.57
N LEU A 33 -9.82 -1.43 3.76
CA LEU A 33 -10.26 -1.26 2.40
C LEU A 33 -11.77 -0.97 2.33
N VAL A 34 -12.54 -1.53 3.25
CA VAL A 34 -13.98 -1.29 3.22
C VAL A 34 -14.31 0.16 3.62
N GLU A 35 -13.45 0.78 4.45
CA GLU A 35 -13.67 2.15 4.83
C GLU A 35 -13.05 3.05 3.78
N VAL A 36 -12.06 2.52 3.08
CA VAL A 36 -11.33 3.26 2.10
C VAL A 36 -12.21 3.52 0.88
N LEU A 37 -13.09 2.57 0.56
CA LEU A 37 -13.98 2.71 -0.58
C LEU A 37 -15.03 3.78 -0.29
N GLU A 38 -15.16 4.15 0.96
CA GLU A 38 -16.03 5.21 1.35
C GLU A 38 -15.24 6.51 1.38
N SER A 39 -14.07 6.45 1.96
CA SER A 39 -13.25 7.62 2.16
C SER A 39 -11.77 7.22 2.18
N PRO A 40 -11.07 7.35 1.05
CA PRO A 40 -9.66 6.99 0.95
C PRO A 40 -8.73 8.15 1.34
N ARG A 41 -9.31 9.27 1.72
CA ARG A 41 -8.53 10.43 2.08
C ARG A 41 -8.08 10.34 3.53
N ILE A 42 -6.92 9.81 3.74
CA ILE A 42 -6.36 9.69 5.07
C ILE A 42 -4.99 10.35 5.06
N GLU A 43 -4.92 11.63 5.44
CA GLU A 43 -3.65 12.36 5.39
C GLU A 43 -2.62 11.76 6.35
N ALA A 44 -3.11 11.08 7.35
CA ALA A 44 -2.26 10.45 8.34
C ALA A 44 -1.61 9.19 7.77
N ASN A 45 -2.13 8.71 6.66
CA ASN A 45 -1.60 7.49 6.05
C ASN A 45 -1.04 7.80 4.68
N LYS A 46 -0.95 9.07 4.31
CA LYS A 46 -0.47 9.43 2.98
C LYS A 46 1.01 9.15 2.87
N LEU A 47 1.46 8.87 1.68
CA LEU A 47 2.83 8.52 1.41
C LEU A 47 3.63 9.82 1.22
N ARG A 48 4.91 9.79 1.52
CA ARG A 48 5.72 11.00 1.57
C ARG A 48 6.02 11.55 0.18
N GLY A 49 6.69 10.78 -0.64
CA GLY A 49 7.05 11.25 -1.96
C GLY A 49 6.01 10.92 -3.00
N MET A 50 4.85 10.49 -2.57
CA MET A 50 3.78 10.10 -3.47
C MET A 50 2.42 10.52 -2.93
N PRO A 51 1.92 11.68 -3.36
CA PRO A 51 0.58 12.12 -3.01
C PRO A 51 -0.47 11.24 -3.70
N ASP A 52 -1.64 11.11 -3.09
CA ASP A 52 -2.76 10.27 -3.60
C ASP A 52 -2.45 8.79 -3.49
N CYS A 53 -1.36 8.51 -2.85
CA CYS A 53 -0.94 7.19 -2.55
C CYS A 53 -0.88 7.12 -1.05
N TYR A 54 -1.39 6.06 -0.49
CA TYR A 54 -1.45 5.93 0.93
C TYR A 54 -1.00 4.55 1.29
N LYS A 55 -0.78 4.30 2.55
CA LYS A 55 -0.40 2.99 2.97
C LYS A 55 -1.16 2.63 4.23
N ILE A 56 -1.71 1.48 4.22
CA ILE A 56 -2.34 0.93 5.37
C ILE A 56 -1.29 0.12 6.08
N LYS A 57 -0.77 0.62 7.15
CA LYS A 57 0.24 -0.09 7.86
C LYS A 57 -0.27 -0.62 9.18
N LEU A 58 -0.28 -1.93 9.28
CA LEU A 58 -0.72 -2.62 10.46
C LEU A 58 0.30 -2.41 11.55
N ARG A 59 -0.13 -1.70 12.57
CA ARG A 59 0.69 -1.19 13.65
C ARG A 59 1.54 -2.26 14.32
N SER A 60 0.92 -3.34 14.70
CA SER A 60 1.61 -4.37 15.45
C SER A 60 2.19 -5.45 14.52
N SER A 61 1.51 -5.70 13.43
CA SER A 61 1.91 -6.75 12.51
C SER A 61 3.11 -6.32 11.62
N GLY A 62 3.20 -5.02 11.34
CA GLY A 62 4.32 -4.51 10.55
C GLY A 62 4.10 -4.68 9.06
N TYR A 63 2.89 -5.06 8.69
CA TYR A 63 2.54 -5.23 7.29
C TYR A 63 2.04 -3.93 6.75
N ARG A 64 1.93 -3.83 5.46
CA ARG A 64 1.46 -2.64 4.83
C ARG A 64 0.89 -2.93 3.48
N LEU A 65 0.00 -2.08 3.08
CA LEU A 65 -0.65 -2.16 1.81
C LEU A 65 -0.55 -0.79 1.17
N VAL A 66 0.21 -0.70 0.12
CA VAL A 66 0.44 0.55 -0.57
C VAL A 66 -0.54 0.60 -1.72
N TYR A 67 -1.29 1.65 -1.81
CA TYR A 67 -2.28 1.77 -2.86
C TYR A 67 -2.33 3.19 -3.35
N GLN A 68 -2.88 3.38 -4.50
CA GLN A 68 -3.09 4.68 -5.04
C GLN A 68 -4.56 4.89 -5.29
N VAL A 69 -5.01 6.05 -4.98
CA VAL A 69 -6.38 6.41 -5.16
C VAL A 69 -6.52 7.05 -6.52
N ILE A 70 -7.07 6.33 -7.45
CA ILE A 70 -7.28 6.84 -8.76
C ILE A 70 -8.67 7.43 -8.81
N ASP A 71 -8.74 8.73 -8.79
CA ASP A 71 -10.01 9.45 -8.80
C ASP A 71 -10.66 9.42 -10.17
N GLU A 72 -9.85 9.53 -11.21
CA GLU A 72 -10.33 9.57 -12.59
C GLU A 72 -10.96 8.23 -13.04
N LYS A 73 -10.58 7.15 -12.38
CA LYS A 73 -11.12 5.84 -12.71
C LYS A 73 -11.99 5.31 -11.60
N VAL A 74 -11.97 6.03 -10.48
CA VAL A 74 -12.69 5.67 -9.25
C VAL A 74 -12.29 4.25 -8.80
N VAL A 75 -11.03 4.07 -8.50
CA VAL A 75 -10.56 2.76 -8.14
C VAL A 75 -9.38 2.84 -7.18
N VAL A 76 -9.38 1.96 -6.21
CA VAL A 76 -8.32 1.82 -5.27
C VAL A 76 -7.40 0.74 -5.82
N PHE A 77 -6.31 1.16 -6.38
CA PHE A 77 -5.39 0.26 -7.00
C PHE A 77 -4.24 -0.07 -6.06
N VAL A 78 -4.27 -1.27 -5.56
CA VAL A 78 -3.28 -1.76 -4.65
C VAL A 78 -2.05 -2.26 -5.40
N ILE A 79 -0.94 -1.67 -5.10
CA ILE A 79 0.31 -1.92 -5.76
C ILE A 79 1.11 -3.01 -5.03
N SER A 80 1.26 -2.86 -3.73
CA SER A 80 2.09 -3.77 -2.96
C SER A 80 1.42 -4.15 -1.65
N VAL A 81 1.65 -5.35 -1.18
CA VAL A 81 1.08 -5.86 0.05
C VAL A 81 2.15 -6.73 0.73
N GLY A 82 2.42 -6.48 1.98
CA GLY A 82 3.33 -7.33 2.72
C GLY A 82 4.21 -6.50 3.61
N LYS A 83 5.27 -7.09 4.11
CA LYS A 83 6.20 -6.32 4.91
C LYS A 83 7.34 -5.90 4.04
N ALA A 84 7.27 -4.69 3.56
CA ALA A 84 8.32 -4.18 2.74
C ALA A 84 9.20 -3.29 3.53
N GLU A 85 10.02 -3.91 4.33
CA GLU A 85 11.00 -3.26 5.17
C GLU A 85 10.41 -2.30 6.22
N ALA A 86 10.31 -2.80 7.42
CA ALA A 86 9.90 -2.02 8.55
C ALA A 86 10.71 -2.44 9.76
N SER A 87 11.84 -3.06 9.49
CA SER A 87 12.64 -3.68 10.51
C SER A 87 13.86 -2.81 10.87
N GLU A 88 14.39 -2.06 9.92
CA GLU A 88 15.56 -1.23 10.22
C GLU A 88 15.35 0.22 9.83
N VAL A 89 14.13 0.54 9.40
CA VAL A 89 13.79 1.90 8.95
C VAL A 89 14.07 2.97 10.03
N TYR A 90 13.85 2.60 11.28
CA TYR A 90 14.05 3.53 12.41
C TYR A 90 15.52 3.92 12.62
N SER A 91 16.42 3.31 11.88
CA SER A 91 17.80 3.67 11.95
C SER A 91 18.03 4.91 11.05
N GLU A 92 17.28 5.01 9.96
CA GLU A 92 17.37 6.17 9.09
C GLU A 92 16.57 7.31 9.62
N ALA A 93 15.52 7.00 10.35
CA ALA A 93 14.76 8.00 11.06
C ALA A 93 15.60 8.41 12.26
N VAL A 94 16.52 9.31 12.00
CA VAL A 94 17.50 9.68 12.95
C VAL A 94 17.02 10.55 14.07
N LYS A 95 17.23 10.03 15.24
CA LYS A 95 17.04 10.74 16.47
C LYS A 95 18.37 10.71 17.22
N ARG A 96 19.33 9.96 16.67
CA ARG A 96 20.67 9.83 17.23
C ARG A 96 21.38 11.15 17.02
N ILE A 97 21.21 11.69 15.85
CA ILE A 97 21.68 13.00 15.52
C ILE A 97 20.46 13.79 15.12
N LEU A 98 20.52 15.08 15.20
CA LEU A 98 19.39 15.89 14.89
C LEU A 98 19.73 16.84 13.78
N LYS B 4 10.88 15.06 11.70
CA LYS B 4 9.78 15.80 12.29
C LYS B 4 8.71 14.83 12.72
N GLN B 5 7.87 15.24 13.66
CA GLN B 5 6.77 14.42 14.10
C GLN B 5 5.60 14.49 13.11
N THR B 6 5.83 13.87 12.00
CA THR B 6 4.89 13.81 10.94
C THR B 6 4.38 12.39 10.85
N LEU B 7 3.15 12.23 10.42
CA LEU B 7 2.59 10.92 10.26
C LEU B 7 2.97 10.30 8.91
N LEU B 8 4.27 10.21 8.76
CA LEU B 8 4.98 9.65 7.65
C LEU B 8 6.41 9.55 8.13
N SER B 9 7.17 8.65 7.60
CA SER B 9 8.50 8.42 8.10
C SER B 9 9.38 7.96 6.94
N ASP B 10 10.51 7.40 7.24
CA ASP B 10 11.41 6.91 6.23
C ASP B 10 11.00 5.55 5.76
N GLU B 11 9.92 5.02 6.33
CA GLU B 11 9.34 3.80 5.82
C GLU B 11 8.70 4.13 4.49
N ASP B 12 8.24 5.37 4.39
CA ASP B 12 7.67 5.94 3.18
C ASP B 12 8.71 5.95 2.10
N ALA B 13 9.96 6.11 2.50
CA ALA B 13 11.07 6.14 1.57
C ALA B 13 11.23 4.81 0.84
N GLU B 14 10.87 3.74 1.52
CA GLU B 14 10.93 2.42 0.94
C GLU B 14 9.80 2.25 -0.05
N LEU B 15 8.65 2.66 0.39
CA LEU B 15 7.42 2.51 -0.33
C LEU B 15 7.36 3.28 -1.63
N VAL B 16 7.92 4.49 -1.66
CA VAL B 16 7.86 5.33 -2.86
C VAL B 16 8.65 4.72 -4.02
N GLU B 17 9.71 4.00 -3.71
CA GLU B 17 10.52 3.40 -4.75
C GLU B 17 9.97 2.05 -5.20
N ILE B 18 9.19 1.43 -4.35
CA ILE B 18 8.59 0.14 -4.70
C ILE B 18 7.34 0.36 -5.57
N VAL B 19 6.55 1.35 -5.19
CA VAL B 19 5.33 1.67 -5.93
C VAL B 19 5.64 2.06 -7.37
N LYS B 20 6.59 2.99 -7.53
CA LYS B 20 6.98 3.50 -8.85
C LYS B 20 7.56 2.38 -9.72
N GLU B 21 8.10 1.38 -9.07
CA GLU B 21 8.68 0.24 -9.74
C GLU B 21 7.59 -0.58 -10.38
N ARG B 22 6.64 -1.05 -9.58
CA ARG B 22 5.55 -1.85 -10.11
C ARG B 22 4.66 -1.01 -10.99
N LEU B 23 4.69 0.29 -10.77
CA LEU B 23 3.84 1.22 -11.49
C LEU B 23 4.37 1.50 -12.90
N ARG B 24 5.54 0.97 -13.24
CA ARG B 24 6.12 1.18 -14.57
C ARG B 24 5.33 0.40 -15.62
N ASN B 25 4.73 -0.69 -15.15
CA ASN B 25 3.97 -1.61 -15.94
C ASN B 25 3.48 -2.69 -14.97
N PRO B 26 2.30 -2.48 -14.35
CA PRO B 26 1.79 -3.37 -13.31
C PRO B 26 0.95 -4.56 -13.80
N LYS B 27 -0.13 -4.25 -14.53
CA LYS B 27 -1.20 -5.20 -14.90
C LYS B 27 -2.14 -5.44 -13.72
N PRO B 28 -3.15 -4.59 -13.59
CA PRO B 28 -4.14 -4.69 -12.54
C PRO B 28 -5.35 -5.60 -12.91
N VAL B 29 -6.00 -6.13 -11.90
CA VAL B 29 -7.15 -7.00 -12.03
C VAL B 29 -8.29 -6.46 -11.15
N ARG B 30 -9.41 -6.09 -11.76
CA ARG B 30 -10.58 -5.59 -11.04
C ARG B 30 -11.10 -6.64 -10.07
N VAL B 31 -11.21 -6.27 -8.84
CA VAL B 31 -11.71 -7.16 -7.81
C VAL B 31 -12.63 -6.40 -6.86
N THR B 32 -13.19 -7.13 -5.95
CA THR B 32 -14.04 -6.61 -4.92
C THR B 32 -13.59 -7.23 -3.61
N LEU B 33 -13.99 -6.67 -2.49
CA LEU B 33 -13.62 -7.21 -1.19
C LEU B 33 -14.34 -8.51 -0.95
N ASP B 34 -15.53 -8.57 -1.49
CA ASP B 34 -16.39 -9.73 -1.40
C ASP B 34 -15.73 -10.99 -1.98
N GLU B 35 -14.85 -10.82 -2.94
CA GLU B 35 -14.19 -11.95 -3.57
C GLU B 35 -12.74 -12.12 -3.09
N LEU B 36 -12.30 -11.27 -2.18
CA LEU B 36 -10.95 -11.41 -1.64
C LEU B 36 -10.94 -12.42 -0.51
#